data_5VL8
# 
_entry.id   5VL8 
# 
_audit_conform.dict_name       mmcif_pdbx.dic 
_audit_conform.dict_version    5.379 
_audit_conform.dict_location   http://mmcif.pdb.org/dictionaries/ascii/mmcif_pdbx.dic 
# 
loop_
_database_2.database_id 
_database_2.database_code 
_database_2.pdbx_database_accession 
_database_2.pdbx_DOI 
PDB   5VL8         pdb_00005vl8 10.2210/pdb5vl8/pdb 
WWPDB D_1000227608 ?            ?                   
# 
loop_
_pdbx_database_related.db_name 
_pdbx_database_related.details 
_pdbx_database_related.db_id 
_pdbx_database_related.content_type 
PDB . 5VKX unspecified 
PDB . 5VL5 unspecified 
# 
_pdbx_database_status.status_code                     REL 
_pdbx_database_status.status_code_sf                  REL 
_pdbx_database_status.status_code_mr                  ? 
_pdbx_database_status.entry_id                        5VL8 
_pdbx_database_status.recvd_initial_deposition_date   2017-04-25 
_pdbx_database_status.SG_entry                        N 
_pdbx_database_status.deposit_site                    RCSB 
_pdbx_database_status.process_site                    RCSB 
_pdbx_database_status.status_code_cs                  ? 
_pdbx_database_status.methods_development_category    ? 
_pdbx_database_status.pdb_format_compatible           Y 
_pdbx_database_status.status_code_nmr_data            ? 
# 
loop_
_audit_author.name 
_audit_author.pdbx_ordinal 
_audit_author.identifier_ORCID 
'Mann, S.I.'    1 ? 
'Heinisch, T.'  2 ? 
'Ward, T.R.'    3 ? 
'Borovik, A.S.' 4 ? 
# 
_citation.abstract                  ? 
_citation.abstract_id_CAS           ? 
_citation.book_id_ISBN              ? 
_citation.book_publisher            ? 
_citation.book_publisher_city       ? 
_citation.book_title                ? 
_citation.coordinate_linkage        ? 
_citation.country                   UK 
_citation.database_id_Medline       ? 
_citation.details                   ? 
_citation.id                        primary 
_citation.journal_abbrev            'Chem. Commun. (Camb.)' 
_citation.journal_id_ASTM           ? 
_citation.journal_id_CSD            ? 
_citation.journal_id_ISSN           1364-548X 
_citation.journal_full              ? 
_citation.journal_issue             ? 
_citation.journal_volume            54 
_citation.language                  ? 
_citation.page_first                4413 
_citation.page_last                 4416 
_citation.title                     
'Coordination chemistry within a protein host: regulation of the secondary coordination sphere.' 
_citation.year                      2018 
_citation.database_id_CSD           ? 
_citation.pdbx_database_id_DOI      10.1039/c8cc01931b 
_citation.pdbx_database_id_PubMed   29645031 
_citation.unpublished_flag          ? 
# 
loop_
_citation_author.citation_id 
_citation_author.name 
_citation_author.ordinal 
_citation_author.identifier_ORCID 
primary 'Mann, S.I.'    1 ? 
primary 'Heinisch, T.'  2 ? 
primary 'Ward, T.R.'    3 ? 
primary 'Borovik, A.S.' 4 ? 
# 
_cell.angle_alpha                  90.00 
_cell.angle_alpha_esd              ? 
_cell.angle_beta                   90.00 
_cell.angle_beta_esd               ? 
_cell.angle_gamma                  90.00 
_cell.angle_gamma_esd              ? 
_cell.entry_id                     5VL8 
_cell.details                      ? 
_cell.formula_units_Z              ? 
_cell.length_a                     57.580 
_cell.length_a_esd                 ? 
_cell.length_b                     57.580 
_cell.length_b_esd                 ? 
_cell.length_c                     183.570 
_cell.length_c_esd                 ? 
_cell.volume                       ? 
_cell.volume_esd                   ? 
_cell.Z_PDB                        16 
_cell.reciprocal_angle_alpha       ? 
_cell.reciprocal_angle_beta        ? 
_cell.reciprocal_angle_gamma       ? 
_cell.reciprocal_angle_alpha_esd   ? 
_cell.reciprocal_angle_beta_esd    ? 
_cell.reciprocal_angle_gamma_esd   ? 
_cell.reciprocal_length_a          ? 
_cell.reciprocal_length_b          ? 
_cell.reciprocal_length_c          ? 
_cell.reciprocal_length_a_esd      ? 
_cell.reciprocal_length_b_esd      ? 
_cell.reciprocal_length_c_esd      ? 
_cell.pdbx_unique_axis             ? 
# 
_symmetry.entry_id                         5VL8 
_symmetry.cell_setting                     ? 
_symmetry.Int_Tables_number                98 
_symmetry.space_group_name_Hall            ? 
_symmetry.space_group_name_H-M             'I 41 2 2' 
_symmetry.pdbx_full_space_group_name_H-M   ? 
# 
loop_
_entity.id 
_entity.type 
_entity.src_method 
_entity.pdbx_description 
_entity.formula_weight 
_entity.pdbx_number_of_molecules 
_entity.pdbx_ec 
_entity.pdbx_mutation 
_entity.pdbx_fragment 
_entity.details 
1 polymer     man Streptavidin 16570.018 1  ? ? ? ? 
2 non-polymer syn 
;[N-(3-{bis[2-(pyridin-2-yl-kappaN)ethyl]amino-kappaN}propyl)-5-(2-oxohexahydro-1H-thieno[3,4-d]imidazol-4-yl)pentanamide](hydroxy)copper
;
590.240   1  ? ? ? ? 
3 non-polymer syn 'COPPER (II) ION' 63.546    1  ? ? ? ? 
4 non-polymer syn GLYCEROL 92.094    1  ? ? ? ? 
5 water       nat water 18.015    93 ? ? ? ? 
# 
_entity_poly.entity_id                      1 
_entity_poly.type                           'polypeptide(L)' 
_entity_poly.nstd_linkage                   no 
_entity_poly.nstd_monomer                   no 
_entity_poly.pdbx_seq_one_letter_code       
;MASMTGGQQMGRDEAGITGTWYNQLGSTFIVTAGADGALTGTYESAVGNAESRYVLTGRYDSAPATDGSGTALGWTVAWK
NNYRNAHSATTWSGQYVGGAEARINTQWLLTSGTTEANAWKSTLVGHDTFTKVKPSAASIDAAKKAGVNNGNPLDAVQQ
;
_entity_poly.pdbx_seq_one_letter_code_can   
;MASMTGGQQMGRDEAGITGTWYNQLGSTFIVTAGADGALTGTYESAVGNAESRYVLTGRYDSAPATDGSGTALGWTVAWK
NNYRNAHSATTWSGQYVGGAEARINTQWLLTSGTTEANAWKSTLVGHDTFTKVKPSAASIDAAKKAGVNNGNPLDAVQQ
;
_entity_poly.pdbx_strand_id                 A 
_entity_poly.pdbx_target_identifier         ? 
# 
loop_
_entity_poly_seq.entity_id 
_entity_poly_seq.num 
_entity_poly_seq.mon_id 
_entity_poly_seq.hetero 
1 1   MET n 
1 2   ALA n 
1 3   SER n 
1 4   MET n 
1 5   THR n 
1 6   GLY n 
1 7   GLY n 
1 8   GLN n 
1 9   GLN n 
1 10  MET n 
1 11  GLY n 
1 12  ARG n 
1 13  ASP n 
1 14  GLU n 
1 15  ALA n 
1 16  GLY n 
1 17  ILE n 
1 18  THR n 
1 19  GLY n 
1 20  THR n 
1 21  TRP n 
1 22  TYR n 
1 23  ASN n 
1 24  GLN n 
1 25  LEU n 
1 26  GLY n 
1 27  SER n 
1 28  THR n 
1 29  PHE n 
1 30  ILE n 
1 31  VAL n 
1 32  THR n 
1 33  ALA n 
1 34  GLY n 
1 35  ALA n 
1 36  ASP n 
1 37  GLY n 
1 38  ALA n 
1 39  LEU n 
1 40  THR n 
1 41  GLY n 
1 42  THR n 
1 43  TYR n 
1 44  GLU n 
1 45  SER n 
1 46  ALA n 
1 47  VAL n 
1 48  GLY n 
1 49  ASN n 
1 50  ALA n 
1 51  GLU n 
1 52  SER n 
1 53  ARG n 
1 54  TYR n 
1 55  VAL n 
1 56  LEU n 
1 57  THR n 
1 58  GLY n 
1 59  ARG n 
1 60  TYR n 
1 61  ASP n 
1 62  SER n 
1 63  ALA n 
1 64  PRO n 
1 65  ALA n 
1 66  THR n 
1 67  ASP n 
1 68  GLY n 
1 69  SER n 
1 70  GLY n 
1 71  THR n 
1 72  ALA n 
1 73  LEU n 
1 74  GLY n 
1 75  TRP n 
1 76  THR n 
1 77  VAL n 
1 78  ALA n 
1 79  TRP n 
1 80  LYS n 
1 81  ASN n 
1 82  ASN n 
1 83  TYR n 
1 84  ARG n 
1 85  ASN n 
1 86  ALA n 
1 87  HIS n 
1 88  SER n 
1 89  ALA n 
1 90  THR n 
1 91  THR n 
1 92  TRP n 
1 93  SER n 
1 94  GLY n 
1 95  GLN n 
1 96  TYR n 
1 97  VAL n 
1 98  GLY n 
1 99  GLY n 
1 100 ALA n 
1 101 GLU n 
1 102 ALA n 
1 103 ARG n 
1 104 ILE n 
1 105 ASN n 
1 106 THR n 
1 107 GLN n 
1 108 TRP n 
1 109 LEU n 
1 110 LEU n 
1 111 THR n 
1 112 SER n 
1 113 GLY n 
1 114 THR n 
1 115 THR n 
1 116 GLU n 
1 117 ALA n 
1 118 ASN n 
1 119 ALA n 
1 120 TRP n 
1 121 LYS n 
1 122 SER n 
1 123 THR n 
1 124 LEU n 
1 125 VAL n 
1 126 GLY n 
1 127 HIS n 
1 128 ASP n 
1 129 THR n 
1 130 PHE n 
1 131 THR n 
1 132 LYS n 
1 133 VAL n 
1 134 LYS n 
1 135 PRO n 
1 136 SER n 
1 137 ALA n 
1 138 ALA n 
1 139 SER n 
1 140 ILE n 
1 141 ASP n 
1 142 ALA n 
1 143 ALA n 
1 144 LYS n 
1 145 LYS n 
1 146 ALA n 
1 147 GLY n 
1 148 VAL n 
1 149 ASN n 
1 150 ASN n 
1 151 GLY n 
1 152 ASN n 
1 153 PRO n 
1 154 LEU n 
1 155 ASP n 
1 156 ALA n 
1 157 VAL n 
1 158 GLN n 
1 159 GLN n 
# 
_entity_src_gen.entity_id                          1 
_entity_src_gen.pdbx_src_id                        1 
_entity_src_gen.pdbx_alt_source_flag               sample 
_entity_src_gen.pdbx_seq_type                      'Biological sequence' 
_entity_src_gen.pdbx_beg_seq_num                   1 
_entity_src_gen.pdbx_end_seq_num                   159 
_entity_src_gen.gene_src_common_name               ? 
_entity_src_gen.gene_src_genus                     ? 
_entity_src_gen.pdbx_gene_src_gene                 ? 
_entity_src_gen.gene_src_species                   ? 
_entity_src_gen.gene_src_strain                    ? 
_entity_src_gen.gene_src_tissue                    ? 
_entity_src_gen.gene_src_tissue_fraction           ? 
_entity_src_gen.gene_src_details                   ? 
_entity_src_gen.pdbx_gene_src_fragment             ? 
_entity_src_gen.pdbx_gene_src_scientific_name      'Streptomyces avidinii' 
_entity_src_gen.pdbx_gene_src_ncbi_taxonomy_id     1895 
_entity_src_gen.pdbx_gene_src_variant              ? 
_entity_src_gen.pdbx_gene_src_cell_line            ? 
_entity_src_gen.pdbx_gene_src_atcc                 ? 
_entity_src_gen.pdbx_gene_src_organ                ? 
_entity_src_gen.pdbx_gene_src_organelle            ? 
_entity_src_gen.pdbx_gene_src_cell                 ? 
_entity_src_gen.pdbx_gene_src_cellular_location    ? 
_entity_src_gen.host_org_common_name               ? 
_entity_src_gen.pdbx_host_org_scientific_name      'Escherichia coli' 
_entity_src_gen.pdbx_host_org_ncbi_taxonomy_id     562 
_entity_src_gen.host_org_genus                     ? 
_entity_src_gen.pdbx_host_org_gene                 ? 
_entity_src_gen.pdbx_host_org_organ                ? 
_entity_src_gen.host_org_species                   ? 
_entity_src_gen.pdbx_host_org_tissue               ? 
_entity_src_gen.pdbx_host_org_tissue_fraction      ? 
_entity_src_gen.pdbx_host_org_strain               ? 
_entity_src_gen.pdbx_host_org_variant              ? 
_entity_src_gen.pdbx_host_org_cell_line            ? 
_entity_src_gen.pdbx_host_org_atcc                 ? 
_entity_src_gen.pdbx_host_org_culture_collection   ? 
_entity_src_gen.pdbx_host_org_cell                 ? 
_entity_src_gen.pdbx_host_org_organelle            ? 
_entity_src_gen.pdbx_host_org_cellular_location    ? 
_entity_src_gen.pdbx_host_org_vector_type          ? 
_entity_src_gen.pdbx_host_org_vector               ? 
_entity_src_gen.host_org_details                   ? 
_entity_src_gen.expression_system_id               ? 
_entity_src_gen.plasmid_name                       ? 
_entity_src_gen.plasmid_details                    ? 
_entity_src_gen.pdbx_description                   ? 
# 
_struct_ref.id                         1 
_struct_ref.db_name                    UNP 
_struct_ref.db_code                    SAV_STRAV 
_struct_ref.pdbx_db_accession          P22629 
_struct_ref.pdbx_db_isoform            ? 
_struct_ref.entity_id                  1 
_struct_ref.pdbx_seq_one_letter_code   
;EAGITGTWYNQLGSTFIVTAGADGALTGTYESAVGNAESRYVLTGRYDSAPATDGSGTALGWTVAWKNNYRNAHSATTWS
GQYVGGAEARINTQWLLTSGTTEANAWKSTLVGHDTFTKVKPSAASIDAAKKAGVNNGNPLDAVQQ
;
_struct_ref.pdbx_align_begin           38 
# 
_struct_ref_seq.align_id                      1 
_struct_ref_seq.ref_id                        1 
_struct_ref_seq.pdbx_PDB_id_code              5VL8 
_struct_ref_seq.pdbx_strand_id                A 
_struct_ref_seq.seq_align_beg                 14 
_struct_ref_seq.pdbx_seq_align_beg_ins_code   ? 
_struct_ref_seq.seq_align_end                 159 
_struct_ref_seq.pdbx_seq_align_end_ins_code   ? 
_struct_ref_seq.pdbx_db_accession             P22629 
_struct_ref_seq.db_align_beg                  38 
_struct_ref_seq.pdbx_db_align_beg_ins_code    ? 
_struct_ref_seq.db_align_end                  183 
_struct_ref_seq.pdbx_db_align_end_ins_code    ? 
_struct_ref_seq.pdbx_auth_seq_align_beg       14 
_struct_ref_seq.pdbx_auth_seq_align_end       159 
# 
loop_
_struct_ref_seq_dif.align_id 
_struct_ref_seq_dif.pdbx_pdb_id_code 
_struct_ref_seq_dif.mon_id 
_struct_ref_seq_dif.pdbx_pdb_strand_id 
_struct_ref_seq_dif.seq_num 
_struct_ref_seq_dif.pdbx_pdb_ins_code 
_struct_ref_seq_dif.pdbx_seq_db_name 
_struct_ref_seq_dif.pdbx_seq_db_accession_code 
_struct_ref_seq_dif.db_mon_id 
_struct_ref_seq_dif.pdbx_seq_db_seq_num 
_struct_ref_seq_dif.details 
_struct_ref_seq_dif.pdbx_auth_seq_num 
_struct_ref_seq_dif.pdbx_ordinal 
1 5VL8 MET A 1  ? UNP P22629 ? ? 'expression tag' 1  1  
1 5VL8 ALA A 2  ? UNP P22629 ? ? 'expression tag' 2  2  
1 5VL8 SER A 3  ? UNP P22629 ? ? 'expression tag' 3  3  
1 5VL8 MET A 4  ? UNP P22629 ? ? 'expression tag' 4  4  
1 5VL8 THR A 5  ? UNP P22629 ? ? 'expression tag' 5  5  
1 5VL8 GLY A 6  ? UNP P22629 ? ? 'expression tag' 6  6  
1 5VL8 GLY A 7  ? UNP P22629 ? ? 'expression tag' 7  7  
1 5VL8 GLN A 8  ? UNP P22629 ? ? 'expression tag' 8  8  
1 5VL8 GLN A 9  ? UNP P22629 ? ? 'expression tag' 9  9  
1 5VL8 MET A 10 ? UNP P22629 ? ? 'expression tag' 10 10 
1 5VL8 GLY A 11 ? UNP P22629 ? ? 'expression tag' 11 11 
1 5VL8 ARG A 12 ? UNP P22629 ? ? 'expression tag' 12 12 
1 5VL8 ASP A 13 ? UNP P22629 ? ? 'expression tag' 13 13 
# 
loop_
_chem_comp.id 
_chem_comp.type 
_chem_comp.mon_nstd_flag 
_chem_comp.name 
_chem_comp.pdbx_synonyms 
_chem_comp.formula 
_chem_comp.formula_weight 
ALA 'L-peptide linking' y ALANINE ?                               'C3 H7 N O2'         89.093  
ARG 'L-peptide linking' y ARGININE ?                               'C6 H15 N4 O2 1'     175.209 
ASN 'L-peptide linking' y ASPARAGINE ?                               'C4 H8 N2 O3'        132.118 
ASP 'L-peptide linking' y 'ASPARTIC ACID' ?                               'C4 H7 N O4'         133.103 
CU  non-polymer         . 'COPPER (II) ION' ?                               'Cu 2'               63.546  
GLN 'L-peptide linking' y GLUTAMINE ?                               'C5 H10 N2 O3'       146.144 
GLU 'L-peptide linking' y 'GLUTAMIC ACID' ?                               'C5 H9 N O4'         147.129 
GLY 'peptide linking'   y GLYCINE ?                               'C2 H5 N O2'         75.067  
GOL non-polymer         . GLYCEROL 'GLYCERIN; PROPANE-1,2,3-TRIOL' 'C3 H8 O3'           92.094  
HIS 'L-peptide linking' y HISTIDINE ?                               'C6 H10 N3 O2 1'     156.162 
HOH non-polymer         . WATER ?                               'H2 O'               18.015  
ILE 'L-peptide linking' y ISOLEUCINE ?                               'C6 H13 N O2'        131.173 
LEU 'L-peptide linking' y LEUCINE ?                               'C6 H13 N O2'        131.173 
LYS 'L-peptide linking' y LYSINE ?                               'C6 H15 N2 O2 1'     147.195 
MET 'L-peptide linking' y METHIONINE ?                               'C5 H11 N O2 S'      149.211 
PHE 'L-peptide linking' y PHENYLALANINE ?                               'C9 H11 N O2'        165.189 
PRO 'L-peptide linking' y PROLINE ?                               'C5 H9 N O2'         115.130 
S32 non-polymer         . 
;[N-(3-{bis[2-(pyridin-2-yl-kappaN)ethyl]amino-kappaN}propyl)-5-(2-oxohexahydro-1H-thieno[3,4-d]imidazol-4-yl)pentanamide](hydroxy)copper
;
?                               'C27 H38 Cu N6 O3 S' 590.240 
SER 'L-peptide linking' y SERINE ?                               'C3 H7 N O3'         105.093 
THR 'L-peptide linking' y THREONINE ?                               'C4 H9 N O3'         119.119 
TRP 'L-peptide linking' y TRYPTOPHAN ?                               'C11 H12 N2 O2'      204.225 
TYR 'L-peptide linking' y TYROSINE ?                               'C9 H11 N O3'        181.189 
VAL 'L-peptide linking' y VALINE ?                               'C5 H11 N O2'        117.146 
# 
_exptl.absorpt_coefficient_mu     ? 
_exptl.absorpt_correction_T_max   ? 
_exptl.absorpt_correction_T_min   ? 
_exptl.absorpt_correction_type    ? 
_exptl.absorpt_process_details    ? 
_exptl.entry_id                   5VL8 
_exptl.crystals_number            1 
_exptl.details                    ? 
_exptl.method                     'X-RAY DIFFRACTION' 
_exptl.method_details             ? 
# 
_exptl_crystal.colour                      ? 
_exptl_crystal.density_diffrn              ? 
_exptl_crystal.density_Matthews            2.30 
_exptl_crystal.density_method              ? 
_exptl_crystal.density_percent_sol         46.42 
_exptl_crystal.description                 ? 
_exptl_crystal.F_000                       ? 
_exptl_crystal.id                          1 
_exptl_crystal.preparation                 ? 
_exptl_crystal.size_max                    ? 
_exptl_crystal.size_mid                    ? 
_exptl_crystal.size_min                    ? 
_exptl_crystal.size_rad                    ? 
_exptl_crystal.colour_lustre               ? 
_exptl_crystal.colour_modifier             ? 
_exptl_crystal.colour_primary              ? 
_exptl_crystal.density_meas                ? 
_exptl_crystal.density_meas_esd            ? 
_exptl_crystal.density_meas_gt             ? 
_exptl_crystal.density_meas_lt             ? 
_exptl_crystal.density_meas_temp           ? 
_exptl_crystal.density_meas_temp_esd       ? 
_exptl_crystal.density_meas_temp_gt        ? 
_exptl_crystal.density_meas_temp_lt        ? 
_exptl_crystal.pdbx_crystal_image_url      ? 
_exptl_crystal.pdbx_crystal_image_format   ? 
_exptl_crystal.pdbx_mosaicity              ? 
_exptl_crystal.pdbx_mosaicity_esd          ? 
# 
_exptl_crystal_grow.apparatus       ? 
_exptl_crystal_grow.atmosphere      ? 
_exptl_crystal_grow.crystal_id      1 
_exptl_crystal_grow.details         ? 
_exptl_crystal_grow.method          'VAPOR DIFFUSION, SITTING DROP' 
_exptl_crystal_grow.method_ref      ? 
_exptl_crystal_grow.pH              4.0 
_exptl_crystal_grow.pressure        ? 
_exptl_crystal_grow.pressure_esd    ? 
_exptl_crystal_grow.seeding         ? 
_exptl_crystal_grow.seeding_ref     ? 
_exptl_crystal_grow.temp            295 
_exptl_crystal_grow.temp_details    ? 
_exptl_crystal_grow.temp_esd        ? 
_exptl_crystal_grow.time            ? 
_exptl_crystal_grow.pdbx_details    '26 mg/mL protein, 2 M ammonium sulfate, 0.1 M sodium acetate, pH 4.0' 
_exptl_crystal_grow.pdbx_pH_range   ? 
# 
_diffrn.ambient_environment    ? 
_diffrn.ambient_temp           100 
_diffrn.ambient_temp_details   ? 
_diffrn.ambient_temp_esd       ? 
_diffrn.crystal_id             1 
_diffrn.crystal_support        ? 
_diffrn.crystal_treatment      ? 
_diffrn.details                ? 
_diffrn.id                     1 
_diffrn.ambient_pressure       ? 
_diffrn.ambient_pressure_esd   ? 
_diffrn.ambient_pressure_gt    ? 
_diffrn.ambient_pressure_lt    ? 
_diffrn.ambient_temp_gt        ? 
_diffrn.ambient_temp_lt        ? 
# 
_diffrn_detector.details                      ? 
_diffrn_detector.detector                     CCD 
_diffrn_detector.diffrn_id                    1 
_diffrn_detector.type                         'MARMOSAIC 325 mm CCD' 
_diffrn_detector.area_resol_mean              ? 
_diffrn_detector.dtime                        ? 
_diffrn_detector.pdbx_frames_total            ? 
_diffrn_detector.pdbx_collection_time_total   ? 
_diffrn_detector.pdbx_collection_date         2015-12-17 
# 
_diffrn_radiation.collimation                      ? 
_diffrn_radiation.diffrn_id                        1 
_diffrn_radiation.filter_edge                      ? 
_diffrn_radiation.inhomogeneity                    ? 
_diffrn_radiation.monochromator                    'double crystal Si(111)' 
_diffrn_radiation.polarisn_norm                    ? 
_diffrn_radiation.polarisn_ratio                   ? 
_diffrn_radiation.probe                            ? 
_diffrn_radiation.type                             ? 
_diffrn_radiation.xray_symbol                      ? 
_diffrn_radiation.wavelength_id                    1 
_diffrn_radiation.pdbx_monochromatic_or_laue_m_l   M 
_diffrn_radiation.pdbx_wavelength_list             ? 
_diffrn_radiation.pdbx_wavelength                  ? 
_diffrn_radiation.pdbx_diffrn_protocol             'SINGLE WAVELENGTH' 
_diffrn_radiation.pdbx_analyzer                    ? 
_diffrn_radiation.pdbx_scattering_type             x-ray 
# 
_diffrn_radiation_wavelength.id           1 
_diffrn_radiation_wavelength.wavelength   1.18 
_diffrn_radiation_wavelength.wt           1.0 
# 
_diffrn_source.current                     ? 
_diffrn_source.details                     ? 
_diffrn_source.diffrn_id                   1 
_diffrn_source.power                       ? 
_diffrn_source.size                        ? 
_diffrn_source.source                      SYNCHROTRON 
_diffrn_source.target                      ? 
_diffrn_source.type                        'SSRL BEAMLINE BL14-1' 
_diffrn_source.voltage                     ? 
_diffrn_source.take-off_angle              ? 
_diffrn_source.pdbx_wavelength_list        1.18 
_diffrn_source.pdbx_wavelength             ? 
_diffrn_source.pdbx_synchrotron_beamline   BL14-1 
_diffrn_source.pdbx_synchrotron_site       SSRL 
# 
_reflns.B_iso_Wilson_estimate            ? 
_reflns.entry_id                         5VL8 
_reflns.data_reduction_details           ? 
_reflns.data_reduction_method            ? 
_reflns.d_resolution_high                1.7 
_reflns.d_resolution_low                 54.9 
_reflns.details                          ? 
_reflns.limit_h_max                      ? 
_reflns.limit_h_min                      ? 
_reflns.limit_k_max                      ? 
_reflns.limit_k_min                      ? 
_reflns.limit_l_max                      ? 
_reflns.limit_l_min                      ? 
_reflns.number_all                       ? 
_reflns.number_obs                       17570 
_reflns.observed_criterion               ? 
_reflns.observed_criterion_F_max         ? 
_reflns.observed_criterion_F_min         ? 
_reflns.observed_criterion_I_max         ? 
_reflns.observed_criterion_I_min         ? 
_reflns.observed_criterion_sigma_F       ? 
_reflns.observed_criterion_sigma_I       ? 
_reflns.percent_possible_obs             100 
_reflns.R_free_details                   ? 
_reflns.Rmerge_F_all                     ? 
_reflns.Rmerge_F_obs                     ? 
_reflns.Friedel_coverage                 ? 
_reflns.number_gt                        ? 
_reflns.threshold_expression             ? 
_reflns.pdbx_redundancy                  8.7 
_reflns.pdbx_Rmerge_I_obs                ? 
_reflns.pdbx_Rmerge_I_all                ? 
_reflns.pdbx_Rsym_value                  ? 
_reflns.pdbx_netI_over_av_sigmaI         ? 
_reflns.pdbx_netI_over_sigmaI            9.3 
_reflns.pdbx_res_netI_over_av_sigmaI_2   ? 
_reflns.pdbx_res_netI_over_sigmaI_2      ? 
_reflns.pdbx_chi_squared                 ? 
_reflns.pdbx_scaling_rejects             ? 
_reflns.pdbx_d_res_high_opt              ? 
_reflns.pdbx_d_res_low_opt               ? 
_reflns.pdbx_d_res_opt_method            ? 
_reflns.phase_calculation_details        ? 
_reflns.pdbx_Rrim_I_all                  ? 
_reflns.pdbx_Rpim_I_all                  ? 
_reflns.pdbx_d_opt                       ? 
_reflns.pdbx_number_measured_all         ? 
_reflns.pdbx_diffrn_id                   1 
_reflns.pdbx_ordinal                     1 
_reflns.pdbx_CC_half                     ? 
_reflns.pdbx_R_split                     ? 
# 
_reflns_shell.d_res_high                  1.7 
_reflns_shell.d_res_low                   1.73 
_reflns_shell.meanI_over_sigI_all         ? 
_reflns_shell.meanI_over_sigI_obs         1 
_reflns_shell.number_measured_all         ? 
_reflns_shell.number_measured_obs         ? 
_reflns_shell.number_possible             ? 
_reflns_shell.number_unique_all           ? 
_reflns_shell.number_unique_obs           904 
_reflns_shell.percent_possible_all        100 
_reflns_shell.percent_possible_obs        ? 
_reflns_shell.Rmerge_F_all                ? 
_reflns_shell.Rmerge_F_obs                ? 
_reflns_shell.Rmerge_I_all                ? 
_reflns_shell.Rmerge_I_obs                ? 
_reflns_shell.meanI_over_sigI_gt          ? 
_reflns_shell.meanI_over_uI_all           ? 
_reflns_shell.meanI_over_uI_gt            ? 
_reflns_shell.number_measured_gt          ? 
_reflns_shell.number_unique_gt            ? 
_reflns_shell.percent_possible_gt         ? 
_reflns_shell.Rmerge_F_gt                 ? 
_reflns_shell.Rmerge_I_gt                 ? 
_reflns_shell.pdbx_redundancy             6.1 
_reflns_shell.pdbx_Rsym_value             ? 
_reflns_shell.pdbx_chi_squared            ? 
_reflns_shell.pdbx_netI_over_sigmaI_all   ? 
_reflns_shell.pdbx_netI_over_sigmaI_obs   ? 
_reflns_shell.pdbx_Rrim_I_all             ? 
_reflns_shell.pdbx_Rpim_I_all             ? 
_reflns_shell.pdbx_rejects                ? 
_reflns_shell.pdbx_ordinal                1 
_reflns_shell.pdbx_diffrn_id              1 
_reflns_shell.pdbx_CC_half                ? 
_reflns_shell.pdbx_R_split                ? 
# 
_refine.aniso_B[1][1]                            -0.30 
_refine.aniso_B[1][2]                            0.00 
_refine.aniso_B[1][3]                            -0.00 
_refine.aniso_B[2][2]                            -0.30 
_refine.aniso_B[2][3]                            0.00 
_refine.aniso_B[3][3]                            0.61 
_refine.B_iso_max                                ? 
_refine.B_iso_mean                               24.738 
_refine.B_iso_min                                ? 
_refine.correlation_coeff_Fo_to_Fc               0.965 
_refine.correlation_coeff_Fo_to_Fc_free          0.948 
_refine.details                                  'HYDROGENS HAVE BEEN ADDED IN THE RIDING POSITIONS' 
_refine.diff_density_max                         ? 
_refine.diff_density_max_esd                     ? 
_refine.diff_density_min                         ? 
_refine.diff_density_min_esd                     ? 
_refine.diff_density_rms                         ? 
_refine.diff_density_rms_esd                     ? 
_refine.entry_id                                 5VL8 
_refine.pdbx_refine_id                           'X-RAY DIFFRACTION' 
_refine.ls_abs_structure_details                 ? 
_refine.ls_abs_structure_Flack                   ? 
_refine.ls_abs_structure_Flack_esd               ? 
_refine.ls_abs_structure_Rogers                  ? 
_refine.ls_abs_structure_Rogers_esd              ? 
_refine.ls_d_res_high                            1.70 
_refine.ls_d_res_low                             54.9 
_refine.ls_extinction_coef                       ? 
_refine.ls_extinction_coef_esd                   ? 
_refine.ls_extinction_expression                 ? 
_refine.ls_extinction_method                     ? 
_refine.ls_goodness_of_fit_all                   ? 
_refine.ls_goodness_of_fit_all_esd               ? 
_refine.ls_goodness_of_fit_obs                   ? 
_refine.ls_goodness_of_fit_obs_esd               ? 
_refine.ls_hydrogen_treatment                    ? 
_refine.ls_matrix_type                           ? 
_refine.ls_number_constraints                    ? 
_refine.ls_number_parameters                     ? 
_refine.ls_number_reflns_all                     ? 
_refine.ls_number_reflns_obs                     16699 
_refine.ls_number_reflns_R_free                  844 
_refine.ls_number_reflns_R_work                  ? 
_refine.ls_number_restraints                     ? 
_refine.ls_percent_reflns_obs                    99.99 
_refine.ls_percent_reflns_R_free                 4.8 
_refine.ls_R_factor_all                          ? 
_refine.ls_R_factor_obs                          0.17763 
_refine.ls_R_factor_R_free                       0.21542 
_refine.ls_R_factor_R_free_error                 ? 
_refine.ls_R_factor_R_free_error_details         ? 
_refine.ls_R_factor_R_work                       0.17565 
_refine.ls_R_Fsqd_factor_obs                     ? 
_refine.ls_R_I_factor_obs                        ? 
_refine.ls_redundancy_reflns_all                 ? 
_refine.ls_redundancy_reflns_obs                 ? 
_refine.ls_restrained_S_all                      ? 
_refine.ls_restrained_S_obs                      ? 
_refine.ls_shift_over_esd_max                    ? 
_refine.ls_shift_over_esd_mean                   ? 
_refine.ls_structure_factor_coef                 ? 
_refine.ls_weighting_details                     ? 
_refine.ls_weighting_scheme                      ? 
_refine.ls_wR_factor_all                         ? 
_refine.ls_wR_factor_obs                         ? 
_refine.ls_wR_factor_R_free                      ? 
_refine.ls_wR_factor_R_work                      ? 
_refine.occupancy_max                            ? 
_refine.occupancy_min                            ? 
_refine.solvent_model_details                    ? 
_refine.solvent_model_param_bsol                 ? 
_refine.solvent_model_param_ksol                 ? 
_refine.ls_R_factor_gt                           ? 
_refine.ls_goodness_of_fit_gt                    ? 
_refine.ls_goodness_of_fit_ref                   ? 
_refine.ls_shift_over_su_max                     ? 
_refine.ls_shift_over_su_max_lt                  ? 
_refine.ls_shift_over_su_mean                    ? 
_refine.ls_shift_over_su_mean_lt                 ? 
_refine.pdbx_ls_sigma_I                          ? 
_refine.pdbx_ls_sigma_F                          ? 
_refine.pdbx_ls_sigma_Fsqd                       ? 
_refine.pdbx_data_cutoff_high_absF               ? 
_refine.pdbx_data_cutoff_high_rms_absF           ? 
_refine.pdbx_data_cutoff_low_absF                ? 
_refine.pdbx_isotropic_thermal_model             ? 
_refine.pdbx_ls_cross_valid_method               THROUGHOUT 
_refine.pdbx_method_to_determine_struct          'MOLECULAR REPLACEMENT' 
_refine.pdbx_starting_model                      'PDB entry 1STP' 
_refine.pdbx_stereochemistry_target_values       ? 
_refine.pdbx_R_Free_selection_details            RANDOM 
_refine.pdbx_stereochem_target_val_spec_case     ? 
_refine.pdbx_overall_ESU_R                       0.088 
_refine.pdbx_overall_ESU_R_Free                  0.094 
_refine.pdbx_solvent_vdw_probe_radii             1.20 
_refine.pdbx_solvent_ion_probe_radii             0.80 
_refine.pdbx_solvent_shrinkage_radii             0.80 
_refine.pdbx_real_space_R                        ? 
_refine.pdbx_density_correlation                 ? 
_refine.pdbx_pd_number_of_powder_patterns        ? 
_refine.pdbx_pd_number_of_points                 ? 
_refine.pdbx_pd_meas_number_of_points            ? 
_refine.pdbx_pd_proc_ls_prof_R_factor            ? 
_refine.pdbx_pd_proc_ls_prof_wR_factor           ? 
_refine.pdbx_pd_Marquardt_correlation_coeff      ? 
_refine.pdbx_pd_Fsqrd_R_factor                   ? 
_refine.pdbx_pd_ls_matrix_band_width             ? 
_refine.pdbx_overall_phase_error                 ? 
_refine.pdbx_overall_SU_R_free_Cruickshank_DPI   ? 
_refine.pdbx_overall_SU_R_free_Blow_DPI          ? 
_refine.pdbx_overall_SU_R_Blow_DPI               ? 
_refine.pdbx_TLS_residual_ADP_flag               ? 
_refine.pdbx_diffrn_id                           1 
_refine.overall_SU_B                             2.518 
_refine.overall_SU_ML                            0.078 
_refine.overall_SU_R_Cruickshank_DPI             ? 
_refine.overall_SU_R_free                        ? 
_refine.overall_FOM_free_R_set                   ? 
_refine.overall_FOM_work_R_set                   ? 
_refine.pdbx_average_fsc_overall                 ? 
_refine.pdbx_average_fsc_work                    ? 
_refine.pdbx_average_fsc_free                    ? 
# 
_refine_hist.pdbx_refine_id                   'X-RAY DIFFRACTION' 
_refine_hist.cycle_id                         LAST 
_refine_hist.pdbx_number_atoms_protein        915 
_refine_hist.pdbx_number_atoms_nucleic_acid   0 
_refine_hist.pdbx_number_atoms_ligand         45 
_refine_hist.number_atoms_solvent             93 
_refine_hist.number_atoms_total               1053 
_refine_hist.d_res_high                       1.70 
_refine_hist.d_res_low                        54.9 
# 
loop_
_refine_ls_restr.pdbx_refine_id 
_refine_ls_restr.criterion 
_refine_ls_restr.dev_ideal 
_refine_ls_restr.dev_ideal_target 
_refine_ls_restr.number 
_refine_ls_restr.rejects 
_refine_ls_restr.type 
_refine_ls_restr.weight 
_refine_ls_restr.pdbx_restraint_function 
'X-RAY DIFFRACTION' ? 0.020  0.020  987  ? r_bond_refined_d             ? ? 
'X-RAY DIFFRACTION' ? 0.002  0.020  831  ? r_bond_other_d               ? ? 
'X-RAY DIFFRACTION' ? 3.430  1.971  1346 ? r_angle_refined_deg          ? ? 
'X-RAY DIFFRACTION' ? 1.593  3.000  1897 ? r_angle_other_deg            ? ? 
'X-RAY DIFFRACTION' ? 7.302  5.000  121  ? r_dihedral_angle_1_deg       ? ? 
'X-RAY DIFFRACTION' ? 26.950 23.659 41   ? r_dihedral_angle_2_deg       ? ? 
'X-RAY DIFFRACTION' ? 13.439 15.000 127  ? r_dihedral_angle_3_deg       ? ? 
'X-RAY DIFFRACTION' ? 19.498 15.000 5    ? r_dihedral_angle_4_deg       ? ? 
'X-RAY DIFFRACTION' ? 0.124  0.200  144  ? r_chiral_restr               ? ? 
'X-RAY DIFFRACTION' ? 0.010  0.020  1121 ? r_gen_planes_refined         ? ? 
'X-RAY DIFFRACTION' ? 0.002  0.020  238  ? r_gen_planes_other           ? ? 
'X-RAY DIFFRACTION' ? ?      ?      ?    ? r_nbd_refined                ? ? 
'X-RAY DIFFRACTION' ? ?      ?      ?    ? r_nbd_other                  ? ? 
'X-RAY DIFFRACTION' ? ?      ?      ?    ? r_nbtor_refined              ? ? 
'X-RAY DIFFRACTION' ? ?      ?      ?    ? r_nbtor_other                ? ? 
'X-RAY DIFFRACTION' ? ?      ?      ?    ? r_xyhbond_nbd_refined        ? ? 
'X-RAY DIFFRACTION' ? ?      ?      ?    ? r_xyhbond_nbd_other          ? ? 
'X-RAY DIFFRACTION' ? ?      ?      ?    ? r_metal_ion_refined          ? ? 
'X-RAY DIFFRACTION' ? ?      ?      ?    ? r_metal_ion_other            ? ? 
'X-RAY DIFFRACTION' ? ?      ?      ?    ? r_symmetry_vdw_refined       ? ? 
'X-RAY DIFFRACTION' ? ?      ?      ?    ? r_symmetry_vdw_other         ? ? 
'X-RAY DIFFRACTION' ? ?      ?      ?    ? r_symmetry_hbond_refined     ? ? 
'X-RAY DIFFRACTION' ? ?      ?      ?    ? r_symmetry_hbond_other       ? ? 
'X-RAY DIFFRACTION' ? ?      ?      ?    ? r_symmetry_metal_ion_refined ? ? 
'X-RAY DIFFRACTION' ? ?      ?      ?    ? r_symmetry_metal_ion_other   ? ? 
'X-RAY DIFFRACTION' ? 2.261  2.243  487  ? r_mcbond_it                  ? ? 
'X-RAY DIFFRACTION' ? 2.261  2.239  486  ? r_mcbond_other               ? ? 
'X-RAY DIFFRACTION' ? 3.416  3.347  607  ? r_mcangle_it                 ? ? 
'X-RAY DIFFRACTION' ? 3.414  3.352  608  ? r_mcangle_other              ? ? 
'X-RAY DIFFRACTION' ? 3.110  2.529  499  ? r_scbond_it                  ? ? 
'X-RAY DIFFRACTION' ? 3.060  2.530  499  ? r_scbond_other               ? ? 
'X-RAY DIFFRACTION' ? ?      ?      ?    ? r_scangle_it                 ? ? 
'X-RAY DIFFRACTION' ? 4.654  3.659  737  ? r_scangle_other              ? ? 
'X-RAY DIFFRACTION' ? 6.815  19.448 1130 ? r_long_range_B_refined       ? ? 
'X-RAY DIFFRACTION' ? 6.788  19.447 1130 ? r_long_range_B_other         ? ? 
'X-RAY DIFFRACTION' ? ?      ?      ?    ? r_rigid_bond_restr           ? ? 
'X-RAY DIFFRACTION' ? ?      ?      ?    ? r_sphericity_free            ? ? 
'X-RAY DIFFRACTION' ? ?      ?      ?    ? r_sphericity_bonded          ? ? 
# 
_refine_ls_shell.pdbx_refine_id                   'X-RAY DIFFRACTION' 
_refine_ls_shell.d_res_high                       1.700 
_refine_ls_shell.d_res_low                        1.744 
_refine_ls_shell.number_reflns_all                ? 
_refine_ls_shell.number_reflns_obs                ? 
_refine_ls_shell.number_reflns_R_free             53 
_refine_ls_shell.number_reflns_R_work             1204 
_refine_ls_shell.percent_reflns_obs               100.00 
_refine_ls_shell.percent_reflns_R_free            ? 
_refine_ls_shell.R_factor_all                     ? 
_refine_ls_shell.R_factor_obs                     ? 
_refine_ls_shell.R_factor_R_free                  0.373 
_refine_ls_shell.R_factor_R_free_error            ? 
_refine_ls_shell.R_factor_R_work                  0.362 
_refine_ls_shell.redundancy_reflns_all            ? 
_refine_ls_shell.redundancy_reflns_obs            ? 
_refine_ls_shell.wR_factor_all                    ? 
_refine_ls_shell.wR_factor_obs                    ? 
_refine_ls_shell.wR_factor_R_free                 ? 
_refine_ls_shell.wR_factor_R_work                 ? 
_refine_ls_shell.pdbx_total_number_of_bins_used   20 
_refine_ls_shell.pdbx_phase_error                 ? 
_refine_ls_shell.pdbx_fsc_work                    ? 
_refine_ls_shell.pdbx_fsc_free                    ? 
# 
_struct.entry_id                     5VL8 
_struct.title                        
'Coordination Chemistry within a Protein Host: Regulation of the Secondary Coordination Sphere' 
_struct.pdbx_model_details           ? 
_struct.pdbx_formula_weight          ? 
_struct.pdbx_formula_weight_method   ? 
_struct.pdbx_model_type_details      ? 
_struct.pdbx_CASP_flag               N 
# 
_struct_keywords.entry_id        5VL8 
_struct_keywords.text            
'streptavidin, biotin, copper, azide, secondary coordination sphere, hydrogen bond, BIOTIN BINDING PROTEIN' 
_struct_keywords.pdbx_keywords   'BIOTIN BINDING PROTEIN' 
# 
loop_
_struct_asym.id 
_struct_asym.pdbx_blank_PDB_chainid_flag 
_struct_asym.pdbx_modified 
_struct_asym.entity_id 
_struct_asym.details 
A N N 1 ? 
B N N 2 ? 
C N N 3 ? 
D N N 4 ? 
E N N 5 ? 
# 
loop_
_struct_conf.conf_type_id 
_struct_conf.id 
_struct_conf.pdbx_PDB_helix_id 
_struct_conf.beg_label_comp_id 
_struct_conf.beg_label_asym_id 
_struct_conf.beg_label_seq_id 
_struct_conf.pdbx_beg_PDB_ins_code 
_struct_conf.end_label_comp_id 
_struct_conf.end_label_asym_id 
_struct_conf.end_label_seq_id 
_struct_conf.pdbx_end_PDB_ins_code 
_struct_conf.beg_auth_comp_id 
_struct_conf.beg_auth_asym_id 
_struct_conf.beg_auth_seq_id 
_struct_conf.end_auth_comp_id 
_struct_conf.end_auth_asym_id 
_struct_conf.end_auth_seq_id 
_struct_conf.pdbx_PDB_helix_class 
_struct_conf.details 
_struct_conf.pdbx_PDB_helix_length 
HELX_P HELX_P1 AA1 ASP A 13  ? THR A 18  ? ASP A 13  THR A 18  1 ? 6 
HELX_P HELX_P2 AA2 THR A 115 ? LYS A 121 ? THR A 115 LYS A 121 5 ? 7 
# 
_struct_conf_type.id          HELX_P 
_struct_conf_type.criteria    ? 
_struct_conf_type.reference   ? 
# 
_struct_conn.id                            metalc1 
_struct_conn.conn_type_id                  metalc 
_struct_conn.pdbx_leaving_atom_flag        ? 
_struct_conn.pdbx_PDB_id                   ? 
_struct_conn.ptnr1_label_asym_id           A 
_struct_conn.ptnr1_label_comp_id           HIS 
_struct_conn.ptnr1_label_seq_id            87 
_struct_conn.ptnr1_label_atom_id           NE2 
_struct_conn.pdbx_ptnr1_label_alt_id       ? 
_struct_conn.pdbx_ptnr1_PDB_ins_code       ? 
_struct_conn.pdbx_ptnr1_standard_comp_id   ? 
_struct_conn.ptnr1_symmetry                1_555 
_struct_conn.ptnr2_label_asym_id           C 
_struct_conn.ptnr2_label_comp_id           CU 
_struct_conn.ptnr2_label_seq_id            . 
_struct_conn.ptnr2_label_atom_id           CU 
_struct_conn.pdbx_ptnr2_label_alt_id       ? 
_struct_conn.pdbx_ptnr2_PDB_ins_code       ? 
_struct_conn.ptnr1_auth_asym_id            A 
_struct_conn.ptnr1_auth_comp_id            HIS 
_struct_conn.ptnr1_auth_seq_id             87 
_struct_conn.ptnr2_auth_asym_id            A 
_struct_conn.ptnr2_auth_comp_id            CU 
_struct_conn.ptnr2_auth_seq_id             202 
_struct_conn.ptnr2_symmetry                1_555 
_struct_conn.pdbx_ptnr3_label_atom_id      ? 
_struct_conn.pdbx_ptnr3_label_seq_id       ? 
_struct_conn.pdbx_ptnr3_label_comp_id      ? 
_struct_conn.pdbx_ptnr3_label_asym_id      ? 
_struct_conn.pdbx_ptnr3_label_alt_id       ? 
_struct_conn.pdbx_ptnr3_PDB_ins_code       ? 
_struct_conn.details                       ? 
_struct_conn.pdbx_dist_value               2.576 
_struct_conn.pdbx_value_order              ? 
_struct_conn.pdbx_role                     ? 
# 
_struct_conn_type.id          metalc 
_struct_conn_type.criteria    ? 
_struct_conn_type.reference   ? 
# 
_struct_sheet.id               AA1 
_struct_sheet.type             ? 
_struct_sheet.number_strands   9 
_struct_sheet.details          ? 
# 
loop_
_struct_sheet_order.sheet_id 
_struct_sheet_order.range_id_1 
_struct_sheet_order.range_id_2 
_struct_sheet_order.offset 
_struct_sheet_order.sense 
AA1 1 2 ? anti-parallel 
AA1 2 3 ? anti-parallel 
AA1 3 4 ? anti-parallel 
AA1 4 5 ? anti-parallel 
AA1 5 6 ? anti-parallel 
AA1 6 7 ? anti-parallel 
AA1 7 8 ? anti-parallel 
AA1 8 9 ? anti-parallel 
# 
loop_
_struct_sheet_range.sheet_id 
_struct_sheet_range.id 
_struct_sheet_range.beg_label_comp_id 
_struct_sheet_range.beg_label_asym_id 
_struct_sheet_range.beg_label_seq_id 
_struct_sheet_range.pdbx_beg_PDB_ins_code 
_struct_sheet_range.end_label_comp_id 
_struct_sheet_range.end_label_asym_id 
_struct_sheet_range.end_label_seq_id 
_struct_sheet_range.pdbx_end_PDB_ins_code 
_struct_sheet_range.beg_auth_comp_id 
_struct_sheet_range.beg_auth_asym_id 
_struct_sheet_range.beg_auth_seq_id 
_struct_sheet_range.end_auth_comp_id 
_struct_sheet_range.end_auth_asym_id 
_struct_sheet_range.end_auth_seq_id 
AA1 1 GLY A 19  ? ASN A 23  ? GLY A 19  ASN A 23  
AA1 2 THR A 28  ? ALA A 33  ? THR A 28  ALA A 33  
AA1 3 ALA A 38  ? GLU A 44  ? ALA A 38  GLU A 44  
AA1 4 TYR A 54  ? TYR A 60  ? TYR A 54  TYR A 60  
AA1 5 THR A 71  ? LYS A 80  ? THR A 71  LYS A 80  
AA1 6 ASN A 85  ? VAL A 97  ? ASN A 85  VAL A 97  
AA1 7 ARG A 103 ? SER A 112 ? ARG A 103 SER A 112 
AA1 8 THR A 123 ? THR A 131 ? THR A 123 THR A 131 
AA1 9 GLY A 19  ? ASN A 23  ? GLY A 19  ASN A 23  
# 
loop_
_pdbx_struct_sheet_hbond.sheet_id 
_pdbx_struct_sheet_hbond.range_id_1 
_pdbx_struct_sheet_hbond.range_id_2 
_pdbx_struct_sheet_hbond.range_1_label_atom_id 
_pdbx_struct_sheet_hbond.range_1_label_comp_id 
_pdbx_struct_sheet_hbond.range_1_label_asym_id 
_pdbx_struct_sheet_hbond.range_1_label_seq_id 
_pdbx_struct_sheet_hbond.range_1_PDB_ins_code 
_pdbx_struct_sheet_hbond.range_1_auth_atom_id 
_pdbx_struct_sheet_hbond.range_1_auth_comp_id 
_pdbx_struct_sheet_hbond.range_1_auth_asym_id 
_pdbx_struct_sheet_hbond.range_1_auth_seq_id 
_pdbx_struct_sheet_hbond.range_2_label_atom_id 
_pdbx_struct_sheet_hbond.range_2_label_comp_id 
_pdbx_struct_sheet_hbond.range_2_label_asym_id 
_pdbx_struct_sheet_hbond.range_2_label_seq_id 
_pdbx_struct_sheet_hbond.range_2_PDB_ins_code 
_pdbx_struct_sheet_hbond.range_2_auth_atom_id 
_pdbx_struct_sheet_hbond.range_2_auth_comp_id 
_pdbx_struct_sheet_hbond.range_2_auth_asym_id 
_pdbx_struct_sheet_hbond.range_2_auth_seq_id 
AA1 1 2 N GLY A 19  ? N GLY A 19  O VAL A 31  ? O VAL A 31  
AA1 2 3 N THR A 32  ? N THR A 32  O THR A 40  ? O THR A 40  
AA1 3 4 N LEU A 39  ? N LEU A 39  O GLY A 58  ? O GLY A 58  
AA1 4 5 N THR A 57  ? N THR A 57  O THR A 76  ? O THR A 76  
AA1 5 6 N TRP A 79  ? N TRP A 79  O ALA A 86  ? O ALA A 86  
AA1 6 7 N VAL A 97  ? N VAL A 97  O ARG A 103 ? O ARG A 103 
AA1 7 8 N ILE A 104 ? N ILE A 104 O PHE A 130 ? O PHE A 130 
AA1 8 9 O THR A 131 ? O THR A 131 N TYR A 22  ? N TYR A 22  
# 
loop_
_struct_site.id 
_struct_site.pdbx_evidence_code 
_struct_site.pdbx_auth_asym_id 
_struct_site.pdbx_auth_comp_id 
_struct_site.pdbx_auth_seq_id 
_struct_site.pdbx_auth_ins_code 
_struct_site.pdbx_num_residues 
_struct_site.details 
AC1 Software A S32 201 ? 19 'binding site for residue S32 A 201' 
AC2 Software A CU  202 ? 2  'binding site for residue CU A 202'  
AC3 Software A GOL 203 ? 5  'binding site for residue GOL A 203' 
# 
loop_
_struct_site_gen.id 
_struct_site_gen.site_id 
_struct_site_gen.pdbx_num_res 
_struct_site_gen.label_comp_id 
_struct_site_gen.label_asym_id 
_struct_site_gen.label_seq_id 
_struct_site_gen.pdbx_auth_ins_code 
_struct_site_gen.auth_comp_id 
_struct_site_gen.auth_asym_id 
_struct_site_gen.auth_seq_id 
_struct_site_gen.label_atom_id 
_struct_site_gen.label_alt_id 
_struct_site_gen.symmetry 
_struct_site_gen.details 
1  AC1 19 ASN A 23  ? ASN A 23  . ? 1_555  ? 
2  AC1 19 LEU A 25  ? LEU A 25  . ? 1_555  ? 
3  AC1 19 SER A 27  ? SER A 27  . ? 1_555  ? 
4  AC1 19 TYR A 43  ? TYR A 43  . ? 1_555  ? 
5  AC1 19 SER A 45  ? SER A 45  . ? 1_555  ? 
6  AC1 19 VAL A 47  ? VAL A 47  . ? 1_555  ? 
7  AC1 19 GLY A 48  ? GLY A 48  . ? 1_555  ? 
8  AC1 19 ASN A 49  ? ASN A 49  . ? 1_555  ? 
9  AC1 19 TRP A 79  ? TRP A 79  . ? 1_555  ? 
10 AC1 19 ALA A 86  ? ALA A 86  . ? 1_555  ? 
11 AC1 19 SER A 88  ? SER A 88  . ? 1_555  ? 
12 AC1 19 THR A 90  ? THR A 90  . ? 1_555  ? 
13 AC1 19 TRP A 92  ? TRP A 92  . ? 1_555  ? 
14 AC1 19 TRP A 108 ? TRP A 108 . ? 1_555  ? 
15 AC1 19 TRP A 120 ? TRP A 120 . ? 10_665 ? 
16 AC1 19 LYS A 121 ? LYS A 121 . ? 1_555  ? 
17 AC1 19 LEU A 124 ? LEU A 124 . ? 1_555  ? 
18 AC1 19 ASP A 128 ? ASP A 128 . ? 1_555  ? 
19 AC1 19 GOL D .   ? GOL A 203 . ? 1_555  ? 
20 AC2 2  HIS A 87  ? HIS A 87  . ? 1_555  ? 
21 AC2 2  HOH E .   ? HOH A 377 . ? 1_555  ? 
22 AC3 5  VAL A 47  ? VAL A 47  . ? 1_555  ? 
23 AC3 5  GLY A 48  ? GLY A 48  . ? 1_555  ? 
24 AC3 5  LYS A 121 ? LYS A 121 . ? 10_665 ? 
25 AC3 5  S32 B .   ? S32 A 201 . ? 1_555  ? 
26 AC3 5  HOH E .   ? HOH A 301 . ? 1_555  ? 
# 
_atom_sites.entry_id                    5VL8 
_atom_sites.fract_transf_matrix[1][1]   0.00998399 
_atom_sites.fract_transf_matrix[1][2]   -0.01300106 
_atom_sites.fract_transf_matrix[1][3]   -0.00573631 
_atom_sites.fract_transf_matrix[2][1]   -0.01415408 
_atom_sites.fract_transf_matrix[2][2]   -0.00847525 
_atom_sites.fract_transf_matrix[2][3]   -0.00542630 
_atom_sites.fract_transf_matrix[3][1]   0.00039614 
_atom_sites.fract_transf_matrix[3][2]   0.00244514 
_atom_sites.fract_transf_matrix[3][3]   -0.00485232 
_atom_sites.fract_transf_vector[1]      0.241930 
_atom_sites.fract_transf_vector[2]      0.423335 
_atom_sites.fract_transf_vector[3]      -0.010166 
# 
loop_
_atom_type.symbol 
C  
CU 
N  
O  
S  
# 
loop_
_atom_site.group_PDB 
_atom_site.id 
_atom_site.type_symbol 
_atom_site.label_atom_id 
_atom_site.label_alt_id 
_atom_site.label_comp_id 
_atom_site.label_asym_id 
_atom_site.label_entity_id 
_atom_site.label_seq_id 
_atom_site.pdbx_PDB_ins_code 
_atom_site.Cartn_x 
_atom_site.Cartn_y 
_atom_site.Cartn_z 
_atom_site.occupancy 
_atom_site.B_iso_or_equiv 
_atom_site.pdbx_formal_charge 
_atom_site.auth_seq_id 
_atom_site.auth_comp_id 
_atom_site.auth_asym_id 
_atom_site.auth_atom_id 
_atom_site.pdbx_PDB_model_num 
ATOM   1    N  N   . ARG A 1 12  ? -2.195  14.990  -12.573 1.00 40.81 ? 12  ARG A N   1 
ATOM   2    C  CA  . ARG A 1 12  ? -1.951  14.891  -11.135 1.00 42.54 ? 12  ARG A CA  1 
ATOM   3    C  C   . ARG A 1 12  ? -3.226  14.487  -10.358 1.00 42.29 ? 12  ARG A C   1 
ATOM   4    O  O   . ARG A 1 12  ? -4.306  15.098  -10.413 1.00 36.97 ? 12  ARG A O   1 
ATOM   5    C  CB  . ARG A 1 12  ? -1.230  16.098  -10.556 1.00 42.59 ? 12  ARG A CB  1 
ATOM   6    C  CG  . ARG A 1 12  ? -1.134  16.157  -9.044  1.00 41.36 ? 12  ARG A CG  1 
ATOM   7    C  CD  . ARG A 1 12  ? 0.286   16.428  -8.530  1.00 44.34 ? 12  ARG A CD  1 
ATOM   8    N  NE  . ARG A 1 12  ? 0.367   17.745  -7.871  1.00 45.11 ? 12  ARG A NE  1 
ATOM   9    C  CZ  . ARG A 1 12  ? 0.357   18.915  -8.515  1.00 47.19 ? 12  ARG A CZ  1 
ATOM   10   N  NH1 . ARG A 1 12  ? 0.403   20.064  -7.818  1.00 57.12 ? 12  ARG A NH1 1 
ATOM   11   N  NH2 . ARG A 1 12  ? 0.277   18.960  -9.841  1.00 39.98 ? 12  ARG A NH2 1 
ATOM   12   N  N   . ASP A 1 13  ? -3.026  13.424  -9.596  1.00 38.87 ? 13  ASP A N   1 
ATOM   13   C  CA  . ASP A 1 13  ? -4.060  12.743  -8.856  1.00 35.59 ? 13  ASP A CA  1 
ATOM   14   C  C   . ASP A 1 13  ? -3.741  12.930  -7.417  1.00 35.39 ? 13  ASP A C   1 
ATOM   15   O  O   . ASP A 1 13  ? -4.108  12.111  -6.595  1.00 36.79 ? 13  ASP A O   1 
ATOM   16   C  CB  . ASP A 1 13  ? -3.995  11.282  -9.283  1.00 34.80 ? 13  ASP A CB  1 
ATOM   17   C  CG  . ASP A 1 13  ? -4.167  11.130  -10.767 1.00 36.17 ? 13  ASP A CG  1 
ATOM   18   O  OD1 . ASP A 1 13  ? -5.242  11.510  -11.359 1.00 34.74 ? 13  ASP A OD1 1 
ATOM   19   O  OD2 . ASP A 1 13  ? -3.223  10.634  -11.380 1.00 35.75 ? 13  ASP A OD2 1 
ATOM   20   N  N   . GLU A 1 14  ? -3.100  14.051  -7.078  1.00 34.57 ? 14  GLU A N   1 
ATOM   21   C  CA  . GLU A 1 14  ? -2.704  14.297  -5.700  1.00 35.91 ? 14  GLU A CA  1 
ATOM   22   C  C   . GLU A 1 14  ? -3.975  14.311  -4.822  1.00 37.64 ? 14  GLU A C   1 
ATOM   23   O  O   . GLU A 1 14  ? -4.064  13.662  -3.758  1.00 32.58 ? 14  GLU A O   1 
ATOM   24   C  CB  . GLU A 1 14  ? -1.960  15.640  -5.626  1.00 36.47 ? 14  GLU A CB  1 
ATOM   25   C  CG  . GLU A 1 14  ? -1.544  16.011  -4.232  1.00 38.06 ? 14  GLU A CG  1 
ATOM   26   C  CD  . GLU A 1 14  ? -0.794  17.328  -4.143  1.00 40.97 ? 14  GLU A CD  1 
ATOM   27   O  OE1 . GLU A 1 14  ? -0.679  17.797  -2.988  1.00 44.80 ? 14  GLU A OE1 1 
ATOM   28   O  OE2 . GLU A 1 14  ? -0.349  17.884  -5.193  1.00 36.75 ? 14  GLU A OE2 1 
ATOM   29   N  N   . ALA A 1 15  ? -4.980  15.024  -5.315  1.00 33.84 ? 15  ALA A N   1 
ATOM   30   C  CA  . ALA A 1 15  ? -6.236  15.103  -4.611  1.00 37.43 ? 15  ALA A CA  1 
ATOM   31   C  C   . ALA A 1 15  ? -6.974  13.769  -4.579  1.00 32.97 ? 15  ALA A C   1 
ATOM   32   O  O   . ALA A 1 15  ? -7.392  13.345  -3.485  1.00 35.31 ? 15  ALA A O   1 
ATOM   33   C  CB  . ALA A 1 15  ? -7.108  16.211  -5.220  1.00 41.02 ? 15  ALA A CB  1 
ATOM   34   N  N   . GLY A 1 16  ? -7.064  13.117  -5.755  1.00 29.28 ? 16  GLY A N   1 
ATOM   35   C  CA  . GLY A 1 16  ? -7.697  11.787  -5.980  1.00 27.26 ? 16  GLY A CA  1 
ATOM   36   C  C   . GLY A 1 16  ? -7.111  10.690  -5.078  1.00 24.88 ? 16  GLY A C   1 
ATOM   37   O  O   . GLY A 1 16  ? -7.840  9.858   -4.556  1.00 22.96 ? 16  GLY A O   1 
ATOM   38   N  N   . ILE A 1 17  ? -5.788  10.733  -4.859  1.00 23.11 ? 17  ILE A N   1 
ATOM   39   C  CA  . ILE A 1 17  ? -5.130  9.703   -4.034  1.00 22.54 ? 17  ILE A CA  1 
ATOM   40   C  C   . ILE A 1 17  ? -5.270  9.937   -2.567  1.00 21.56 ? 17  ILE A C   1 
ATOM   41   O  O   . ILE A 1 17  ? -5.468  8.998   -1.755  1.00 20.65 ? 17  ILE A O   1 
ATOM   42   C  CB  . ILE A 1 17  ? -3.659  9.509   -4.439  1.00 22.19 ? 17  ILE A CB  1 
ATOM   43   C  CG1 . ILE A 1 17  ? -3.597  8.915   -5.877  1.00 22.57 ? 17  ILE A CG1 1 
ATOM   44   C  CG2 . ILE A 1 17  ? -2.979  8.554   -3.488  1.00 22.86 ? 17  ILE A CG2 1 
ATOM   45   C  CD1 . ILE A 1 17  ? -2.209  9.089   -6.499  1.00 23.80 ? 17  ILE A CD1 1 
ATOM   46   N  N   . THR A 1 18  ? -5.088  11.179  -2.175  1.00 22.93 ? 18  THR A N   1 
ATOM   47   C  CA  . THR A 1 18  ? -5.089  11.535  -0.759  1.00 25.06 ? 18  THR A CA  1 
ATOM   48   C  C   . THR A 1 18  ? -6.432  11.164  -0.127  1.00 24.53 ? 18  THR A C   1 
ATOM   49   O  O   . THR A 1 18  ? -7.480  11.406  -0.706  1.00 25.06 ? 18  THR A O   1 
ATOM   50   C  CB  . THR A 1 18  ? -4.830  13.049  -0.595  1.00 23.55 ? 18  THR A CB  1 
ATOM   51   O  OG1 . THR A 1 18  ? -3.529  13.335  -1.058  1.00 24.13 ? 18  THR A OG1 1 
ATOM   52   C  CG2 . THR A 1 18  ? -5.014  13.511  0.866   1.00 24.72 ? 18  THR A CG2 1 
ATOM   53   N  N   . GLY A 1 19  ? -6.371  10.516  1.022   1.00 20.96 ? 19  GLY A N   1 
ATOM   54   C  CA  . GLY A 1 19  ? -7.553  10.133  1.784   1.00 22.06 ? 19  GLY A CA  1 
ATOM   55   C  C   . GLY A 1 19  ? -7.468  8.707   2.325   1.00 23.76 ? 19  GLY A C   1 
ATOM   56   O  O   . GLY A 1 19  ? -6.358  8.121   2.412   1.00 22.45 ? 19  GLY A O   1 
ATOM   57   N  N   . THR A 1 20  ? -8.660  8.137   2.568   1.00 24.50 ? 20  THR A N   1 
ATOM   58   C  CA  . THR A 1 20  ? -8.828  6.899   3.252   1.00 21.97 ? 20  THR A CA  1 
ATOM   59   C  C   . THR A 1 20  ? -9.334  5.901   2.246   1.00 24.57 ? 20  THR A C   1 
ATOM   60   O  O   . THR A 1 20  ? -10.224 6.203   1.445   1.00 21.49 ? 20  THR A O   1 
ATOM   61   C  CB  . THR A 1 20  ? -9.870  7.008   4.388   1.00 24.08 ? 20  THR A CB  1 
ATOM   62   O  OG1 . THR A 1 20  ? -9.395  7.952   5.346   1.00 24.43 ? 20  THR A OG1 1 
ATOM   63   C  CG2 . THR A 1 20  ? -9.968  5.666   5.072   1.00 25.62 ? 20  THR A CG2 1 
ATOM   64   N  N   . TRP A 1 21  ? -8.674  4.727   2.219   1.00 21.91 ? 21  TRP A N   1 
ATOM   65   C  CA  . TRP A 1 21  ? -8.998  3.655   1.322   1.00 19.22 ? 21  TRP A CA  1 
ATOM   66   C  C   . TRP A 1 21  ? -9.114  2.371   2.082   1.00 18.79 ? 21  TRP A C   1 
ATOM   67   O  O   . TRP A 1 21  ? -8.546  2.228   3.142   1.00 18.85 ? 21  TRP A O   1 
ATOM   68   C  CB  . TRP A 1 21  ? -7.905  3.484   0.287   1.00 20.03 ? 21  TRP A CB  1 
ATOM   69   C  CG  . TRP A 1 21  ? -7.677  4.649   -0.605  1.00 19.15 ? 21  TRP A CG  1 
ATOM   70   C  CD1 . TRP A 1 21  ? -6.872  5.705   -0.385  1.00 21.51 ? 21  TRP A CD1 1 
ATOM   71   C  CD2 . TRP A 1 21  ? -8.191  4.795   -1.906  1.00 18.87 ? 21  TRP A CD2 1 
ATOM   72   N  NE1 . TRP A 1 21  ? -6.881  6.559   -1.472  1.00 19.33 ? 21  TRP A NE1 1 
ATOM   73   C  CE2 . TRP A 1 21  ? -7.687  5.995   -2.431  1.00 19.59 ? 21  TRP A CE2 1 
ATOM   74   C  CE3 . TRP A 1 21  ? -9.016  4.004   -2.703  1.00 18.47 ? 21  TRP A CE3 1 
ATOM   75   C  CZ2 . TRP A 1 21  ? -7.977  6.420   -3.744  1.00 18.15 ? 21  TRP A CZ2 1 
ATOM   76   C  CZ3 . TRP A 1 21  ? -9.295  4.433   -3.962  1.00 19.44 ? 21  TRP A CZ3 1 
ATOM   77   C  CH2 . TRP A 1 21  ? -8.806  5.631   -4.461  1.00 19.76 ? 21  TRP A CH2 1 
ATOM   78   N  N   . TYR A 1 22  ? -9.952  1.484   1.538   1.00 18.08 ? 22  TYR A N   1 
ATOM   79   C  CA  . TYR A 1 22  ? -10.334 0.191   2.159   1.00 19.12 ? 22  TYR A CA  1 
ATOM   80   C  C   . TYR A 1 22  ? -10.129 -0.967  1.155   1.00 18.30 ? 22  TYR A C   1 
ATOM   81   O  O   . TYR A 1 22  ? -10.429 -0.846  -0.041  1.00 17.09 ? 22  TYR A O   1 
ATOM   82   C  CB  . TYR A 1 22  ? -11.785 0.192   2.589   1.00 21.17 ? 22  TYR A CB  1 
ATOM   83   C  CG  . TYR A 1 22  ? -12.186 1.380   3.437   1.00 20.64 ? 22  TYR A CG  1 
ATOM   84   C  CD1 . TYR A 1 22  ? -11.993 1.380   4.798   1.00 24.23 ? 22  TYR A CD1 1 
ATOM   85   C  CD2 . TYR A 1 22  ? -12.677 2.535   2.830   1.00 24.19 ? 22  TYR A CD2 1 
ATOM   86   C  CE1 . TYR A 1 22  ? -12.346 2.505   5.572   1.00 24.00 ? 22  TYR A CE1 1 
ATOM   87   C  CE2 . TYR A 1 22  ? -12.991 3.642   3.563   1.00 24.52 ? 22  TYR A CE2 1 
ATOM   88   C  CZ  . TYR A 1 22  ? -12.842 3.620   4.943   1.00 27.43 ? 22  TYR A CZ  1 
ATOM   89   O  OH  . TYR A 1 22  ? -13.186 4.748   5.700   1.00 24.61 ? 22  TYR A OH  1 
ATOM   90   N  N   . ASN A 1 23  ? -9.547  -2.068  1.578   1.00 19.45 ? 23  ASN A N   1 
ATOM   91   C  CA  . ASN A 1 23  ? -9.409  -3.155  0.624   1.00 19.95 ? 23  ASN A CA  1 
ATOM   92   C  C   . ASN A 1 23  ? -10.426 -4.280  0.899   1.00 22.06 ? 23  ASN A C   1 
ATOM   93   O  O   . ASN A 1 23  ? -11.233 -4.221  1.849   1.00 18.85 ? 23  ASN A O   1 
ATOM   94   C  CB  . ASN A 1 23  ? -7.925  -3.678  0.491   1.00 18.39 ? 23  ASN A CB  1 
ATOM   95   C  CG  . ASN A 1 23  ? -7.458  -4.470  1.714   1.00 17.48 ? 23  ASN A CG  1 
ATOM   96   O  OD1 . ASN A 1 23  ? -8.245  -4.856  2.582   1.00 17.58 ? 23  ASN A OD1 1 
ATOM   97   N  ND2 . ASN A 1 23  ? -6.159  -4.701  1.797   1.00 17.33 ? 23  ASN A ND2 1 
ATOM   98   N  N   . GLN A 1 24  ? -10.270 -5.368  0.167   1.00 22.15 ? 24  GLN A N   1 
ATOM   99   C  CA  . GLN A 1 24  ? -11.244 -6.481  0.213   1.00 22.76 ? 24  GLN A CA  1 
ATOM   100  C  C   . GLN A 1 24  ? -11.134 -7.313  1.494   1.00 21.61 ? 24  GLN A C   1 
ATOM   101  O  O   . GLN A 1 24  ? -11.972 -8.166  1.768   1.00 22.63 ? 24  GLN A O   1 
ATOM   102  C  CB  . GLN A 1 24  ? -11.074 -7.383  -1.032  1.00 22.15 ? 24  GLN A CB  1 
ATOM   103  C  CG  . GLN A 1 24  ? -9.847  -8.326  -1.074  1.00 22.32 ? 24  GLN A CG  1 
ATOM   104  C  CD  . GLN A 1 24  ? -8.465  -7.619  -1.199  1.00 21.46 ? 24  GLN A CD  1 
ATOM   105  O  OE1 . GLN A 1 24  ? -8.372  -6.445  -1.549  1.00 20.71 ? 24  GLN A OE1 1 
ATOM   106  N  NE2 . GLN A 1 24  ? -7.381  -8.356  -0.860  1.00 22.44 ? 24  GLN A NE2 1 
ATOM   107  N  N   . LEU A 1 25  ? -10.082 -7.105  2.253   1.00 18.69 ? 25  LEU A N   1 
ATOM   108  C  CA  . LEU A 1 25  ? -9.876  -7.817  3.496   1.00 20.30 ? 25  LEU A CA  1 
ATOM   109  C  C   . LEU A 1 25  ? -10.452 -7.020  4.666   1.00 21.88 ? 25  LEU A C   1 
ATOM   110  O  O   . LEU A 1 25  ? -10.473 -7.529  5.794   1.00 24.42 ? 25  LEU A O   1 
ATOM   111  C  CB  . LEU A 1 25  ? -8.394  -7.992  3.759   1.00 22.01 ? 25  LEU A CB  1 
ATOM   112  C  CG  . LEU A 1 25  ? -7.683  -8.928  2.771   1.00 22.69 ? 25  LEU A CG  1 
ATOM   113  C  CD1 . LEU A 1 25  ? -6.171  -8.885  3.008   1.00 23.34 ? 25  LEU A CD1 1 
ATOM   114  C  CD2 . LEU A 1 25  ? -8.249  -10.310 2.956   1.00 24.66 ? 25  LEU A CD2 1 
ATOM   115  N  N   . GLY A 1 26  ? -10.856 -5.784  4.413   1.00 21.82 ? 26  GLY A N   1 
ATOM   116  C  CA  . GLY A 1 26  ? -11.249 -4.887  5.461   1.00 24.57 ? 26  GLY A CA  1 
ATOM   117  C  C   . GLY A 1 26  ? -10.131 -4.053  6.050   1.00 23.83 ? 26  GLY A C   1 
ATOM   118  O  O   . GLY A 1 26  ? -10.337 -3.394  7.067   1.00 22.34 ? 26  GLY A O   1 
ATOM   119  N  N   . SER A 1 27  ? -8.937  -4.081  5.449   1.00 19.49 ? 27  SER A N   1 
ATOM   120  C  CA  . SER A 1 27  ? -7.869  -3.198  5.873   1.00 19.99 ? 27  SER A CA  1 
ATOM   121  C  C   . SER A 1 27  ? -8.106  -1.747  5.424   1.00 19.73 ? 27  SER A C   1 
ATOM   122  O  O   . SER A 1 27  ? -8.801  -1.501  4.479   1.00 20.56 ? 27  SER A O   1 
ATOM   123  C  CB  . SER A 1 27  ? -6.502  -3.679  5.320   1.00 18.63 ? 27  SER A CB  1 
ATOM   124  O  OG  . SER A 1 27  ? -6.218  -4.964  5.762   1.00 16.64 ? 27  SER A OG  1 
ATOM   125  N  N   . THR A 1 28  ? -7.465  -0.814  6.104   1.00 20.08 ? 28  THR A N   1 
ATOM   126  C  CA  . THR A 1 28  ? -7.626  0.634   5.911   1.00 21.54 ? 28  THR A CA  1 
ATOM   127  C  C   . THR A 1 28  ? -6.255  1.277   5.679   1.00 20.80 ? 28  THR A C   1 
ATOM   128  O  O   . THR A 1 28  ? -5.332  1.130   6.481   1.00 21.49 ? 28  THR A O   1 
ATOM   129  C  CB  . THR A 1 28  ? -8.229  1.330   7.177   1.00 24.76 ? 28  THR A CB  1 
ATOM   130  O  OG1 . THR A 1 28  ? -9.401  0.656   7.566   1.00 28.60 ? 28  THR A OG1 1 
ATOM   131  C  CG2 . THR A 1 28  ? -8.572  2.789   6.855   1.00 28.34 ? 28  THR A CG2 1 
ATOM   132  N  N   . PHE A 1 29  ? -6.152  2.032   4.615   1.00 20.43 ? 29  PHE A N   1 
ATOM   133  C  CA  . PHE A 1 29  ? -4.917  2.681   4.154   1.00 23.22 ? 29  PHE A CA  1 
ATOM   134  C  C   . PHE A 1 29  ? -5.303  4.204   4.202   1.00 25.58 ? 29  PHE A C   1 
ATOM   135  O  O   . PHE A 1 29  ? -6.251  4.607   3.508   1.00 23.59 ? 29  PHE A O   1 
ATOM   136  C  CB  . PHE A 1 29  ? -4.695  2.094   2.715   1.00 23.50 ? 29  PHE A CB  1 
ATOM   137  C  CG  . PHE A 1 29  ? -3.781  2.824   1.844   1.00 23.67 ? 29  PHE A CG  1 
ATOM   138  C  CD1 . PHE A 1 29  ? -2.504  3.142   2.249   1.00 23.17 ? 29  PHE A CD1 1 
ATOM   139  C  CD2 . PHE A 1 29  ? -4.109  2.987   0.483   1.00 22.52 ? 29  PHE A CD2 1 
ATOM   140  C  CE1 . PHE A 1 29  ? -1.599  3.698   1.351   1.00 21.59 ? 29  PHE A CE1 1 
ATOM   141  C  CE2 . PHE A 1 29  ? -3.283  3.632   -0.351  1.00 21.14 ? 29  PHE A CE2 1 
ATOM   142  C  CZ  . PHE A 1 29  ? -1.993  3.979   0.056   1.00 22.24 ? 29  PHE A CZ  1 
ATOM   143  N  N   . ILE A 1 30  ? -4.558  5.019   4.948   1.00 21.82 ? 30  ILE A N   1 
ATOM   144  C  CA  . ILE A 1 30  ? -4.786  6.431   5.013   1.00 25.04 ? 30  ILE A CA  1 
ATOM   145  C  C   . ILE A 1 30  ? -3.540  7.099   4.472   1.00 22.91 ? 30  ILE A C   1 
ATOM   146  O  O   . ILE A 1 30  ? -2.455  6.808   4.921   1.00 21.99 ? 30  ILE A O   1 
ATOM   147  C  CB  . ILE A 1 30  ? -5.121  6.845   6.459   1.00 31.36 ? 30  ILE A CB  1 
ATOM   148  C  CG1 . ILE A 1 30  ? -6.434  6.163   6.882   1.00 32.87 ? 30  ILE A CG1 1 
ATOM   149  C  CG2 . ILE A 1 30  ? -5.235  8.368   6.548   1.00 33.79 ? 30  ILE A CG2 1 
ATOM   150  C  CD1 . ILE A 1 30  ? -6.691  6.177   8.375   1.00 36.26 ? 30  ILE A CD1 1 
ATOM   151  N  N   . VAL A 1 31  ? -3.679  7.904   3.427   1.00 21.02 ? 31  VAL A N   1 
ATOM   152  C  CA  . VAL A 1 31  ? -2.523  8.402   2.735   1.00 21.78 ? 31  VAL A CA  1 
ATOM   153  C  C   . VAL A 1 31  ? -2.652  9.884   2.345   1.00 21.70 ? 31  VAL A C   1 
ATOM   154  O  O   . VAL A 1 31  ? -3.724  10.320  1.989   1.00 22.79 ? 31  VAL A O   1 
ATOM   155  C  CB  . VAL A 1 31  ? -2.210  7.545   1.483   1.00 22.59 ? 31  VAL A CB  1 
ATOM   156  C  CG1 . VAL A 1 31  ? -3.323  7.649   0.399   1.00 24.01 ? 31  VAL A CG1 1 
ATOM   157  C  CG2 . VAL A 1 31  ? -0.845  7.866   0.903   1.00 24.41 ? 31  VAL A CG2 1 
ATOM   158  N  N   . THR A 1 32  ? -1.518  10.593  2.364   1.00 19.97 ? 32  THR A N   1 
ATOM   159  C  CA  . THR A 1 32  ? -1.387  11.890  1.760   1.00 22.87 ? 32  THR A CA  1 
ATOM   160  C  C   . THR A 1 32  ? -0.414  11.833  0.632   1.00 24.62 ? 32  THR A C   1 
ATOM   161  O  O   . THR A 1 32  ? 0.729   11.378  0.798   1.00 21.48 ? 32  THR A O   1 
ATOM   162  C  CB  . THR A 1 32  ? -0.908  12.927  2.769   1.00 26.49 ? 32  THR A CB  1 
ATOM   163  O  OG1 . THR A 1 32  ? -1.841  12.971  3.851   1.00 29.04 ? 32  THR A OG1 1 
ATOM   164  C  CG2 . THR A 1 32  ? -0.839  14.348  2.152   1.00 30.79 ? 32  THR A CG2 1 
ATOM   165  N  N   . ALA A 1 33  ? -0.852  12.328  -0.514  1.00 22.54 ? 33  ALA A N   1 
ATOM   166  C  CA  . ALA A 1 33  ? -0.012  12.447  -1.702  1.00 22.57 ? 33  ALA A CA  1 
ATOM   167  C  C   . ALA A 1 33  ? 0.562   13.863  -1.757  1.00 26.77 ? 33  ALA A C   1 
ATOM   168  O  O   . ALA A 1 33  ? -0.186  14.843  -1.648  1.00 26.72 ? 33  ALA A O   1 
ATOM   169  C  CB  . ALA A 1 33  ? -0.821  12.155  -2.939  1.00 22.80 ? 33  ALA A CB  1 
ATOM   170  N  N   . GLY A 1 34  ? 1.870   13.980  -1.904  1.00 24.52 ? 34  GLY A N   1 
ATOM   171  C  CA  . GLY A 1 34  ? 2.560   15.290  -2.027  1.00 24.73 ? 34  GLY A CA  1 
ATOM   172  C  C   . GLY A 1 34  ? 2.677   15.687  -3.497  1.00 26.26 ? 34  GLY A C   1 
ATOM   173  O  O   . GLY A 1 34  ? 2.609   14.850  -4.396  1.00 25.24 ? 34  GLY A O   1 
ATOM   174  N  N   . ALA A 1 35  ? 2.824   16.987  -3.763  1.00 26.02 ? 35  ALA A N   1 
ATOM   175  C  CA  . ALA A 1 35  ? 2.857   17.514  -5.164  1.00 27.89 ? 35  ALA A CA  1 
ATOM   176  C  C   . ALA A 1 35  ? 4.011   16.928  -6.013  1.00 32.03 ? 35  ALA A C   1 
ATOM   177  O  O   . ALA A 1 35  ? 3.889   16.832  -7.234  1.00 36.64 ? 35  ALA A O   1 
ATOM   178  C  CB  . ALA A 1 35  ? 2.941   19.046  -5.147  1.00 31.06 ? 35  ALA A CB  1 
ATOM   179  N  N   . ASP A 1 36  ? 5.075   16.563  -5.313  1.00 33.28 ? 36  ASP A N   1 
ATOM   180  C  CA  . ASP A 1 36  ? 6.350   16.014  -5.798  1.00 38.89 ? 36  ASP A CA  1 
ATOM   181  C  C   . ASP A 1 36  ? 6.284   14.491  -6.179  1.00 36.26 ? 36  ASP A C   1 
ATOM   182  O  O   . ASP A 1 36  ? 6.961   14.036  -7.107  1.00 44.46 ? 36  ASP A O   1 
ATOM   183  C  CB  . ASP A 1 36  ? 7.422   16.270  -4.670  1.00 42.13 ? 36  ASP A CB  1 
ATOM   184  C  CG  . ASP A 1 36  ? 6.962   15.735  -3.181  1.00 50.09 ? 36  ASP A CG  1 
ATOM   185  O  OD1 . ASP A 1 36  ? 5.852   15.218  -3.022  1.00 37.68 ? 36  ASP A OD1 1 
ATOM   186  O  OD2 . ASP A 1 36  ? 7.699   15.841  -2.155  1.00 50.15 ? 36  ASP A OD2 1 
ATOM   187  N  N   . GLY A 1 37  ? 5.376   13.740  -5.576  1.00 25.41 ? 37  GLY A N   1 
ATOM   188  C  CA  . GLY A 1 37  ? 5.336   12.325  -5.772  1.00 23.00 ? 37  GLY A CA  1 
ATOM   189  C  C   . GLY A 1 37  ? 5.396   11.570  -4.468  1.00 20.76 ? 37  GLY A C   1 
ATOM   190  O  O   . GLY A 1 37  ? 5.436   10.326  -4.523  1.00 19.32 ? 37  GLY A O   1 
ATOM   191  N  N   . ALA A 1 38  ? 5.476   12.250  -3.322  1.00 20.34 ? 38  ALA A N   1 
ATOM   192  C  CA  . ALA A 1 38  ? 5.535   11.527  -2.050  1.00 22.26 ? 38  ALA A CA  1 
ATOM   193  C  C   . ALA A 1 38  ? 4.219   10.875  -1.662  1.00 23.21 ? 38  ALA A C   1 
ATOM   194  O  O   . ALA A 1 38  ? 3.178   11.451  -1.862  1.00 19.00 ? 38  ALA A O   1 
ATOM   195  C  CB  . ALA A 1 38  ? 6.014   12.447  -0.919  1.00 24.95 ? 38  ALA A CB  1 
ATOM   196  N  N   . LEU A 1 39  ? 4.277   9.695   -1.035  1.00 20.01 ? 39  LEU A N   1 
ATOM   197  C  CA  . LEU A 1 39  ? 3.111   9.139   -0.318  1.00 21.09 ? 39  LEU A CA  1 
ATOM   198  C  C   . LEU A 1 39  ? 3.487   8.906   1.118   1.00 19.69 ? 39  LEU A C   1 
ATOM   199  O  O   . LEU A 1 39  ? 4.561   8.350   1.398   1.00 18.85 ? 39  LEU A O   1 
ATOM   200  C  CB  . LEU A 1 39  ? 2.617   7.786   -0.892  1.00 19.48 ? 39  LEU A CB  1 
ATOM   201  C  CG  . LEU A 1 39  ? 2.200   7.802   -2.358  1.00 19.18 ? 39  LEU A CG  1 
ATOM   202  C  CD1 . LEU A 1 39  ? 1.819   6.362   -2.767  1.00 19.02 ? 39  LEU A CD1 1 
ATOM   203  C  CD2 . LEU A 1 39  ? 1.002   8.700   -2.535  1.00 20.20 ? 39  LEU A CD2 1 
ATOM   204  N  N   . THR A 1 40  ? 2.662   9.385   2.020   1.00 19.83 ? 40  THR A N   1 
ATOM   205  C  CA  . THR A 1 40  ? 2.896   9.189   3.480   1.00 19.40 ? 40  THR A CA  1 
ATOM   206  C  C   . THR A 1 40  ? 1.600   8.864   4.154   1.00 21.71 ? 40  THR A C   1 
ATOM   207  O  O   . THR A 1 40  ? 0.562   9.406   3.766   1.00 22.56 ? 40  THR A O   1 
ATOM   208  C  CB  . THR A 1 40  ? 3.505   10.416  4.223   1.00 20.55 ? 40  THR A CB  1 
ATOM   209  O  OG1 A THR A 1 40  ? 2.782   11.547  3.796   0.50 19.53 ? 40  THR A OG1 1 
ATOM   210  O  OG1 B THR A 1 40  ? 4.310   11.192  3.321   0.50 19.69 ? 40  THR A OG1 1 
ATOM   211  C  CG2 A THR A 1 40  ? 4.980   10.706  3.772   0.50 19.88 ? 40  THR A CG2 1 
ATOM   212  C  CG2 B THR A 1 40  ? 4.395   9.881   5.304   0.50 21.27 ? 40  THR A CG2 1 
ATOM   213  N  N   . GLY A 1 41  ? 1.652   8.009   5.198   1.00 18.40 ? 41  GLY A N   1 
ATOM   214  C  CA  . GLY A 1 41  ? 0.441   7.777   5.955   1.00 18.99 ? 41  GLY A CA  1 
ATOM   215  C  C   . GLY A 1 41  ? 0.549   6.615   6.885   1.00 17.31 ? 41  GLY A C   1 
ATOM   216  O  O   . GLY A 1 41  ? 1.642   6.319   7.434   1.00 17.73 ? 41  GLY A O   1 
ATOM   217  N  N   . THR A 1 42  ? -0.603  5.959   7.038   1.00 17.26 ? 42  THR A N   1 
ATOM   218  C  CA  . THR A 1 42  ? -0.713  4.806   7.936   1.00 19.63 ? 42  THR A CA  1 
ATOM   219  C  C   . THR A 1 42  ? -1.525  3.688   7.326   1.00 18.34 ? 42  THR A C   1 
ATOM   220  O  O   . THR A 1 42  ? -2.409  3.936   6.521   1.00 20.74 ? 42  THR A O   1 
ATOM   221  C  CB  . THR A 1 42  ? -1.314  5.189   9.330   1.00 20.33 ? 42  THR A CB  1 
ATOM   222  O  OG1 . THR A 1 42  ? -2.663  5.624   9.177   1.00 22.02 ? 42  THR A OG1 1 
ATOM   223  C  CG2 . THR A 1 42  ? -0.412  6.280   10.020  1.00 24.07 ? 42  THR A CG2 1 
ATOM   224  N  N   . TYR A 1 43  ? -1.250  2.468   7.770   1.00 17.34 ? 43  TYR A N   1 
ATOM   225  C  CA  . TYR A 1 43  ? -1.926  1.296   7.297   1.00 17.44 ? 43  TYR A CA  1 
ATOM   226  C  C   . TYR A 1 43  ? -2.366  0.520   8.499   1.00 16.72 ? 43  TYR A C   1 
ATOM   227  O  O   . TYR A 1 43  ? -1.567  0.340   9.414   1.00 18.61 ? 43  TYR A O   1 
ATOM   228  C  CB  . TYR A 1 43  ? -0.955  0.430   6.473   1.00 19.25 ? 43  TYR A CB  1 
ATOM   229  C  CG  . TYR A 1 43  ? -1.676  -0.525  5.565   1.00 17.39 ? 43  TYR A CG  1 
ATOM   230  C  CD1 . TYR A 1 43  ? -2.119  -1.734  6.035   1.00 17.10 ? 43  TYR A CD1 1 
ATOM   231  C  CD2 . TYR A 1 43  ? -1.932  -0.204  4.206   1.00 16.36 ? 43  TYR A CD2 1 
ATOM   232  C  CE1 . TYR A 1 43  ? -2.768  -2.610  5.199   1.00 15.72 ? 43  TYR A CE1 1 
ATOM   233  C  CE2 . TYR A 1 43  ? -2.586  -1.061  3.378   1.00 16.87 ? 43  TYR A CE2 1 
ATOM   234  C  CZ  . TYR A 1 43  ? -2.977  -2.270  3.847   1.00 16.92 ? 43  TYR A CZ  1 
ATOM   235  O  OH  . TYR A 1 43  ? -3.695  -3.143  3.045   1.00 17.10 ? 43  TYR A OH  1 
ATOM   236  N  N   . GLU A 1 44  ? -3.555  -0.048  8.406   1.00 16.71 ? 44  GLU A N   1 
ATOM   237  C  CA  . GLU A 1 44  ? -4.082  -0.932  9.460   1.00 19.58 ? 44  GLU A CA  1 
ATOM   238  C  C   . GLU A 1 44  ? -4.645  -2.187  8.793   1.00 17.64 ? 44  GLU A C   1 
ATOM   239  O  O   . GLU A 1 44  ? -5.562  -2.105  8.005   1.00 19.79 ? 44  GLU A O   1 
ATOM   240  C  CB  . GLU A 1 44  ? -5.207  -0.176  10.208  1.00 22.29 ? 44  GLU A CB  1 
ATOM   241  C  CG  . GLU A 1 44  ? -5.875  -1.000  11.292  1.00 29.03 ? 44  GLU A CG  1 
ATOM   242  C  CD  . GLU A 1 44  ? -6.731  -0.121  12.212  1.00 35.27 ? 44  GLU A CD  1 
ATOM   243  O  OE1 . GLU A 1 44  ? -7.175  -0.704  13.219  1.00 39.31 ? 44  GLU A OE1 1 
ATOM   244  O  OE2 . GLU A 1 44  ? -6.922  1.112   11.909  1.00 32.39 ? 44  GLU A OE2 1 
ATOM   245  N  N   . SER A 1 45  ? -4.041  -3.356  9.097   1.00 18.67 ? 45  SER A N   1 
ATOM   246  C  CA  . SER A 1 45  ? -4.396  -4.584  8.464   1.00 17.03 ? 45  SER A CA  1 
ATOM   247  C  C   . SER A 1 45  ? -5.468  -5.266  9.267   1.00 19.35 ? 45  SER A C   1 
ATOM   248  O  O   . SER A 1 45  ? -5.285  -5.465  10.471  1.00 21.67 ? 45  SER A O   1 
ATOM   249  C  CB  . SER A 1 45  ? -3.225  -5.534  8.397   1.00 16.67 ? 45  SER A CB  1 
ATOM   250  O  OG  . SER A 1 45  ? -3.610  -6.726  7.723   1.00 19.44 ? 45  SER A OG  1 
ATOM   251  N  N   . ALA A 1 46  ? -6.467  -5.756  8.562   1.00 18.23 ? 46  ALA A N   1 
ATOM   252  C  CA  . ALA A 1 46  ? -7.491  -6.572  9.179   1.00 22.21 ? 46  ALA A CA  1 
ATOM   253  C  C   . ALA A 1 46  ? -7.052  -8.002  9.433   1.00 21.77 ? 46  ALA A C   1 
ATOM   254  O  O   . ALA A 1 46  ? -7.763  -8.744  10.145  1.00 20.75 ? 46  ALA A O   1 
ATOM   255  C  CB  . ALA A 1 46  ? -8.741  -6.563  8.343   1.00 23.02 ? 46  ALA A CB  1 
ATOM   256  N  N   . VAL A 1 47  ? -5.933  -8.414  8.863   1.00 19.07 ? 47  VAL A N   1 
ATOM   257  C  CA  . VAL A 1 47  ? -5.438  -9.799  9.005   1.00 19.59 ? 47  VAL A CA  1 
ATOM   258  C  C   . VAL A 1 47  ? -3.976  -9.858  9.352   1.00 18.53 ? 47  VAL A C   1 
ATOM   259  O  O   . VAL A 1 47  ? -3.238  -8.857  9.192   1.00 19.53 ? 47  VAL A O   1 
ATOM   260  C  CB  . VAL A 1 47  ? -5.638  -10.648 7.727   1.00 19.37 ? 47  VAL A CB  1 
ATOM   261  C  CG1 . VAL A 1 47  ? -7.098  -10.713 7.311   1.00 20.08 ? 47  VAL A CG1 1 
ATOM   262  C  CG2 . VAL A 1 47  ? -4.845  -10.138 6.509   1.00 17.69 ? 47  VAL A CG2 1 
ATOM   263  N  N   . GLY A 1 48  ? -3.551  -11.030 9.843   1.00 18.98 ? 48  GLY A N   1 
ATOM   264  C  CA  . GLY A 1 48  ? -2.138  -11.261 10.077  1.00 19.13 ? 48  GLY A CA  1 
ATOM   265  C  C   . GLY A 1 48  ? -1.685  -10.814 11.441  1.00 18.99 ? 48  GLY A C   1 
ATOM   266  O  O   . GLY A 1 48  ? -2.529  -10.481 12.341  1.00 20.32 ? 48  GLY A O   1 
ATOM   267  N  N   . ASN A 1 49  ? -0.373  -10.769 11.602  1.00 18.77 ? 49  ASN A N   1 
ATOM   268  C  CA  . ASN A 1 49  ? 0.265   -10.421 12.897  1.00 21.02 ? 49  ASN A CA  1 
ATOM   269  C  C   . ASN A 1 49  ? 0.473   -8.905  12.966  1.00 19.96 ? 49  ASN A C   1 
ATOM   270  O  O   . ASN A 1 49  ? 1.545   -8.391  12.736  1.00 23.15 ? 49  ASN A O   1 
ATOM   271  C  CB  . ASN A 1 49  ? 1.545   -11.223 13.084  1.00 23.48 ? 49  ASN A CB  1 
ATOM   272  C  CG  . ASN A 1 49  ? 2.162   -11.021 14.453  1.00 23.88 ? 49  ASN A CG  1 
ATOM   273  O  OD1 . ASN A 1 49  ? 1.565   -10.387 15.346  1.00 25.81 ? 49  ASN A OD1 1 
ATOM   274  N  ND2 . ASN A 1 49  ? 3.412   -11.358 14.539  1.00 24.28 ? 49  ASN A ND2 1 
ATOM   275  N  N   . ALA A 1 50  ? -0.615  -8.217  13.248  1.00 19.68 ? 50  ALA A N   1 
ATOM   276  C  CA  . ALA A 1 50  ? -0.734  -6.797  13.127  1.00 20.61 ? 50  ALA A CA  1 
ATOM   277  C  C   . ALA A 1 50  ? -1.820  -6.264  14.022  1.00 21.95 ? 50  ALA A C   1 
ATOM   278  O  O   . ALA A 1 50  ? -2.891  -6.827  14.131  1.00 20.64 ? 50  ALA A O   1 
ATOM   279  C  CB  . ALA A 1 50  ? -1.001  -6.398  11.675  1.00 21.51 ? 50  ALA A CB  1 
ATOM   280  N  N   . GLU A 1 51  ? -1.550  -5.131  14.619  1.00 20.70 ? 51  GLU A N   1 
ATOM   281  C  CA  . GLU A 1 51  ? -2.522  -4.452  15.406  1.00 24.91 ? 51  GLU A CA  1 
ATOM   282  C  C   . GLU A 1 51  ? -2.309  -2.934  15.274  1.00 20.21 ? 51  GLU A C   1 
ATOM   283  O  O   . GLU A 1 51  ? -1.173  -2.424  15.386  1.00 20.67 ? 51  GLU A O   1 
ATOM   284  C  CB  . GLU A 1 51  ? -2.339  -4.967  16.841  1.00 26.91 ? 51  GLU A CB  1 
ATOM   285  C  CG  . GLU A 1 51  ? -2.822  -4.133  17.951  1.00 32.86 ? 51  GLU A CG  1 
ATOM   286  C  CD  . GLU A 1 51  ? -2.418  -4.750  19.305  1.00 34.69 ? 51  GLU A CD  1 
ATOM   287  O  OE1 . GLU A 1 51  ? -2.768  -4.099  20.260  1.00 40.82 ? 51  GLU A OE1 1 
ATOM   288  O  OE2 . GLU A 1 51  ? -1.779  -5.847  19.427  1.00 36.35 ? 51  GLU A OE2 1 
ATOM   289  N  N   . SER A 1 52  ? -3.417  -2.229  15.125  1.00 19.27 ? 52  SER A N   1 
ATOM   290  C  CA  . SER A 1 52  ? -3.430  -0.775  15.124  1.00 22.38 ? 52  SER A CA  1 
ATOM   291  C  C   . SER A 1 52  ? -2.750  -0.281  13.838  1.00 21.42 ? 52  SER A C   1 
ATOM   292  O  O   . SER A 1 52  ? -2.755  -0.997  12.837  1.00 22.46 ? 52  SER A O   1 
ATOM   293  C  CB  . SER A 1 52  ? -2.790  -0.159  16.405  1.00 28.39 ? 52  SER A CB  1 
ATOM   294  O  OG  . SER A 1 52  ? -3.153  1.218   16.441  1.00 30.07 ? 52  SER A OG  1 
ATOM   295  N  N   . ARG A 1 53  ? -2.192  0.924   13.881  1.00 21.45 ? 53  ARG A N   1 
ATOM   296  C  CA  . ARG A 1 53  ? -1.638  1.585   12.690  1.00 21.26 ? 53  ARG A CA  1 
ATOM   297  C  C   . ARG A 1 53  ? -0.123  1.445   12.589  1.00 19.48 ? 53  ARG A C   1 
ATOM   298  O  O   . ARG A 1 53  ? 0.569   1.444   13.596  1.00 19.96 ? 53  ARG A O   1 
ATOM   299  C  CB  . ARG A 1 53  ? -1.993  3.102   12.755  1.00 23.54 ? 53  ARG A CB  1 
ATOM   300  C  CG  . ARG A 1 53  ? -3.451  3.375   12.383  1.00 27.48 ? 53  ARG A CG  1 
ATOM   301  C  CD  . ARG A 1 53  ? -3.820  4.822   12.626  1.00 34.96 ? 53  ARG A CD  1 
ATOM   302  N  NE  . ARG A 1 53  ? -3.998  4.987   14.075  1.00 46.96 ? 53  ARG A NE  1 
ATOM   303  C  CZ  . ARG A 1 53  ? -3.780  6.091   14.788  1.00 58.07 ? 53  ARG A CZ  1 
ATOM   304  N  NH1 . ARG A 1 53  ? -3.958  6.025   16.103  1.00 62.77 ? 53  ARG A NH1 1 
ATOM   305  N  NH2 . ARG A 1 53  ? -3.390  7.240   14.226  1.00 62.08 ? 53  ARG A NH2 1 
ATOM   306  N  N   . TYR A 1 54  ? 0.380   1.332   11.340  1.00 18.18 ? 54  TYR A N   1 
ATOM   307  C  CA  . TYR A 1 54  ? 1.781   1.235   11.021  1.00 16.59 ? 54  TYR A CA  1 
ATOM   308  C  C   . TYR A 1 54  ? 2.081   2.314   9.985   1.00 16.21 ? 54  TYR A C   1 
ATOM   309  O  O   . TYR A 1 54  ? 1.255   2.619   9.128   1.00 17.22 ? 54  TYR A O   1 
ATOM   310  C  CB  . TYR A 1 54  ? 2.068   -0.113  10.333  1.00 17.36 ? 54  TYR A CB  1 
ATOM   311  C  CG  . TYR A 1 54  ? 1.848   -1.283  11.289  1.00 16.55 ? 54  TYR A CG  1 
ATOM   312  C  CD1 . TYR A 1 54  ? 0.552   -1.822  11.473  1.00 16.77 ? 54  TYR A CD1 1 
ATOM   313  C  CD2 . TYR A 1 54  ? 2.900   -1.834  11.965  1.00 18.21 ? 54  TYR A CD2 1 
ATOM   314  C  CE1 . TYR A 1 54  ? 0.333   -2.858  12.376  1.00 18.84 ? 54  TYR A CE1 1 
ATOM   315  C  CE2 . TYR A 1 54  ? 2.706   -2.888  12.875  1.00 16.49 ? 54  TYR A CE2 1 
ATOM   316  C  CZ  . TYR A 1 54  ? 1.445   -3.396  13.056  1.00 18.35 ? 54  TYR A CZ  1 
ATOM   317  O  OH  . TYR A 1 54  ? 1.317   -4.384  13.997  1.00 18.95 ? 54  TYR A OH  1 
ATOM   318  N  N   . VAL A 1 55  ? 3.260   2.878   10.093  1.00 16.14 ? 55  VAL A N   1 
ATOM   319  C  CA  . VAL A 1 55  ? 3.732   3.901   9.180   1.00 16.09 ? 55  VAL A CA  1 
ATOM   320  C  C   . VAL A 1 55  ? 3.865   3.344   7.808   1.00 17.02 ? 55  VAL A C   1 
ATOM   321  O  O   . VAL A 1 55  ? 4.381   2.219   7.620   1.00 17.17 ? 55  VAL A O   1 
ATOM   322  C  CB  . VAL A 1 55  ? 5.106   4.475   9.643   1.00 19.69 ? 55  VAL A CB  1 
ATOM   323  C  CG1 . VAL A 1 55  ? 5.657   5.446   8.591   1.00 21.56 ? 55  VAL A CG1 1 
ATOM   324  C  CG2 . VAL A 1 55  ? 4.958   5.241   10.943  1.00 21.35 ? 55  VAL A CG2 1 
ATOM   325  N  N   . LEU A 1 56  ? 3.469   4.116   6.837   1.00 18.27 ? 56  LEU A N   1 
ATOM   326  C  CA  . LEU A 1 56  ? 3.798   3.756   5.459   1.00 19.94 ? 56  LEU A CA  1 
ATOM   327  C  C   . LEU A 1 56  ? 4.393   4.903   4.724   1.00 20.08 ? 56  LEU A C   1 
ATOM   328  O  O   . LEU A 1 56  ? 4.079   6.050   5.009   1.00 18.87 ? 56  LEU A O   1 
ATOM   329  C  CB  . LEU A 1 56  ? 2.575   3.301   4.704   1.00 21.59 ? 56  LEU A CB  1 
ATOM   330  C  CG  . LEU A 1 56  ? 1.540   4.285   4.256   1.00 22.88 ? 56  LEU A CG  1 
ATOM   331  C  CD1 . LEU A 1 56  ? 1.795   4.965   2.865   1.00 20.01 ? 56  LEU A CD1 1 
ATOM   332  C  CD2 . LEU A 1 56  ? 0.177   3.584   4.229   1.00 26.92 ? 56  LEU A CD2 1 
ATOM   333  N  N   . THR A 1 57  ? 5.252   4.569   3.747   1.00 16.58 ? 57  THR A N   1 
ATOM   334  C  CA  . THR A 1 57  ? 5.740   5.550   2.866   1.00 16.98 ? 57  THR A CA  1 
ATOM   335  C  C   . THR A 1 57  ? 5.787   5.040   1.462   1.00 16.37 ? 57  THR A C   1 
ATOM   336  O  O   . THR A 1 57  ? 6.008   3.811   1.265   1.00 16.97 ? 57  THR A O   1 
ATOM   337  C  CB  . THR A 1 57  ? 7.136   6.021   3.380   1.00 19.48 ? 57  THR A CB  1 
ATOM   338  O  OG1 . THR A 1 57  ? 7.543   7.094   2.606   1.00 23.73 ? 57  THR A OG1 1 
ATOM   339  C  CG2 . THR A 1 57  ? 8.204   5.035   3.207   1.00 18.24 ? 57  THR A CG2 1 
ATOM   340  N  N   . GLY A 1 58  ? 5.700   5.931   0.474   1.00 15.51 ? 58  GLY A N   1 
ATOM   341  C  CA  . GLY A 1 58  ? 5.894   5.462   -0.891  1.00 15.18 ? 58  GLY A CA  1 
ATOM   342  C  C   . GLY A 1 58  ? 6.000   6.576   -1.884  1.00 15.74 ? 58  GLY A C   1 
ATOM   343  O  O   . GLY A 1 58  ? 6.258   7.740   -1.512  1.00 16.01 ? 58  GLY A O   1 
ATOM   344  N  N   . ARG A 1 59  ? 5.732   6.268   -3.141  1.00 17.07 ? 59  ARG A N   1 
ATOM   345  C  CA  . ARG A 1 59  ? 5.884   7.227   -4.266  1.00 17.50 ? 59  ARG A CA  1 
ATOM   346  C  C   . ARG A 1 59  ? 4.759   6.999   -5.311  1.00 18.99 ? 59  ARG A C   1 
ATOM   347  O  O   . ARG A 1 59  ? 4.291   5.854   -5.521  1.00 18.45 ? 59  ARG A O   1 
ATOM   348  C  CB  . ARG A 1 59  ? 7.273   7.044   -4.946  1.00 17.23 ? 59  ARG A CB  1 
ATOM   349  C  CG  . ARG A 1 59  ? 8.466   7.219   -4.080  1.00 17.70 ? 59  ARG A CG  1 
ATOM   350  C  CD  . ARG A 1 59  ? 8.781   8.601   -3.620  1.00 16.88 ? 59  ARG A CD  1 
ATOM   351  N  NE  . ARG A 1 59  ? 9.002   9.478   -4.770  1.00 18.49 ? 59  ARG A NE  1 
ATOM   352  C  CZ  . ARG A 1 59  ? 8.989   10.808  -4.703  1.00 19.87 ? 59  ARG A CZ  1 
ATOM   353  N  NH1 . ARG A 1 59  ? 8.815   11.457  -3.558  1.00 20.71 ? 59  ARG A NH1 1 
ATOM   354  N  NH2 . ARG A 1 59  ? 9.198   11.510  -5.797  1.00 20.86 ? 59  ARG A NH2 1 
ATOM   355  N  N   . TYR A 1 60  ? 4.383   8.057   -6.038  1.00 16.92 ? 60  TYR A N   1 
ATOM   356  C  CA  . TYR A 1 60  ? 3.453   7.881   -7.145  1.00 16.70 ? 60  TYR A CA  1 
ATOM   357  C  C   . TYR A 1 60  ? 3.942   8.782   -8.256  1.00 16.21 ? 60  TYR A C   1 
ATOM   358  O  O   . TYR A 1 60  ? 4.676   9.718   -7.971  1.00 16.32 ? 60  TYR A O   1 
ATOM   359  C  CB  . TYR A 1 60  ? 2.054   8.256   -6.701  1.00 17.14 ? 60  TYR A CB  1 
ATOM   360  C  CG  . TYR A 1 60  ? 1.772   9.724   -6.545  1.00 18.66 ? 60  TYR A CG  1 
ATOM   361  C  CD1 . TYR A 1 60  ? 2.235   10.429  -5.451  1.00 20.65 ? 60  TYR A CD1 1 
ATOM   362  C  CD2 . TYR A 1 60  ? 0.992   10.406  -7.477  1.00 19.56 ? 60  TYR A CD2 1 
ATOM   363  C  CE1 . TYR A 1 60  ? 1.941   11.795  -5.303  1.00 22.46 ? 60  TYR A CE1 1 
ATOM   364  C  CE2 . TYR A 1 60  ? 0.696   11.757  -7.322  1.00 23.72 ? 60  TYR A CE2 1 
ATOM   365  C  CZ  . TYR A 1 60  ? 1.195   12.446  -6.253  1.00 23.76 ? 60  TYR A CZ  1 
ATOM   366  O  OH  . TYR A 1 60  ? 0.908   13.790  -6.088  1.00 24.66 ? 60  TYR A OH  1 
ATOM   367  N  N   . ASP A 1 61  ? 3.462   8.524   -9.447  1.00 17.26 ? 61  ASP A N   1 
ATOM   368  C  CA  . ASP A 1 61  ? 3.754   9.304   -10.679 1.00 15.57 ? 61  ASP A CA  1 
ATOM   369  C  C   . ASP A 1 61  ? 2.824   10.526  -10.602 1.00 18.84 ? 61  ASP A C   1 
ATOM   370  O  O   . ASP A 1 61  ? 1.619   10.426  -10.729 1.00 20.90 ? 61  ASP A O   1 
ATOM   371  C  CB  . ASP A 1 61  ? 3.465   8.510   -11.874 1.00 17.23 ? 61  ASP A CB  1 
ATOM   372  C  CG  . ASP A 1 61  ? 3.629   9.306   -13.193 1.00 18.20 ? 61  ASP A CG  1 
ATOM   373  O  OD1 . ASP A 1 61  ? 4.087   10.504  -13.126 1.00 19.35 ? 61  ASP A OD1 1 
ATOM   374  O  OD2 . ASP A 1 61  ? 3.283   8.681   -14.232 1.00 19.88 ? 61  ASP A OD2 1 
ATOM   375  N  N   . SER A 1 62  ? 3.443   11.667  -10.313 1.00 19.43 ? 62  SER A N   1 
ATOM   376  C  CA  . SER A 1 62  ? 2.701   12.932  -10.168 1.00 21.47 ? 62  SER A CA  1 
ATOM   377  C  C   . SER A 1 62  ? 2.349   13.601  -11.502 1.00 23.16 ? 62  SER A C   1 
ATOM   378  O  O   . SER A 1 62  ? 1.618   14.631  -11.511 1.00 23.75 ? 62  SER A O   1 
ATOM   379  C  CB  . SER A 1 62  ? 3.490   13.886  -9.280  1.00 21.98 ? 62  SER A CB  1 
ATOM   380  O  OG  . SER A 1 62  ? 4.787   14.153  -9.779  1.00 26.17 ? 62  SER A OG  1 
ATOM   381  N  N   . ALA A 1 63  ? 2.838   13.063  -12.610 1.00 21.80 ? 63  ALA A N   1 
ATOM   382  C  CA  . ALA A 1 63  ? 2.446   13.598  -13.936 1.00 24.92 ? 63  ALA A CA  1 
ATOM   383  C  C   . ALA A 1 63  ? 2.121   12.435  -14.867 1.00 24.89 ? 63  ALA A C   1 
ATOM   384  O  O   . ALA A 1 63  ? 2.856   12.143  -15.809 1.00 26.09 ? 63  ALA A O   1 
ATOM   385  C  CB  . ALA A 1 63  ? 3.537   14.504  -14.512 1.00 24.68 ? 63  ALA A CB  1 
ATOM   386  N  N   . PRO A 1 64  ? 1.002   11.767  -14.614 1.00 28.65 ? 64  PRO A N   1 
ATOM   387  C  CA  . PRO A 1 64  ? 0.695   10.571  -15.444 1.00 26.27 ? 64  PRO A CA  1 
ATOM   388  C  C   . PRO A 1 64  ? 0.314   10.860  -16.892 1.00 28.83 ? 64  PRO A C   1 
ATOM   389  O  O   . PRO A 1 64  ? 0.103   12.013  -17.278 1.00 30.01 ? 64  PRO A O   1 
ATOM   390  C  CB  . PRO A 1 64  ? -0.452  9.911   -14.683 1.00 27.63 ? 64  PRO A CB  1 
ATOM   391  C  CG  . PRO A 1 64  ? -1.099  11.033  -13.954 1.00 28.12 ? 64  PRO A CG  1 
ATOM   392  C  CD  . PRO A 1 64  ? -0.053  12.031  -13.619 1.00 26.97 ? 64  PRO A CD  1 
ATOM   393  N  N   . ALA A 1 65  ? 0.255   9.813   -17.699 1.00 29.34 ? 65  ALA A N   1 
ATOM   394  C  CA  . ALA A 1 65  ? -0.129  9.995   -19.093 1.00 32.38 ? 65  ALA A CA  1 
ATOM   395  C  C   . ALA A 1 65  ? -1.614  10.447  -19.148 1.00 34.58 ? 65  ALA A C   1 
ATOM   396  O  O   . ALA A 1 65  ? -2.381  10.222  -18.227 1.00 32.06 ? 65  ALA A O   1 
ATOM   397  C  CB  . ALA A 1 65  ? 0.153   8.722   -19.896 1.00 30.84 ? 65  ALA A CB  1 
ATOM   398  N  N   . THR A 1 66  ? -1.994  11.167  -20.195 1.00 40.94 ? 66  THR A N   1 
ATOM   399  C  CA  . THR A 1 66  ? -3.344  11.728  -20.271 1.00 48.28 ? 66  THR A CA  1 
ATOM   400  C  C   . THR A 1 66  ? -4.182  10.931  -21.259 1.00 50.44 ? 66  THR A C   1 
ATOM   401  O  O   . THR A 1 66  ? -5.168  11.443  -21.781 1.00 51.25 ? 66  THR A O   1 
ATOM   402  C  CB  . THR A 1 66  ? -3.261  13.203  -20.714 1.00 48.05 ? 66  THR A CB  1 
ATOM   403  O  OG1 . THR A 1 66  ? -2.475  13.265  -21.900 1.00 45.98 ? 66  THR A OG1 1 
ATOM   404  C  CG2 . THR A 1 66  ? -2.575  14.042  -19.655 1.00 50.48 ? 66  THR A CG2 1 
ATOM   405  N  N   . ASP A 1 67  ? -3.806  9.674   -21.490 1.00 45.08 ? 67  ASP A N   1 
ATOM   406  C  CA  . ASP A 1 67  ? -4.410  8.846   -22.522 1.00 43.82 ? 67  ASP A CA  1 
ATOM   407  C  C   . ASP A 1 67  ? -5.447  7.826   -21.949 1.00 43.09 ? 67  ASP A C   1 
ATOM   408  O  O   . ASP A 1 67  ? -5.825  6.857   -22.600 1.00 45.12 ? 67  ASP A O   1 
ATOM   409  C  CB  . ASP A 1 67  ? -3.297  8.156   -23.289 1.00 44.71 ? 67  ASP A CB  1 
ATOM   410  C  CG  . ASP A 1 67  ? -2.495  7.185   -22.420 1.00 48.15 ? 67  ASP A CG  1 
ATOM   411  O  OD1 . ASP A 1 67  ? -2.776  7.076   -21.188 1.00 37.64 ? 67  ASP A OD1 1 
ATOM   412  O  OD2 . ASP A 1 67  ? -1.588  6.553   -22.992 1.00 45.54 ? 67  ASP A OD2 1 
ATOM   413  N  N   . GLY A 1 68  ? -5.896  8.066   -20.725 1.00 39.79 ? 68  GLY A N   1 
ATOM   414  C  CA  . GLY A 1 68  ? -6.747  7.137   -20.019 1.00 37.51 ? 68  GLY A CA  1 
ATOM   415  C  C   . GLY A 1 68  ? -6.008  6.100   -19.168 1.00 32.18 ? 68  GLY A C   1 
ATOM   416  O  O   . GLY A 1 68  ? -6.663  5.220   -18.589 1.00 33.92 ? 68  GLY A O   1 
ATOM   417  N  N   . SER A 1 69  ? -4.680  6.160   -19.124 1.00 28.36 ? 69  SER A N   1 
ATOM   418  C  CA  . SER A 1 69  ? -3.907  5.219   -18.325 1.00 25.67 ? 69  SER A CA  1 
ATOM   419  C  C   . SER A 1 69  ? -4.070  5.560   -16.858 1.00 21.37 ? 69  SER A C   1 
ATOM   420  O  O   . SER A 1 69  ? -4.322  6.698   -16.499 1.00 24.89 ? 69  SER A O   1 
ATOM   421  C  CB  . SER A 1 69  ? -2.463  5.231   -18.721 1.00 26.75 ? 69  SER A CB  1 
ATOM   422  O  OG  . SER A 1 69  ? -2.249  4.770   -20.043 1.00 33.17 ? 69  SER A OG  1 
ATOM   423  N  N   . GLY A 1 70  ? -3.996  4.544   -16.009 1.00 20.90 ? 70  GLY A N   1 
ATOM   424  C  CA  . GLY A 1 70  ? -3.864  4.682   -14.600 1.00 19.80 ? 70  GLY A CA  1 
ATOM   425  C  C   . GLY A 1 70  ? -2.557  5.384   -14.169 1.00 19.19 ? 70  GLY A C   1 
ATOM   426  O  O   . GLY A 1 70  ? -1.703  5.686   -14.953 1.00 18.58 ? 70  GLY A O   1 
ATOM   427  N  N   . THR A 1 71  ? -2.437  5.620   -12.888 1.00 20.23 ? 71  THR A N   1 
ATOM   428  C  CA  . THR A 1 71  ? -1.294  6.372   -12.271 1.00 18.24 ? 71  THR A CA  1 
ATOM   429  C  C   . THR A 1 71  ? -0.537  5.365   -11.443 1.00 18.97 ? 71  THR A C   1 
ATOM   430  O  O   . THR A 1 71  ? -1.067  4.898   -10.421 1.00 19.35 ? 71  THR A O   1 
ATOM   431  C  CB  . THR A 1 71  ? -1.823  7.512   -11.396 1.00 21.64 ? 71  THR A CB  1 
ATOM   432  O  OG1 . THR A 1 71  ? -2.561  8.431   -12.242 1.00 20.74 ? 71  THR A OG1 1 
ATOM   433  C  CG2 . THR A 1 71  ? -0.687  8.212   -10.711 1.00 21.10 ? 71  THR A CG2 1 
ATOM   434  N  N   . ALA A 1 72  ? 0.701   5.099   -11.830 1.00 19.36 ? 72  ALA A N   1 
ATOM   435  C  CA  . ALA A 1 72  ? 1.558   4.146   -11.097 1.00 18.12 ? 72  ALA A CA  1 
ATOM   436  C  C   . ALA A 1 72  ? 1.957   4.650   -9.721  1.00 17.87 ? 72  ALA A C   1 
ATOM   437  O  O   . ALA A 1 72  ? 2.196   5.841   -9.519  1.00 17.65 ? 72  ALA A O   1 
ATOM   438  C  CB  . ALA A 1 72  ? 2.825   3.855   -11.877 1.00 20.37 ? 72  ALA A CB  1 
ATOM   439  N  N   . LEU A 1 73  ? 1.994   3.711   -8.766  1.00 17.17 ? 73  LEU A N   1 
ATOM   440  C  CA  . LEU A 1 73  ? 2.346   4.070   -7.394  1.00 18.90 ? 73  LEU A CA  1 
ATOM   441  C  C   . LEU A 1 73  ? 2.815   2.808   -6.638  1.00 17.57 ? 73  LEU A C   1 
ATOM   442  O  O   . LEU A 1 73  ? 2.588   1.699   -7.111  1.00 17.78 ? 73  LEU A O   1 
ATOM   443  C  CB  . LEU A 1 73  ? 1.201   4.808   -6.665  1.00 19.84 ? 73  LEU A CB  1 
ATOM   444  C  CG  . LEU A 1 73  ? 0.073   4.023   -5.995  1.00 22.40 ? 73  LEU A CG  1 
ATOM   445  C  CD1 . LEU A 1 73  ? -0.960  4.977   -5.411  1.00 26.39 ? 73  LEU A CD1 1 
ATOM   446  C  CD2 . LEU A 1 73  ? -0.644  3.144   -6.973  1.00 22.55 ? 73  LEU A CD2 1 
ATOM   447  N  N   . GLY A 1 74  ? 3.456   3.023   -5.494  1.00 16.70 ? 74  GLY A N   1 
ATOM   448  C  CA  . GLY A 1 74  ? 3.771   1.936   -4.594  1.00 16.30 ? 74  GLY A CA  1 
ATOM   449  C  C   . GLY A 1 74  ? 4.046   2.447   -3.251  1.00 15.62 ? 74  GLY A C   1 
ATOM   450  O  O   . GLY A 1 74  ? 4.299   3.677   -3.090  1.00 16.16 ? 74  GLY A O   1 
ATOM   451  N  N   . TRP A 1 75  ? 3.922   1.569   -2.271  1.00 14.28 ? 75  TRP A N   1 
ATOM   452  C  CA  . TRP A 1 75  ? 4.239   1.959   -0.890  1.00 15.24 ? 75  TRP A CA  1 
ATOM   453  C  C   . TRP A 1 75  ? 4.720   0.755   -0.098  1.00 16.65 ? 75  TRP A C   1 
ATOM   454  O  O   . TRP A 1 75  ? 4.487   -0.382  -0.505  1.00 15.16 ? 75  TRP A O   1 
ATOM   455  C  CB  . TRP A 1 75  ? 3.108   2.702   -0.200  1.00 15.27 ? 75  TRP A CB  1 
ATOM   456  C  CG  . TRP A 1 75  ? 1.899   1.856   0.052   1.00 13.76 ? 75  TRP A CG  1 
ATOM   457  C  CD1 . TRP A 1 75  ? 1.627   1.103   1.232   1.00 15.44 ? 75  TRP A CD1 1 
ATOM   458  C  CD2 . TRP A 1 75  ? 0.786   1.647   -0.802  1.00 14.36 ? 75  TRP A CD2 1 
ATOM   459  N  NE1 . TRP A 1 75  ? 0.424   0.491   1.085   1.00 14.82 ? 75  TRP A NE1 1 
ATOM   460  C  CE2 . TRP A 1 75  ? -0.101  0.795   -0.141  1.00 14.21 ? 75  TRP A CE2 1 
ATOM   461  C  CE3 . TRP A 1 75  ? 0.432   2.123   -2.051  1.00 15.16 ? 75  TRP A CE3 1 
ATOM   462  C  CZ2 . TRP A 1 75  ? -1.322  0.370   -0.730  1.00 15.92 ? 75  TRP A CZ2 1 
ATOM   463  C  CZ3 . TRP A 1 75  ? -0.738  1.725   -2.626  1.00 16.21 ? 75  TRP A CZ3 1 
ATOM   464  C  CH2 . TRP A 1 75  ? -1.592  0.832   -1.981  1.00 16.59 ? 75  TRP A CH2 1 
ATOM   465  N  N   . THR A 1 76  ? 5.406   1.014   1.018   1.00 15.16 ? 76  THR A N   1 
ATOM   466  C  CA  . THR A 1 76  ? 5.853   -0.011  1.918   1.00 14.86 ? 76  THR A CA  1 
ATOM   467  C  C   . THR A 1 76  ? 5.346   0.230   3.326   1.00 14.40 ? 76  THR A C   1 
ATOM   468  O  O   . THR A 1 76  ? 5.283   1.392   3.824   1.00 16.34 ? 76  THR A O   1 
ATOM   469  C  CB  . THR A 1 76  ? 7.390   0.083   2.019   1.00 15.63 ? 76  THR A CB  1 
ATOM   470  O  OG1 . THR A 1 76  ? 7.932   -0.007  0.691   1.00 15.86 ? 76  THR A OG1 1 
ATOM   471  C  CG2 . THR A 1 76  ? 7.906   -1.041  2.872   1.00 16.07 ? 76  THR A CG2 1 
ATOM   472  N  N   . VAL A 1 77  ? 5.102   -0.879  4.012   1.00 14.98 ? 77  VAL A N   1 
ATOM   473  C  CA  . VAL A 1 77  ? 4.869   -0.982  5.458   1.00 16.08 ? 77  VAL A CA  1 
ATOM   474  C  C   . VAL A 1 77  ? 5.828   -2.004  6.023   1.00 17.64 ? 77  VAL A C   1 
ATOM   475  O  O   . VAL A 1 77  ? 5.855   -3.094  5.571   1.00 19.43 ? 77  VAL A O   1 
ATOM   476  C  CB  . VAL A 1 77  ? 3.422   -1.389  5.815   1.00 17.11 ? 77  VAL A CB  1 
ATOM   477  C  CG1 . VAL A 1 77  ? 3.310   -1.707  7.323   1.00 18.07 ? 77  VAL A CG1 1 
ATOM   478  C  CG2 . VAL A 1 77  ? 2.452   -0.300  5.383   1.00 19.51 ? 77  VAL A CG2 1 
ATOM   479  N  N   . ALA A 1 78  ? 6.637   -1.609  7.018   1.00 15.72 ? 78  ALA A N   1 
ATOM   480  C  CA  . ALA A 1 78  ? 7.328   -2.544  7.907   1.00 15.20 ? 78  ALA A CA  1 
ATOM   481  C  C   . ALA A 1 78  ? 6.475   -2.773  9.135   1.00 16.22 ? 78  ALA A C   1 
ATOM   482  O  O   . ALA A 1 78  ? 6.029   -1.834  9.719   1.00 16.71 ? 78  ALA A O   1 
ATOM   483  C  CB  . ALA A 1 78  ? 8.674   -1.917  8.356   1.00 15.73 ? 78  ALA A CB  1 
ATOM   484  N  N   . TRP A 1 79  ? 6.252   -4.018  9.475   1.00 15.92 ? 79  TRP A N   1 
ATOM   485  C  CA  . TRP A 1 79  ? 5.246   -4.408  10.434  1.00 16.17 ? 79  TRP A CA  1 
ATOM   486  C  C   . TRP A 1 79  ? 5.740   -4.378  11.870  1.00 17.39 ? 79  TRP A C   1 
ATOM   487  O  O   . TRP A 1 79  ? 5.534   -5.338  12.667  1.00 16.37 ? 79  TRP A O   1 
ATOM   488  C  CB  . TRP A 1 79  ? 4.664   -5.768  10.069  1.00 17.10 ? 79  TRP A CB  1 
ATOM   489  C  CG  . TRP A 1 79  ? 3.976   -5.763  8.730   1.00 17.39 ? 79  TRP A CG  1 
ATOM   490  C  CD1 . TRP A 1 79  ? 4.437   -6.317  7.520   1.00 18.42 ? 79  TRP A CD1 1 
ATOM   491  C  CD2 . TRP A 1 79  ? 2.709   -5.182  8.458   1.00 17.54 ? 79  TRP A CD2 1 
ATOM   492  N  NE1 . TRP A 1 79  ? 3.517   -6.102  6.539   1.00 18.85 ? 79  TRP A NE1 1 
ATOM   493  C  CE2 . TRP A 1 79  ? 2.456   -5.378  7.061   1.00 17.80 ? 79  TRP A CE2 1 
ATOM   494  C  CE3 . TRP A 1 79  ? 1.753   -4.474  9.260   1.00 16.83 ? 79  TRP A CE3 1 
ATOM   495  C  CZ2 . TRP A 1 79  ? 1.279   -4.936  6.461   1.00 16.87 ? 79  TRP A CZ2 1 
ATOM   496  C  CZ3 . TRP A 1 79  ? 0.609   -4.013  8.666   1.00 17.00 ? 79  TRP A CZ3 1 
ATOM   497  C  CH2 . TRP A 1 79  ? 0.348   -4.272  7.282   1.00 16.71 ? 79  TRP A CH2 1 
ATOM   498  N  N   . LYS A 1 80  ? 6.297   -3.227  12.183  1.00 17.25 ? 80  LYS A N   1 
ATOM   499  C  CA  . LYS A 1 80  ? 6.751   -2.880  13.549  1.00 17.65 ? 80  LYS A CA  1 
ATOM   500  C  C   . LYS A 1 80  ? 6.093   -1.581  13.914  1.00 18.82 ? 80  LYS A C   1 
ATOM   501  O  O   . LYS A 1 80  ? 6.135   -0.592  13.144  1.00 17.99 ? 80  LYS A O   1 
ATOM   502  C  CB  . LYS A 1 80  ? 8.276   -2.784  13.652  1.00 19.51 ? 80  LYS A CB  1 
ATOM   503  C  CG  . LYS A 1 80  ? 8.762   -2.329  15.033  1.00 21.29 ? 80  LYS A CG  1 
ATOM   504  C  CD  . LYS A 1 80  ? 10.236  -2.001  15.034  1.00 22.62 ? 80  LYS A CD  1 
ATOM   505  C  CE  . LYS A 1 80  ? 10.727  -1.753  16.450  1.00 25.49 ? 80  LYS A CE  1 
ATOM   506  N  NZ  . LYS A 1 80  ? 10.215  -0.397  16.852  1.00 29.62 ? 80  LYS A NZ  1 
ATOM   507  N  N   . ASN A 1 81  ? 5.463   -1.582  15.087  1.00 16.70 ? 81  ASN A N   1 
ATOM   508  C  CA  . ASN A 1 81  ? 4.875   -0.354  15.644  1.00 18.33 ? 81  ASN A CA  1 
ATOM   509  C  C   . ASN A 1 81  ? 5.019   -0.455  17.171  1.00 21.18 ? 81  ASN A C   1 
ATOM   510  O  O   . ASN A 1 81  ? 5.759   -1.289  17.669  1.00 21.14 ? 81  ASN A O   1 
ATOM   511  C  CB  . ASN A 1 81  ? 3.420   -0.083  15.197  1.00 18.78 ? 81  ASN A CB  1 
ATOM   512  C  CG  . ASN A 1 81  ? 2.429   -1.087  15.712  1.00 18.21 ? 81  ASN A CG  1 
ATOM   513  O  OD1 . ASN A 1 81  ? 2.762   -1.958  16.550  1.00 17.78 ? 81  ASN A OD1 1 
ATOM   514  N  ND2 . ASN A 1 81  ? 1.186   -1.006  15.186  1.00 19.46 ? 81  ASN A ND2 1 
ATOM   515  N  N   . ASN A 1 82  ? 4.365   0.397   17.937  1.00 21.07 ? 82  ASN A N   1 
ATOM   516  C  CA  . ASN A 1 82  ? 4.584   0.241   19.406  1.00 25.36 ? 82  ASN A CA  1 
ATOM   517  C  C   . ASN A 1 82  ? 3.906   -0.951  20.044  1.00 25.40 ? 82  ASN A C   1 
ATOM   518  O  O   . ASN A 1 82  ? 4.153   -1.195  21.221  1.00 27.39 ? 82  ASN A O   1 
ATOM   519  C  CB  . ASN A 1 82  ? 4.151   1.518   20.118  1.00 30.29 ? 82  ASN A CB  1 
ATOM   520  C  CG  . ASN A 1 82  ? 5.022   2.687   19.746  1.00 35.65 ? 82  ASN A CG  1 
ATOM   521  O  OD1 . ASN A 1 82  ? 6.220   2.544   19.511  1.00 40.27 ? 82  ASN A OD1 1 
ATOM   522  N  ND2 . ASN A 1 82  ? 4.431   3.849   19.703  1.00 40.25 ? 82  ASN A ND2 1 
ATOM   523  N  N   . TYR A 1 83  ? 3.013   -1.640  19.338  1.00 22.98 ? 83  TYR A N   1 
ATOM   524  C  CA  . TYR A 1 83  ? 2.286   -2.830  19.864  1.00 23.38 ? 83  TYR A CA  1 
ATOM   525  C  C   . TYR A 1 83  ? 2.930   -4.161  19.510  1.00 24.59 ? 83  TYR A C   1 
ATOM   526  O  O   . TYR A 1 83  ? 2.922   -5.095  20.306  1.00 20.18 ? 83  TYR A O   1 
ATOM   527  C  CB  . TYR A 1 83  ? 0.827   -2.838  19.378  1.00 26.34 ? 83  TYR A CB  1 
ATOM   528  C  CG  . TYR A 1 83  ? 0.134   -1.563  19.767  1.00 27.68 ? 83  TYR A CG  1 
ATOM   529  C  CD1 . TYR A 1 83  ? -0.266  -1.335  21.108  1.00 39.14 ? 83  TYR A CD1 1 
ATOM   530  C  CD2 . TYR A 1 83  ? -0.033  -0.540  18.857  1.00 31.20 ? 83  TYR A CD2 1 
ATOM   531  C  CE1 . TYR A 1 83  ? -0.845  -0.108  21.492  1.00 39.71 ? 83  TYR A CE1 1 
ATOM   532  C  CE2 . TYR A 1 83  ? -0.576  0.677   19.216  1.00 31.47 ? 83  TYR A CE2 1 
ATOM   533  C  CZ  . TYR A 1 83  ? -1.002  0.895   20.517  1.00 40.84 ? 83  TYR A CZ  1 
ATOM   534  O  OH  . TYR A 1 83  ? -1.553  2.127   20.819  1.00 41.79 ? 83  TYR A OH  1 
ATOM   535  N  N   . ARG A 1 84  ? 3.465   -4.279  18.288  1.00 21.73 ? 84  ARG A N   1 
ATOM   536  C  CA  . ARG A 1 84  ? 3.933   -5.560  17.783  1.00 22.55 ? 84  ARG A CA  1 
ATOM   537  C  C   . ARG A 1 84  ? 5.082   -5.406  16.808  1.00 21.11 ? 84  ARG A C   1 
ATOM   538  O  O   . ARG A 1 84  ? 5.275   -4.345  16.240  1.00 20.02 ? 84  ARG A O   1 
ATOM   539  C  CB  . ARG A 1 84  ? 2.828   -6.258  17.016  1.00 26.03 ? 84  ARG A CB  1 
ATOM   540  C  CG  . ARG A 1 84  ? 1.650   -6.603  17.857  1.00 33.37 ? 84  ARG A CG  1 
ATOM   541  C  CD  . ARG A 1 84  ? 0.899   -7.713  17.216  1.00 37.00 ? 84  ARG A CD  1 
ATOM   542  N  NE  . ARG A 1 84  ? -0.421  -7.789  17.797  1.00 34.69 ? 84  ARG A NE  1 
ATOM   543  C  CZ  . ARG A 1 84  ? -1.314  -8.655  17.400  1.00 34.73 ? 84  ARG A CZ  1 
ATOM   544  N  NH1 . ARG A 1 84  ? -2.501  -8.656  17.970  1.00 33.92 ? 84  ARG A NH1 1 
ATOM   545  N  NH2 . ARG A 1 84  ? -1.011  -9.525  16.410  1.00 33.46 ? 84  ARG A NH2 1 
ATOM   546  N  N   . ASN A 1 85  ? 5.838   -6.472  16.645  1.00 20.73 ? 85  ASN A N   1 
ATOM   547  C  CA  . ASN A 1 85  ? 6.820   -6.512  15.591  1.00 21.20 ? 85  ASN A CA  1 
ATOM   548  C  C   . ASN A 1 85  ? 6.759   -7.890  14.916  1.00 22.87 ? 85  ASN A C   1 
ATOM   549  O  O   . ASN A 1 85  ? 7.049   -8.925  15.536  1.00 21.61 ? 85  ASN A O   1 
ATOM   550  C  CB  . ASN A 1 85  ? 8.197   -6.184  16.135  1.00 21.06 ? 85  ASN A CB  1 
ATOM   551  C  CG  . ASN A 1 85  ? 9.225   -6.062  15.031  1.00 20.13 ? 85  ASN A CG  1 
ATOM   552  O  OD1 . ASN A 1 85  ? 8.911   -6.288  13.836  1.00 19.48 ? 85  ASN A OD1 1 
ATOM   553  N  ND2 . ASN A 1 85  ? 10.400  -5.603  15.389  1.00 18.96 ? 85  ASN A ND2 1 
ATOM   554  N  N   . ALA A 1 86  ? 6.248   -7.927  13.674  1.00 19.30 ? 86  ALA A N   1 
ATOM   555  C  CA  . ALA A 1 86  ? 6.083   -9.154  12.964  1.00 19.60 ? 86  ALA A CA  1 
ATOM   556  C  C   . ALA A 1 86  ? 7.288   -9.434  12.024  1.00 20.24 ? 86  ALA A C   1 
ATOM   557  O  O   . ALA A 1 86  ? 7.171   -10.302 11.160  1.00 19.93 ? 86  ALA A O   1 
ATOM   558  C  CB  . ALA A 1 86  ? 4.780   -9.175  12.164  1.00 19.99 ? 86  ALA A CB  1 
ATOM   559  N  N   . HIS A 1 87  ? 8.394   -8.706  12.193  1.00 18.23 ? 87  HIS A N   1 
ATOM   560  C  CA  . HIS A 1 87  ? 9.659   -8.946  11.479  1.00 19.33 ? 87  HIS A CA  1 
ATOM   561  C  C   . HIS A 1 87  ? 9.438   -9.190  9.969   1.00 17.38 ? 87  HIS A C   1 
ATOM   562  O  O   . HIS A 1 87  ? 9.807   -10.236 9.426   1.00 17.66 ? 87  HIS A O   1 
ATOM   563  C  CB  . HIS A 1 87  ? 10.416  -10.098 12.105  1.00 19.79 ? 87  HIS A CB  1 
ATOM   564  C  CG  . HIS A 1 87  ? 10.707  -9.868  13.549  1.00 20.95 ? 87  HIS A CG  1 
ATOM   565  N  ND1 . HIS A 1 87  ? 11.318  -8.712  14.009  1.00 19.70 ? 87  HIS A ND1 1 
ATOM   566  C  CD2 . HIS A 1 87  ? 10.393  -10.604 14.649  1.00 21.28 ? 87  HIS A CD2 1 
ATOM   567  C  CE1 . HIS A 1 87  ? 11.454  -8.796  15.325  1.00 20.69 ? 87  HIS A CE1 1 
ATOM   568  N  NE2 . HIS A 1 87  ? 10.859  -9.896  15.726  1.00 20.58 ? 87  HIS A NE2 1 
ATOM   569  N  N   . SER A 1 88  ? 8.770   -8.218  9.366   1.00 17.73 ? 88  SER A N   1 
ATOM   570  C  CA  . SER A 1 88  ? 8.305   -8.364  7.994   1.00 16.03 ? 88  SER A CA  1 
ATOM   571  C  C   . SER A 1 88  ? 7.999   -7.047  7.382   1.00 16.62 ? 88  SER A C   1 
ATOM   572  O  O   . SER A 1 88  ? 7.785   -6.074  8.098   1.00 17.65 ? 88  SER A O   1 
ATOM   573  C  CB  . SER A 1 88  ? 7.089   -9.309  7.890   1.00 16.93 ? 88  SER A CB  1 
ATOM   574  O  OG  . SER A 1 88  ? 6.025   -9.027  8.837   1.00 17.09 ? 88  SER A OG  1 
ATOM   575  N  N   . ALA A 1 89  ? 7.985   -6.994  6.048   1.00 16.56 ? 89  ALA A N   1 
ATOM   576  C  CA  . ALA A 1 89  ? 7.601   -5.784  5.355   1.00 15.96 ? 89  ALA A CA  1 
ATOM   577  C  C   . ALA A 1 89  ? 6.760   -6.165  4.131   1.00 15.31 ? 89  ALA A C   1 
ATOM   578  O  O   . ALA A 1 89  ? 7.025   -7.183  3.511   1.00 15.56 ? 89  ALA A O   1 
ATOM   579  C  CB  . ALA A 1 89  ? 8.808   -4.979  4.925   1.00 16.68 ? 89  ALA A CB  1 
ATOM   580  N  N   . THR A 1 90  ? 5.734   -5.399  3.857   1.00 15.24 ? 90  THR A N   1 
ATOM   581  C  CA  . THR A 1 90  ? 4.979   -5.546  2.630   1.00 14.52 ? 90  THR A CA  1 
ATOM   582  C  C   . THR A 1 90  ? 5.181   -4.366  1.737   1.00 14.00 ? 90  THR A C   1 
ATOM   583  O  O   . THR A 1 90  ? 5.121   -3.229  2.223   1.00 15.52 ? 90  THR A O   1 
ATOM   584  C  CB  . THR A 1 90  ? 3.478   -5.689  2.961   1.00 15.45 ? 90  THR A CB  1 
ATOM   585  O  OG1 . THR A 1 90  ? 3.228   -6.839  3.776   1.00 14.58 ? 90  THR A OG1 1 
ATOM   586  C  CG2 . THR A 1 90  ? 2.717   -5.935  1.694   1.00 14.97 ? 90  THR A CG2 1 
ATOM   587  N  N   . THR A 1 91  ? 5.340   -4.578  0.439   1.00 14.27 ? 91  THR A N   1 
ATOM   588  C  CA  . THR A 1 91  ? 5.268   -3.508  -0.569  1.00 13.32 ? 91  THR A CA  1 
ATOM   589  C  C   . THR A 1 91  ? 4.123   -3.774  -1.509  1.00 14.57 ? 91  THR A C   1 
ATOM   590  O  O   . THR A 1 91  ? 3.930   -4.898  -1.942  1.00 15.18 ? 91  THR A O   1 
ATOM   591  C  CB  . THR A 1 91  ? 6.556   -3.379  -1.393  1.00 15.41 ? 91  THR A CB  1 
ATOM   592  O  OG1 . THR A 1 91  ? 6.817   -4.585  -2.118  1.00 15.95 ? 91  THR A OG1 1 
ATOM   593  C  CG2 . THR A 1 91  ? 7.746   -3.182  -0.535  1.00 15.97 ? 91  THR A CG2 1 
ATOM   594  N  N   . TRP A 1 92  ? 3.317   -2.737  -1.785  1.00 13.33 ? 92  TRP A N   1 
ATOM   595  C  CA  . TRP A 1 92  ? 2.291   -2.791  -2.769  1.00 13.85 ? 92  TRP A CA  1 
ATOM   596  C  C   . TRP A 1 92  ? 2.760   -2.010  -3.922  1.00 15.01 ? 92  TRP A C   1 
ATOM   597  O  O   . TRP A 1 92  ? 3.154   -0.883  -3.773  1.00 14.59 ? 92  TRP A O   1 
ATOM   598  C  CB  . TRP A 1 92  ? 1.007   -2.090  -2.171  1.00 15.66 ? 92  TRP A CB  1 
ATOM   599  C  CG  . TRP A 1 92  ? 0.300   -2.834  -1.043  1.00 13.66 ? 92  TRP A CG  1 
ATOM   600  C  CD1 . TRP A 1 92  ? -0.839  -3.538  -1.184  1.00 15.70 ? 92  TRP A CD1 1 
ATOM   601  C  CD2 . TRP A 1 92  ? 0.614   -2.879  0.344   1.00 13.18 ? 92  TRP A CD2 1 
ATOM   602  N  NE1 . TRP A 1 92  ? -1.240  -4.053  -0.002  1.00 15.85 ? 92  TRP A NE1 1 
ATOM   603  C  CE2 . TRP A 1 92  ? -0.366  -3.640  0.965   1.00 14.26 ? 92  TRP A CE2 1 
ATOM   604  C  CE3 . TRP A 1 92  ? 1.627   -2.332  1.127   1.00 14.21 ? 92  TRP A CE3 1 
ATOM   605  C  CZ2 . TRP A 1 92  ? -0.372  -3.898  2.344   1.00 14.18 ? 92  TRP A CZ2 1 
ATOM   606  C  CZ3 . TRP A 1 92  ? 1.593   -2.543  2.520   1.00 14.63 ? 92  TRP A CZ3 1 
ATOM   607  C  CH2 . TRP A 1 92  ? 0.615   -3.328  3.092   1.00 15.28 ? 92  TRP A CH2 1 
ATOM   608  N  N   . SER A 1 93  ? 2.543   -2.544  -5.105  1.00 16.51 ? 93  SER A N   1 
ATOM   609  C  CA  . SER A 1 93  ? 2.869   -1.903  -6.362  1.00 15.47 ? 93  SER A CA  1 
ATOM   610  C  C   . SER A 1 93  ? 1.604   -1.976  -7.197  1.00 16.31 ? 93  SER A C   1 
ATOM   611  O  O   . SER A 1 93  ? 0.987   -3.023  -7.345  1.00 16.55 ? 93  SER A O   1 
ATOM   612  C  CB  . SER A 1 93  ? 4.028   -2.704  -6.995  1.00 14.22 ? 93  SER A CB  1 
ATOM   613  O  OG  . SER A 1 93  ? 4.365   -2.108  -8.245  1.00 16.55 ? 93  SER A OG  1 
ATOM   614  N  N   . GLY A 1 94  ? 1.182   -0.860  -7.783  1.00 17.03 ? 94  GLY A N   1 
ATOM   615  C  CA  . GLY A 1 94  ? -0.042  -0.891  -8.545  1.00 16.55 ? 94  GLY A CA  1 
ATOM   616  C  C   . GLY A 1 94  ? -0.349  0.413   -9.275  1.00 17.68 ? 94  GLY A C   1 
ATOM   617  O  O   . GLY A 1 94  ? 0.576   1.180   -9.570  1.00 18.32 ? 94  GLY A O   1 
ATOM   618  N  N   . GLN A 1 95  ? -1.644  0.644   -9.502  1.00 16.22 ? 95  GLN A N   1 
ATOM   619  C  CA  . GLN A 1 95  ? -2.074  1.844   -10.148 1.00 18.69 ? 95  GLN A CA  1 
ATOM   620  C  C   . GLN A 1 95  ? -3.379  2.339   -9.625  1.00 18.21 ? 95  GLN A C   1 
ATOM   621  O  O   . GLN A 1 95  ? -4.256  1.564   -9.286  1.00 17.77 ? 95  GLN A O   1 
ATOM   622  C  CB  . GLN A 1 95  ? -2.018  1.742   -11.679 1.00 19.56 ? 95  GLN A CB  1 
ATOM   623  C  CG  . GLN A 1 95  ? -2.907  0.727   -12.299 1.00 19.89 ? 95  GLN A CG  1 
ATOM   624  C  CD  . GLN A 1 95  ? -2.739  0.662   -13.819 1.00 21.01 ? 95  GLN A CD  1 
ATOM   625  O  OE1 . GLN A 1 95  ? -2.692  1.690   -14.514 1.00 21.00 ? 95  GLN A OE1 1 
ATOM   626  N  NE2 . GLN A 1 95  ? -2.678  -0.567  -14.357 1.00 24.37 ? 95  GLN A NE2 1 
ATOM   627  N  N   . TYR A 1 96  ? -3.444  3.659   -9.541  1.00 18.01 ? 96  TYR A N   1 
ATOM   628  C  CA  . TYR A 1 96  ? -4.681  4.404   -9.174  1.00 19.53 ? 96  TYR A CA  1 
ATOM   629  C  C   . TYR A 1 96  ? -5.488  4.640   -10.446 1.00 19.86 ? 96  TYR A C   1 
ATOM   630  O  O   . TYR A 1 96  ? -4.938  5.089   -11.446 1.00 18.66 ? 96  TYR A O   1 
ATOM   631  C  CB  . TYR A 1 96  ? -4.294  5.700   -8.485  1.00 19.89 ? 96  TYR A CB  1 
ATOM   632  C  CG  . TYR A 1 96  ? -5.365  6.744   -8.465  1.00 21.54 ? 96  TYR A CG  1 
ATOM   633  C  CD1 . TYR A 1 96  ? -6.327  6.741   -7.469  1.00 23.19 ? 96  TYR A CD1 1 
ATOM   634  C  CD2 . TYR A 1 96  ? -5.421  7.686   -9.427  1.00 23.23 ? 96  TYR A CD2 1 
ATOM   635  C  CE1 . TYR A 1 96  ? -7.308  7.716   -7.395  1.00 22.47 ? 96  TYR A CE1 1 
ATOM   636  C  CE2 . TYR A 1 96  ? -6.447  8.650   -9.430  1.00 27.80 ? 96  TYR A CE2 1 
ATOM   637  C  CZ  . TYR A 1 96  ? -7.367  8.640   -8.439  1.00 26.09 ? 96  TYR A CZ  1 
ATOM   638  O  OH  . TYR A 1 96  ? -8.310  9.604   -8.448  1.00 28.12 ? 96  TYR A OH  1 
ATOM   639  N  N   . VAL A 1 97  ? -6.782  4.318   -10.405 1.00 20.71 ? 97  VAL A N   1 
ATOM   640  C  CA  . VAL A 1 97  ? -7.661  4.535   -11.556 1.00 22.85 ? 97  VAL A CA  1 
ATOM   641  C  C   . VAL A 1 97  ? -8.761  5.472   -11.058 1.00 23.79 ? 97  VAL A C   1 
ATOM   642  O  O   . VAL A 1 97  ? -9.448  5.119   -10.109 1.00 24.58 ? 97  VAL A O   1 
ATOM   643  C  CB  . VAL A 1 97  ? -8.237  3.185   -12.032 1.00 29.12 ? 97  VAL A CB  1 
ATOM   644  C  CG1 . VAL A 1 97  ? -9.141  3.410   -13.228 1.00 30.69 ? 97  VAL A CG1 1 
ATOM   645  C  CG2 . VAL A 1 97  ? -7.096  2.276   -12.452 1.00 29.75 ? 97  VAL A CG2 1 
ATOM   646  N  N   . GLY A 1 98  ? -8.845  6.674   -11.625 1.00 29.32 ? 98  GLY A N   1 
ATOM   647  C  CA  . GLY A 1 98  ? -9.786  7.740   -11.105 1.00 33.79 ? 98  GLY A CA  1 
ATOM   648  C  C   . GLY A 1 98  ? -11.234 7.475   -11.565 1.00 38.82 ? 98  GLY A C   1 
ATOM   649  O  O   . GLY A 1 98  ? -11.516 6.434   -12.170 1.00 34.59 ? 98  GLY A O   1 
ATOM   650  N  N   . GLY A 1 99  ? -12.163 8.405   -11.302 1.00 48.22 ? 99  GLY A N   1 
ATOM   651  C  CA  . GLY A 1 99  ? -13.518 8.323   -11.922 1.00 49.51 ? 99  GLY A CA  1 
ATOM   652  C  C   . GLY A 1 99  ? -14.503 7.767   -10.926 1.00 56.29 ? 99  GLY A C   1 
ATOM   653  O  O   . GLY A 1 99  ? -14.138 7.531   -9.769  1.00 67.75 ? 99  GLY A O   1 
ATOM   654  N  N   . ALA A 1 100 ? -15.743 7.544   -11.352 1.00 58.89 ? 100 ALA A N   1 
ATOM   655  C  CA  . ALA A 1 100 ? -16.863 7.437   -10.403 1.00 60.04 ? 100 ALA A CA  1 
ATOM   656  C  C   . ALA A 1 100 ? -16.633 6.381   -9.322  1.00 59.81 ? 100 ALA A C   1 
ATOM   657  O  O   . ALA A 1 100 ? -16.825 6.652   -8.121  1.00 60.91 ? 100 ALA A O   1 
ATOM   658  C  CB  . ALA A 1 100 ? -18.181 7.205   -11.151 1.00 64.38 ? 100 ALA A CB  1 
ATOM   659  N  N   . GLU A 1 101 ? -16.207 5.193   -9.762  1.00 55.69 ? 101 GLU A N   1 
ATOM   660  C  CA  . GLU A 1 101 ? -15.686 4.146   -8.874  1.00 51.12 ? 101 GLU A CA  1 
ATOM   661  C  C   . GLU A 1 101 ? -14.103 4.178   -8.852  1.00 44.64 ? 101 GLU A C   1 
ATOM   662  O  O   . GLU A 1 101 ? -13.437 3.304   -9.448  1.00 38.63 ? 101 GLU A O   1 
ATOM   663  C  CB  . GLU A 1 101 ? -16.202 2.756   -9.299  1.00 54.55 ? 101 GLU A CB  1 
ATOM   664  C  CG  . GLU A 1 101 ? -17.648 2.416   -8.922  0.50 54.89 ? 101 GLU A CG  1 
ATOM   665  C  CD  . GLU A 1 101 ? -17.887 0.906   -8.794  0.50 53.79 ? 101 GLU A CD  1 
ATOM   666  O  OE1 . GLU A 1 101 ? -17.661 0.157   -9.768  0.50 48.30 ? 101 GLU A OE1 1 
ATOM   667  O  OE2 . GLU A 1 101 ? -18.302 0.461   -7.705  0.50 50.17 ? 101 GLU A OE2 1 
ATOM   668  N  N   . ALA A 1 102 ? -13.501 5.161   -8.164  1.00 35.29 ? 102 ALA A N   1 
ATOM   669  C  CA  . ALA A 1 102 ? -11.995 5.185   -8.089  1.00 32.13 ? 102 ALA A CA  1 
ATOM   670  C  C   . ALA A 1 102 ? -11.428 3.974   -7.366  1.00 25.36 ? 102 ALA A C   1 
ATOM   671  O  O   . ALA A 1 102 ? -12.024 3.465   -6.411  1.00 23.77 ? 102 ALA A O   1 
ATOM   672  C  CB  . ALA A 1 102 ? -11.518 6.437   -7.421  1.00 33.42 ? 102 ALA A CB  1 
ATOM   673  N  N   . ARG A 1 103 ? -10.255 3.500   -7.805  1.00 25.36 ? 103 ARG A N   1 
ATOM   674  C  CA  . ARG A 1 103 ? -9.670  2.288   -7.226  1.00 24.42 ? 103 ARG A CA  1 
ATOM   675  C  C   . ARG A 1 103 ? -8.190  2.410   -7.263  1.00 20.88 ? 103 ARG A C   1 
ATOM   676  O  O   . ARG A 1 103 ? -7.647  3.051   -8.168  1.00 19.33 ? 103 ARG A O   1 
ATOM   677  C  CB  . ARG A 1 103 ? -10.009 1.067   -8.066  1.00 33.17 ? 103 ARG A CB  1 
ATOM   678  C  CG  . ARG A 1 103 ? -11.414 0.591   -7.843  1.00 45.53 ? 103 ARG A CG  1 
ATOM   679  C  CD  . ARG A 1 103 ? -11.795 -0.627  -8.683  1.00 55.21 ? 103 ARG A CD  1 
ATOM   680  N  NE  . ARG A 1 103 ? -12.678 -1.534  -7.911  1.00 58.79 ? 103 ARG A NE  1 
ATOM   681  C  CZ  . ARG A 1 103 ? -13.936 -1.279  -7.538  1.00 65.06 ? 103 ARG A CZ  1 
ATOM   682  N  NH1 . ARG A 1 103 ? -14.591 -2.199  -6.844  1.00 70.17 ? 103 ARG A NH1 1 
ATOM   683  N  NH2 . ARG A 1 103 ? -14.556 -0.131  -7.851  1.00 72.54 ? 103 ARG A NH2 1 
ATOM   684  N  N   . ILE A 1 104 ? -7.566  1.772   -6.293  1.00 19.62 ? 104 ILE A N   1 
ATOM   685  C  CA  . ILE A 1 104 ? -6.144  1.457   -6.403  1.00 19.87 ? 104 ILE A CA  1 
ATOM   686  C  C   . ILE A 1 104 ? -6.016  -0.082  -6.510  1.00 19.74 ? 104 ILE A C   1 
ATOM   687  O  O   . ILE A 1 104 ? -6.364  -0.812  -5.578  1.00 19.32 ? 104 ILE A O   1 
ATOM   688  C  CB  . ILE A 1 104 ? -5.358  2.046   -5.218  1.00 20.15 ? 104 ILE A CB  1 
ATOM   689  C  CG1 . ILE A 1 104 ? -5.533  3.565   -5.132  1.00 20.60 ? 104 ILE A CG1 1 
ATOM   690  C  CG2 . ILE A 1 104 ? -3.879  1.766   -5.346  1.00 19.89 ? 104 ILE A CG2 1 
ATOM   691  C  CD1 . ILE A 1 104 ? -5.029  4.099   -3.842  1.00 20.54 ? 104 ILE A CD1 1 
ATOM   692  N  N   . ASN A 1 105 ? -5.497  -0.557  -7.641  1.00 19.95 ? 105 ASN A N   1 
ATOM   693  C  CA  . ASN A 1 105 ? -5.356  -1.989  -7.929  1.00 19.46 ? 105 ASN A CA  1 
ATOM   694  C  C   . ASN A 1 105 ? -3.923  -2.294  -7.705  1.00 20.00 ? 105 ASN A C   1 
ATOM   695  O  O   . ASN A 1 105 ? -3.076  -1.692  -8.330  1.00 18.23 ? 105 ASN A O   1 
ATOM   696  C  CB  . ASN A 1 105 ? -5.736  -2.311  -9.353  1.00 21.86 ? 105 ASN A CB  1 
ATOM   697  C  CG  . ASN A 1 105 ? -7.234  -2.080  -9.600  1.00 24.53 ? 105 ASN A CG  1 
ATOM   698  O  OD1 . ASN A 1 105 ? -8.025  -2.445  -8.773  1.00 26.91 ? 105 ASN A OD1 1 
ATOM   699  N  ND2 . ASN A 1 105 ? -7.578  -1.398  -10.689 1.00 25.58 ? 105 ASN A ND2 1 
ATOM   700  N  N   . THR A 1 106 ? -3.654  -3.205  -6.772  1.00 18.89 ? 106 THR A N   1 
ATOM   701  C  CA  . THR A 1 106 ? -2.290  -3.537  -6.442  1.00 18.85 ? 106 THR A CA  1 
ATOM   702  C  C   . THR A 1 106 ? -1.986  -5.041  -6.474  1.00 16.45 ? 106 THR A C   1 
ATOM   703  O  O   . THR A 1 106 ? -2.901  -5.904  -6.335  1.00 14.98 ? 106 THR A O   1 
ATOM   704  C  CB  . THR A 1 106 ? -1.907  -3.104  -5.036  1.00 16.82 ? 106 THR A CB  1 
ATOM   705  O  OG1 . THR A 1 106 ? -2.576  -3.923  -4.049  1.00 16.37 ? 106 THR A OG1 1 
ATOM   706  C  CG2 . THR A 1 106 ? -2.183  -1.562  -4.849  1.00 18.95 ? 106 THR A CG2 1 
ATOM   707  N  N   . GLN A 1 107 ? -0.693  -5.311  -6.614  1.00 15.25 ? 107 GLN A N   1 
ATOM   708  C  CA  . GLN A 1 107 ? -0.082  -6.570  -6.230  1.00 16.07 ? 107 GLN A CA  1 
ATOM   709  C  C   . GLN A 1 107 ? 0.940   -6.303  -5.122  1.00 14.93 ? 107 GLN A C   1 
ATOM   710  O  O   . GLN A 1 107 ? 1.474   -5.193  -5.019  1.00 14.80 ? 107 GLN A O   1 
ATOM   711  C  CB  . GLN A 1 107 ? 0.506   -7.300  -7.435  1.00 18.08 ? 107 GLN A CB  1 
ATOM   712  C  CG  . GLN A 1 107 ? -0.653  -7.655  -8.374  1.00 19.45 ? 107 GLN A CG  1 
ATOM   713  C  CD  . GLN A 1 107 ? -0.253  -8.464  -9.539  1.00 23.74 ? 107 GLN A CD  1 
ATOM   714  O  OE1 . GLN A 1 107 ? -0.274  -9.679  -9.482  1.00 24.09 ? 107 GLN A OE1 1 
ATOM   715  N  NE2 . GLN A 1 107 ? 0.123   -7.795  -10.631 1.00 24.45 ? 107 GLN A NE2 1 
ATOM   716  N  N   . TRP A 1 108 ? 1.171   -7.277  -4.234  1.00 14.47 ? 108 TRP A N   1 
ATOM   717  C  CA  . TRP A 1 108 ? 2.034   -7.036  -3.083  1.00 14.26 ? 108 TRP A CA  1 
ATOM   718  C  C   . TRP A 1 108 ? 2.981   -8.219  -2.826  1.00 15.37 ? 108 TRP A C   1 
ATOM   719  O  O   . TRP A 1 108 ? 2.691   -9.347  -3.233  1.00 14.92 ? 108 TRP A O   1 
ATOM   720  C  CB  . TRP A 1 108 ? 1.263   -6.645  -1.813  1.00 14.60 ? 108 TRP A CB  1 
ATOM   721  C  CG  . TRP A 1 108 ? 0.180   -7.595  -1.419  1.00 16.79 ? 108 TRP A CG  1 
ATOM   722  C  CD1 . TRP A 1 108 ? -1.182  -7.411  -1.582  1.00 16.66 ? 108 TRP A CD1 1 
ATOM   723  C  CD2 . TRP A 1 108 ? 0.320   -8.817  -0.705  1.00 16.78 ? 108 TRP A CD2 1 
ATOM   724  N  NE1 . TRP A 1 108 ? -1.884  -8.464  -1.055  1.00 16.74 ? 108 TRP A NE1 1 
ATOM   725  C  CE2 . TRP A 1 108 ? -0.993  -9.355  -0.524  1.00 16.47 ? 108 TRP A CE2 1 
ATOM   726  C  CE3 . TRP A 1 108 ? 1.396   -9.534  -0.237  1.00 17.96 ? 108 TRP A CE3 1 
ATOM   727  C  CZ2 . TRP A 1 108 ? -1.221  -10.545 0.156   1.00 15.71 ? 108 TRP A CZ2 1 
ATOM   728  C  CZ3 . TRP A 1 108 ? 1.150   -10.750 0.422   1.00 16.96 ? 108 TRP A CZ3 1 
ATOM   729  C  CH2 . TRP A 1 108 ? -0.129  -11.242 0.585   1.00 17.56 ? 108 TRP A CH2 1 
ATOM   730  N  N   . LEU A 1 109 ? 4.124   -7.909  -2.208  1.00 16.18 ? 109 LEU A N   1 
ATOM   731  C  CA  . LEU A 1 109 ? 5.119   -8.846  -1.781  1.00 15.75 ? 109 LEU A CA  1 
ATOM   732  C  C   . LEU A 1 109 ? 5.319   -8.587  -0.302  1.00 17.76 ? 109 LEU A C   1 
ATOM   733  O  O   . LEU A 1 109 ? 5.703   -7.481  0.099   1.00 17.11 ? 109 LEU A O   1 
ATOM   734  C  CB  . LEU A 1 109 ? 6.468   -8.668  -2.471  1.00 15.54 ? 109 LEU A CB  1 
ATOM   735  C  CG  . LEU A 1 109 ? 6.501   -8.887  -3.980  1.00 16.38 ? 109 LEU A CG  1 
ATOM   736  C  CD1 . LEU A 1 109 ? 7.761   -8.337  -4.555  1.00 16.52 ? 109 LEU A CD1 1 
ATOM   737  C  CD2 . LEU A 1 109 ? 6.283   -10.339 -4.310  1.00 16.48 ? 109 LEU A CD2 1 
ATOM   738  N  N   . LEU A 1 110 ? 5.108   -9.618  0.498   1.00 14.84 ? 110 LEU A N   1 
ATOM   739  C  CA  . LEU A 1 110 ? 5.357   -9.606  1.956   1.00 17.23 ? 110 LEU A CA  1 
ATOM   740  C  C   . LEU A 1 110 ? 6.580   -10.489 2.260   1.00 16.77 ? 110 LEU A C   1 
ATOM   741  O  O   . LEU A 1 110 ? 6.504   -11.689 2.180   1.00 15.82 ? 110 LEU A O   1 
ATOM   742  C  CB  . LEU A 1 110 ? 4.114   -10.121 2.644   1.00 17.90 ? 110 LEU A CB  1 
ATOM   743  C  CG  . LEU A 1 110 ? 3.944   -9.999  4.186   1.00 23.30 ? 110 LEU A CG  1 
ATOM   744  C  CD1 . LEU A 1 110 ? 2.633   -10.611 4.667   1.00 21.40 ? 110 LEU A CD1 1 
ATOM   745  C  CD2 . LEU A 1 110 ? 5.141   -10.455 4.904   1.00 27.02 ? 110 LEU A CD2 1 
ATOM   746  N  N   . THR A 1 111 ? 7.711   -9.879  2.634   1.00 17.65 ? 111 THR A N   1 
ATOM   747  C  CA  . THR A 1 111 ? 8.912   -10.624 2.967   1.00 16.66 ? 111 THR A CA  1 
ATOM   748  C  C   . THR A 1 111 ? 9.068   -10.582 4.509   1.00 17.48 ? 111 THR A C   1 
ATOM   749  O  O   . THR A 1 111 ? 8.953   -9.497  5.144   1.00 16.91 ? 111 THR A O   1 
ATOM   750  C  CB  . THR A 1 111 ? 10.149  -10.043 2.345   1.00 16.69 ? 111 THR A CB  1 
ATOM   751  O  OG1 . THR A 1 111 ? 9.966   -9.902  0.906   1.00 15.37 ? 111 THR A OG1 1 
ATOM   752  C  CG2 . THR A 1 111 ? 11.395  -10.874 2.687   1.00 18.19 ? 111 THR A CG2 1 
ATOM   753  N  N   . SER A 1 112 ? 9.330   -11.759 5.078   1.00 16.47 ? 112 SER A N   1 
ATOM   754  C  CA  . SER A 1 112 ? 9.619   -11.897 6.486   1.00 17.86 ? 112 SER A CA  1 
ATOM   755  C  C   . SER A 1 112 ? 11.111  -12.034 6.630   1.00 19.59 ? 112 SER A C   1 
ATOM   756  O  O   . SER A 1 112 ? 11.780  -12.632 5.789   1.00 18.95 ? 112 SER A O   1 
ATOM   757  C  CB  . SER A 1 112 ? 8.930   -13.106 7.116   1.00 17.31 ? 112 SER A CB  1 
ATOM   758  O  OG  . SER A 1 112 ? 7.513   -12.950 7.099   1.00 19.91 ? 112 SER A OG  1 
ATOM   759  N  N   . GLY A 1 113 ? 11.666  -11.524 7.715   1.00 20.43 ? 113 GLY A N   1 
ATOM   760  C  CA  . GLY A 1 113 ? 13.063  -11.868 8.001   1.00 21.11 ? 113 GLY A CA  1 
ATOM   761  C  C   . GLY A 1 113 ? 13.148  -13.360 8.316   1.00 20.66 ? 113 GLY A C   1 
ATOM   762  O  O   . GLY A 1 113 ? 12.342  -13.888 9.076   1.00 22.70 ? 113 GLY A O   1 
ATOM   763  N  N   . THR A 1 114 ? 14.098  -14.059 7.745   1.00 22.81 ? 114 THR A N   1 
ATOM   764  C  CA  . THR A 1 114 ? 14.272  -15.510 7.939   1.00 22.07 ? 114 THR A CA  1 
ATOM   765  C  C   . THR A 1 114 ? 15.765  -15.818 8.078   1.00 22.23 ? 114 THR A C   1 
ATOM   766  O  O   . THR A 1 114 ? 16.637  -15.056 7.669   1.00 22.09 ? 114 THR A O   1 
ATOM   767  C  CB  . THR A 1 114 ? 13.759  -16.352 6.757   1.00 23.43 ? 114 THR A CB  1 
ATOM   768  O  OG1 . THR A 1 114 ? 14.589  -16.130 5.581   1.00 22.56 ? 114 THR A OG1 1 
ATOM   769  C  CG2 . THR A 1 114 ? 12.276  -16.056 6.472   1.00 23.29 ? 114 THR A CG2 1 
ATOM   770  N  N   . THR A 1 115 ? 16.053  -17.014 8.588   1.00 23.86 ? 115 THR A N   1 
ATOM   771  C  CA  . THR A 1 115 ? 17.397  -17.560 8.435   1.00 25.21 ? 115 THR A CA  1 
ATOM   772  C  C   . THR A 1 115 ? 17.640  -17.922 6.997   1.00 28.52 ? 115 THR A C   1 
ATOM   773  O  O   . THR A 1 115 ? 16.689  -18.015 6.183   1.00 23.30 ? 115 THR A O   1 
ATOM   774  C  CB  . THR A 1 115 ? 17.574  -18.819 9.305   1.00 26.78 ? 115 THR A CB  1 
ATOM   775  O  OG1 . THR A 1 115 ? 16.618  -19.795 8.906   1.00 26.80 ? 115 THR A OG1 1 
ATOM   776  C  CG2 . THR A 1 115 ? 17.314  -18.512 10.767  1.00 27.93 ? 115 THR A CG2 1 
ATOM   777  N  N   . GLU A 1 116 ? 18.912  -18.097 6.623   1.00 28.74 ? 116 GLU A N   1 
ATOM   778  C  CA  . GLU A 1 116 ? 19.220  -18.354 5.202   1.00 35.01 ? 116 GLU A CA  1 
ATOM   779  C  C   . GLU A 1 116 ? 18.628  -19.730 4.779   1.00 31.72 ? 116 GLU A C   1 
ATOM   780  O  O   . GLU A 1 116 ? 18.171  -19.830 3.670   1.00 30.91 ? 116 GLU A O   1 
ATOM   781  C  CB  . GLU A 1 116 ? 20.731  -18.106 4.798   1.00 44.00 ? 116 GLU A CB  1 
ATOM   782  C  CG  . GLU A 1 116 ? 21.100  -16.570 4.674   1.00 51.37 ? 116 GLU A CG  1 
ATOM   783  C  CD  . GLU A 1 116 ? 21.653  -16.017 3.291   1.00 60.52 ? 116 GLU A CD  1 
ATOM   784  O  OE1 . GLU A 1 116 ? 22.734  -15.385 3.277   1.00 69.47 ? 116 GLU A OE1 1 
ATOM   785  O  OE2 . GLU A 1 116 ? 21.032  -16.104 2.200   1.00 57.63 ? 116 GLU A OE2 1 
ATOM   786  N  N   . ALA A 1 117 ? 18.509  -20.707 5.693   1.00 31.13 ? 117 ALA A N   1 
ATOM   787  C  CA  . ALA A 1 117 ? 17.879  -21.994 5.406   1.00 32.84 ? 117 ALA A CA  1 
ATOM   788  C  C   . ALA A 1 117 ? 16.430  -21.864 5.011   1.00 33.66 ? 117 ALA A C   1 
ATOM   789  O  O   . ALA A 1 117 ? 15.965  -22.653 4.200   1.00 33.79 ? 117 ALA A O   1 
ATOM   790  C  CB  . ALA A 1 117 ? 17.940  -22.937 6.601   1.00 33.99 ? 117 ALA A CB  1 
ATOM   791  N  N   . ASN A 1 118 ? 15.725  -20.882 5.596   1.00 29.04 ? 118 ASN A N   1 
ATOM   792  C  CA  . ASN A 1 118 ? 14.306  -20.645 5.315   1.00 25.93 ? 118 ASN A CA  1 
ATOM   793  C  C   . ASN A 1 118 ? 14.008  -19.503 4.297   1.00 21.72 ? 118 ASN A C   1 
ATOM   794  O  O   . ASN A 1 118 ? 12.856  -19.169 4.101   1.00 21.30 ? 118 ASN A O   1 
ATOM   795  C  CB  . ASN A 1 118 ? 13.583  -20.372 6.597   1.00 23.82 ? 118 ASN A CB  1 
ATOM   796  C  CG  . ASN A 1 118 ? 13.562  -21.588 7.532   1.00 31.09 ? 118 ASN A CG  1 
ATOM   797  O  OD1 . ASN A 1 118 ? 13.691  -22.723 7.105   1.00 33.45 ? 118 ASN A OD1 1 
ATOM   798  N  ND2 . ASN A 1 118 ? 13.352  -21.333 8.777   1.00 29.98 ? 118 ASN A ND2 1 
ATOM   799  N  N   . ALA A 1 119 ? 15.036  -18.939 3.681   1.00 21.52 ? 119 ALA A N   1 
ATOM   800  C  CA  . ALA A 1 119 ? 14.872  -17.845 2.745   1.00 22.86 ? 119 ALA A CA  1 
ATOM   801  C  C   . ALA A 1 119 ? 13.922  -18.202 1.601   1.00 19.65 ? 119 ALA A C   1 
ATOM   802  O  O   . ALA A 1 119 ? 13.200  -17.359 1.122   1.00 20.82 ? 119 ALA A O   1 
ATOM   803  C  CB  . ALA A 1 119 ? 16.199  -17.324 2.231   1.00 25.55 ? 119 ALA A CB  1 
ATOM   804  N  N   . TRP A 1 120 ? 13.907  -19.473 1.187   1.00 20.40 ? 120 TRP A N   1 
ATOM   805  C  CA  . TRP A 1 120 ? 13.066  -19.920 0.074   1.00 19.03 ? 120 TRP A CA  1 
ATOM   806  C  C   . TRP A 1 120 ? 11.562  -19.683 0.385   1.00 19.06 ? 120 TRP A C   1 
ATOM   807  O  O   . TRP A 1 120 ? 10.777  -19.491 -0.547  1.00 20.25 ? 120 TRP A O   1 
ATOM   808  C  CB  . TRP A 1 120 ? 13.354  -21.416 -0.312  1.00 18.02 ? 120 TRP A CB  1 
ATOM   809  C  CG  . TRP A 1 120 ? 12.846  -22.349 0.742   1.00 17.23 ? 120 TRP A CG  1 
ATOM   810  C  CD1 . TRP A 1 120 ? 13.477  -22.758 1.859   1.00 19.11 ? 120 TRP A CD1 1 
ATOM   811  C  CD2 . TRP A 1 120 ? 11.533  -22.929 0.804   1.00 18.60 ? 120 TRP A CD2 1 
ATOM   812  N  NE1 . TRP A 1 120 ? 12.683  -23.524 2.625   1.00 18.65 ? 120 TRP A NE1 1 
ATOM   813  C  CE2 . TRP A 1 120 ? 11.474  -23.676 1.990   1.00 20.98 ? 120 TRP A CE2 1 
ATOM   814  C  CE3 . TRP A 1 120 ? 10.431  -22.917 -0.046  1.00 19.12 ? 120 TRP A CE3 1 
ATOM   815  C  CZ2 . TRP A 1 120 ? 10.382  -24.402 2.333   1.00 20.92 ? 120 TRP A CZ2 1 
ATOM   816  C  CZ3 . TRP A 1 120 ? 9.318   -23.616 0.310   1.00 19.90 ? 120 TRP A CZ3 1 
ATOM   817  C  CH2 . TRP A 1 120 ? 9.295   -24.365 1.478   1.00 20.96 ? 120 TRP A CH2 1 
ATOM   818  N  N   . LYS A 1 121 ? 11.194  -19.663 1.672   1.00 18.12 ? 121 LYS A N   1 
ATOM   819  C  CA  . LYS A 1 121 ? 9.800   -19.442 2.100   1.00 19.11 ? 121 LYS A CA  1 
ATOM   820  C  C   . LYS A 1 121 ? 9.549   -18.119 2.774   1.00 18.97 ? 121 LYS A C   1 
ATOM   821  O  O   . LYS A 1 121 ? 8.628   -17.951 3.592   1.00 18.88 ? 121 LYS A O   1 
ATOM   822  C  CB  . LYS A 1 121 ? 9.318   -20.620 2.954   1.00 22.05 ? 121 LYS A CB  1 
ATOM   823  C  CG  . LYS A 1 121 ? 10.137  -20.899 4.171   1.00 22.57 ? 121 LYS A CG  1 
ATOM   824  C  CD  . LYS A 1 121 ? 9.427   -21.924 5.029   1.00 26.15 ? 121 LYS A CD  1 
ATOM   825  C  CE  . LYS A 1 121 ? 10.230  -22.155 6.279   1.00 28.82 ? 121 LYS A CE  1 
ATOM   826  N  NZ  . LYS A 1 121 ? 9.611   -23.278 7.003   1.00 31.82 ? 121 LYS A NZ  1 
ATOM   827  N  N   . SER A 1 122 ? 10.371  -17.134 2.434   1.00 19.40 ? 122 SER A N   1 
ATOM   828  C  CA  . SER A 1 122 ? 10.335  -15.820 3.067   1.00 18.61 ? 122 SER A CA  1 
ATOM   829  C  C   . SER A 1 122 ? 9.269   -14.885 2.513   1.00 18.33 ? 122 SER A C   1 
ATOM   830  O  O   . SER A 1 122 ? 8.862   -13.965 3.216   1.00 17.46 ? 122 SER A O   1 
ATOM   831  C  CB  . SER A 1 122 ? 11.731  -15.148 2.943   1.00 19.24 ? 122 SER A CB  1 
ATOM   832  O  OG  . SER A 1 122 ? 11.962  -14.798 1.579   1.00 18.26 ? 122 SER A OG  1 
ATOM   833  N  N   . THR A 1 123 ? 8.753   -15.126 1.286   1.00 16.52 ? 123 THR A N   1 
ATOM   834  C  CA  . THR A 1 123 ? 8.019   -14.122 0.610   1.00 15.75 ? 123 THR A CA  1 
ATOM   835  C  C   . THR A 1 123 ? 6.660   -14.584 0.097   1.00 16.45 ? 123 THR A C   1 
ATOM   836  O  O   . THR A 1 123 ? 6.570   -15.508 -0.747  1.00 16.04 ? 123 THR A O   1 
ATOM   837  C  CB  . THR A 1 123 ? 8.782   -13.550 -0.599  1.00 17.60 ? 123 THR A CB  1 
ATOM   838  O  OG1 . THR A 1 123 ? 10.098  -13.132 -0.160  1.00 16.07 ? 123 THR A OG1 1 
ATOM   839  C  CG2 . THR A 1 123 ? 8.067   -12.285 -1.143  1.00 17.28 ? 123 THR A CG2 1 
ATOM   840  N  N   . LEU A 1 124 ? 5.610   -13.939 0.640   1.00 16.56 ? 124 LEU A N   1 
ATOM   841  C  CA  . LEU A 1 124 ? 4.241   -14.084 0.172   1.00 16.54 ? 124 LEU A CA  1 
ATOM   842  C  C   . LEU A 1 124 ? 3.938   -13.078 -0.961  1.00 15.59 ? 124 LEU A C   1 
ATOM   843  O  O   . LEU A 1 124 ? 4.467   -11.996 -0.960  1.00 14.26 ? 124 LEU A O   1 
ATOM   844  C  CB  . LEU A 1 124 ? 3.280   -13.871 1.298   1.00 17.05 ? 124 LEU A CB  1 
ATOM   845  C  CG  . LEU A 1 124 ? 3.173   -14.924 2.424   1.00 18.08 ? 124 LEU A CG  1 
ATOM   846  C  CD1 . LEU A 1 124 ? 2.248   -14.380 3.489   1.00 20.12 ? 124 LEU A CD1 1 
ATOM   847  C  CD2 . LEU A 1 124 ? 2.655   -16.234 1.893   1.00 19.66 ? 124 LEU A CD2 1 
ATOM   848  N  N   . VAL A 1 125 ? 3.037   -13.470 -1.878  1.00 15.30 ? 125 VAL A N   1 
ATOM   849  C  CA  . VAL A 1 125 ? 2.572   -12.598 -2.930  1.00 15.55 ? 125 VAL A CA  1 
ATOM   850  C  C   . VAL A 1 125 ? 1.061   -12.666 -2.951  1.00 15.95 ? 125 VAL A C   1 
ATOM   851  O  O   . VAL A 1 125 ? 0.459   -13.734 -2.722  1.00 16.21 ? 125 VAL A O   1 
ATOM   852  C  CB  . VAL A 1 125 ? 3.114   -12.973 -4.323  1.00 14.69 ? 125 VAL A CB  1 
ATOM   853  C  CG1 . VAL A 1 125 ? 2.756   -14.424 -4.760  1.00 15.44 ? 125 VAL A CG1 1 
ATOM   854  C  CG2 . VAL A 1 125 ? 2.728   -11.961 -5.379  1.00 15.49 ? 125 VAL A CG2 1 
ATOM   855  N  N   . GLY A 1 126 ? 0.447   -11.497 -3.193  1.00 15.68 ? 126 GLY A N   1 
ATOM   856  C  CA  . GLY A 1 126 ? -0.997  -11.392 -3.288  1.00 15.19 ? 126 GLY A CA  1 
ATOM   857  C  C   . GLY A 1 126 ? -1.391  -10.118 -4.014  1.00 15.55 ? 126 GLY A C   1 
ATOM   858  O  O   . GLY A 1 126 ? -0.572  -9.486  -4.660  1.00 16.15 ? 126 GLY A O   1 
ATOM   859  N  N   . HIS A 1 127 ? -2.706  -9.848  -4.018  1.00 14.63 ? 127 HIS A N   1 
ATOM   860  C  CA  . HIS A 1 127 ? -3.239  -8.719  -4.712  1.00 15.77 ? 127 HIS A CA  1 
ATOM   861  C  C   . HIS A 1 127 ? -4.358  -8.114  -3.872  1.00 16.79 ? 127 HIS A C   1 
ATOM   862  O  O   . HIS A 1 127 ? -5.219  -8.861  -3.388  1.00 17.91 ? 127 HIS A O   1 
ATOM   863  C  CB  . HIS A 1 127 ? -3.652  -9.155  -6.095  1.00 17.69 ? 127 HIS A CB  1 
ATOM   864  C  CG  . HIS A 1 127 ? -4.522  -10.384 -6.104  1.00 19.26 ? 127 HIS A CG  1 
ATOM   865  N  ND1 . HIS A 1 127 ? -5.904  -10.313 -6.077  1.00 21.08 ? 127 HIS A ND1 1 
ATOM   866  C  CD2 . HIS A 1 127 ? -4.213  -11.698 -6.128  1.00 20.42 ? 127 HIS A CD2 1 
ATOM   867  C  CE1 . HIS A 1 127 ? -6.411  -11.540 -6.076  1.00 18.47 ? 127 HIS A CE1 1 
ATOM   868  N  NE2 . HIS A 1 127 ? -5.406  -12.397 -6.076  1.00 23.01 ? 127 HIS A NE2 1 
ATOM   869  N  N   . ASP A 1 128 ? -4.327  -6.810  -3.707  1.00 15.80 ? 128 ASP A N   1 
ATOM   870  C  CA  . ASP A 1 128 ? -5.381  -6.042  -2.971  1.00 15.39 ? 128 ASP A CA  1 
ATOM   871  C  C   . ASP A 1 128 ? -5.999  -5.005  -3.892  1.00 17.60 ? 128 ASP A C   1 
ATOM   872  O  O   . ASP A 1 128 ? -5.269  -4.348  -4.647  1.00 16.47 ? 128 ASP A O   1 
ATOM   873  C  CB  . ASP A 1 128 ? -4.780  -5.293  -1.802  1.00 15.84 ? 128 ASP A CB  1 
ATOM   874  C  CG  . ASP A 1 128 ? -4.352  -6.156  -0.625  1.00 16.37 ? 128 ASP A CG  1 
ATOM   875  O  OD1 . ASP A 1 128 ? -4.668  -7.371  -0.652  1.00 17.55 ? 128 ASP A OD1 1 
ATOM   876  O  OD2 . ASP A 1 128 ? -3.621  -5.652  0.289   1.00 16.09 ? 128 ASP A OD2 1 
ATOM   877  N  N   . THR A 1 129 ? -7.334  -4.821  -3.802  1.00 18.51 ? 129 THR A N   1 
ATOM   878  C  CA  . THR A 1 129 ? -7.992  -3.733  -4.464  1.00 19.90 ? 129 THR A CA  1 
ATOM   879  C  C   . THR A 1 129 ? -8.586  -2.838  -3.404  1.00 18.49 ? 129 THR A C   1 
ATOM   880  O  O   . THR A 1 129 ? -9.298  -3.296  -2.535  1.00 20.36 ? 129 THR A O   1 
ATOM   881  C  CB  . THR A 1 129 ? -9.119  -4.169  -5.366  1.00 23.67 ? 129 THR A CB  1 
ATOM   882  O  OG1 . THR A 1 129 ? -8.593  -5.045  -6.324  1.00 29.82 ? 129 THR A OG1 1 
ATOM   883  C  CG2 . THR A 1 129 ? -9.715  -2.943  -6.105  1.00 23.23 ? 129 THR A CG2 1 
ATOM   884  N  N   . PHE A 1 130 ? -8.218  -1.578  -3.496  1.00 18.43 ? 130 PHE A N   1 
ATOM   885  C  CA  . PHE A 1 130 ? -8.681  -0.495  -2.588  1.00 17.60 ? 130 PHE A CA  1 
ATOM   886  C  C   . PHE A 1 130 ? -9.718  0.371   -3.251  1.00 18.86 ? 130 PHE A C   1 
ATOM   887  O  O   . PHE A 1 130 ? -9.588  0.779   -4.422  1.00 19.41 ? 130 PHE A O   1 
ATOM   888  C  CB  . PHE A 1 130 ? -7.519  0.381   -2.148  1.00 16.95 ? 130 PHE A CB  1 
ATOM   889  C  CG  . PHE A 1 130 ? -6.436  -0.365  -1.426  1.00 16.91 ? 130 PHE A CG  1 
ATOM   890  C  CD1 . PHE A 1 130 ? -5.412  -1.064  -2.133  1.00 17.40 ? 130 PHE A CD1 1 
ATOM   891  C  CD2 . PHE A 1 130 ? -6.450  -0.453  -0.033  1.00 17.70 ? 130 PHE A CD2 1 
ATOM   892  C  CE1 . PHE A 1 130 ? -4.415  -1.736  -1.462  1.00 17.44 ? 130 PHE A CE1 1 
ATOM   893  C  CE2 . PHE A 1 130 ? -5.451  -1.145  0.641   1.00 17.97 ? 130 PHE A CE2 1 
ATOM   894  C  CZ  . PHE A 1 130 ? -4.452  -1.815  -0.090  1.00 18.66 ? 130 PHE A CZ  1 
ATOM   895  N  N   . THR A 1 131 ? -10.745 0.660   -2.462  1.00 18.91 ? 131 THR A N   1 
ATOM   896  C  CA  . THR A 1 131 ? -11.822 1.559   -2.867  1.00 19.84 ? 131 THR A CA  1 
ATOM   897  C  C   . THR A 1 131 ? -12.015 2.602   -1.789  1.00 21.62 ? 131 THR A C   1 
ATOM   898  O  O   . THR A 1 131 ? -11.564 2.442   -0.664  1.00 19.68 ? 131 THR A O   1 
ATOM   899  C  CB  . THR A 1 131 ? -13.169 0.815   -3.077  1.00 23.72 ? 131 THR A CB  1 
ATOM   900  O  OG1 . THR A 1 131 ? -13.520 0.039   -1.916  1.00 28.07 ? 131 THR A OG1 1 
ATOM   901  C  CG2 . THR A 1 131 ? -13.054 -0.112  -4.240  1.00 26.39 ? 131 THR A CG2 1 
ATOM   902  N  N   . LYS A 1 132 ? -12.710 3.679   -2.169  1.00 24.43 ? 132 LYS A N   1 
ATOM   903  C  CA  . LYS A 1 132 ? -13.056 4.758   -1.237  1.00 27.67 ? 132 LYS A CA  1 
ATOM   904  C  C   . LYS A 1 132 ? -14.217 4.445   -0.312  1.00 30.16 ? 132 LYS A C   1 
ATOM   905  O  O   . LYS A 1 132 ? -14.354 5.139   0.653   1.00 28.58 ? 132 LYS A O   1 
ATOM   906  C  CB  . LYS A 1 132 ? -13.392 6.034   -2.008  1.00 31.54 ? 132 LYS A CB  1 
ATOM   907  C  CG  . LYS A 1 132 ? -12.256 6.571   -2.854  1.00 35.11 ? 132 LYS A CG  1 
ATOM   908  C  CD  . LYS A 1 132 ? -11.061 7.013   -2.017  1.00 44.32 ? 132 LYS A CD  1 
ATOM   909  C  CE  . LYS A 1 132 ? -11.380 8.233   -1.141  1.00 52.81 ? 132 LYS A CE  1 
ATOM   910  N  NZ  . LYS A 1 132 ? -10.257 8.643   -0.243  1.00 47.21 ? 132 LYS A NZ  1 
ATOM   911  N  N   . VAL A 1 133 ? -15.064 3.449   -0.600  1.00 32.39 ? 133 VAL A N   1 
ATOM   912  C  CA  . VAL A 1 133 ? -16.131 3.043   0.347   1.00 40.95 ? 133 VAL A CA  1 
ATOM   913  C  C   . VAL A 1 133 ? -15.898 1.648   0.929   1.00 40.69 ? 133 VAL A C   1 
ATOM   914  O  O   . VAL A 1 133 ? -15.107 0.894   0.334   1.00 43.41 ? 133 VAL A O   1 
ATOM   915  C  CB  . VAL A 1 133 ? -17.530 3.242   -0.282  1.00 45.16 ? 133 VAL A CB  1 
ATOM   916  C  CG1 . VAL A 1 133 ? -17.772 4.739   -0.465  1.00 51.75 ? 133 VAL A CG1 1 
ATOM   917  C  CG2 . VAL A 1 133 ? -17.649 2.562   -1.633  1.00 51.95 ? 133 VAL A CG2 1 
HETATM 918  O  O1  . S32 B 2 .   ? -4.334  -5.538  4.057   1.00 14.68 ? 201 S32 A O1  1 
HETATM 919  C  C1  . S32 B 2 .   ? -3.576  -6.635  3.822   1.00 13.41 ? 201 S32 A C1  1 
HETATM 920  N  N2  . S32 B 2 .   ? -3.207  -7.447  4.843   1.00 14.34 ? 201 S32 A N2  1 
HETATM 921  N  N1  . S32 B 2 .   ? -3.052  -6.907  2.584   1.00 16.11 ? 201 S32 A N1  1 
HETATM 922  C  C2  . S32 B 2 .   ? -2.287  -8.169  2.760   1.00 13.49 ? 201 S32 A C2  1 
HETATM 923  C  C4  . S32 B 2 .   ? -2.413  -8.543  4.276   1.00 13.61 ? 201 S32 A C4  1 
HETATM 924  C  C3  . S32 B 2 .   ? -0.797  -7.898  2.495   1.00 15.41 ? 201 S32 A C3  1 
HETATM 925  S  S1  . S32 B 2 .   ? -0.061  -7.202  3.963   1.00 17.43 ? 201 S32 A S1  1 
HETATM 926  C  C5  . S32 B 2 .   ? -0.991  -8.496  4.857   1.00 14.56 ? 201 S32 A C5  1 
HETATM 927  C  C6  . S32 B 2 .   ? -0.887  -8.275  6.377   1.00 15.32 ? 201 S32 A C6  1 
HETATM 928  C  C7  . S32 B 2 .   ? 0.432   -8.653  6.998   1.00 15.17 ? 201 S32 A C7  1 
HETATM 929  C  C8  . S32 B 2 .   ? 0.491   -8.388  8.525   1.00 15.91 ? 201 S32 A C8  1 
HETATM 930  C  C9  . S32 B 2 .   ? 1.896   -8.548  9.153   1.00 17.91 ? 201 S32 A C9  1 
HETATM 931  C  C10 . S32 B 2 .   ? 2.299   -10.035 9.116   1.00 17.65 ? 201 S32 A C10 1 
HETATM 932  O  O2  . S32 B 2 .   ? 1.365   -10.940 9.384   1.00 18.99 ? 201 S32 A O2  1 
HETATM 933  N  N3  . S32 B 2 .   ? 3.629   -10.396 8.866   1.00 19.58 ? 201 S32 A N3  1 
HETATM 934  C  C11 . S32 B 2 .   ? 4.049   -11.776 9.236   1.00 23.18 ? 201 S32 A C11 1 
HETATM 935  C  C27 . S32 B 2 .   ? 3.749   -12.859 8.175   1.00 27.04 ? 201 S32 A C27 1 
HETATM 936  C  C12 . S32 B 2 .   ? 4.222   -14.122 8.919   1.00 27.97 ? 201 S32 A C12 1 
HETATM 937  C  C13 . S32 B 2 .   ? 4.138   -15.157 6.631   1.00 30.04 ? 201 S32 A C13 1 
HETATM 938  C  C14 . S32 B 2 .   ? 3.835   -16.428 5.867   1.00 35.75 ? 201 S32 A C14 1 
HETATM 939  C  C15 . S32 B 2 .   ? 4.789   -17.554 6.239   1.00 41.33 ? 201 S32 A C15 1 
HETATM 940  C  C19 . S32 B 2 .   ? 5.572   -18.169 5.260   1.00 46.58 ? 201 S32 A C19 1 
HETATM 941  C  C18 . S32 B 2 .   ? 6.392   -19.247 5.650   1.00 47.00 ? 201 S32 A C18 1 
HETATM 942  C  C17 . S32 B 2 .   ? 6.450   -19.721 6.986   1.00 48.10 ? 201 S32 A C17 1 
HETATM 943  C  C16 . S32 B 2 .   ? 5.651   -19.102 7.972   1.00 48.12 ? 201 S32 A C16 1 
HETATM 944  N  N5  . S32 B 2 .   ? 4.838   -18.017 7.574   1.00 43.23 ? 201 S32 A N5  1 
HETATM 945  CU CU1 . S32 B 2 .   ? 3.779   -16.951 9.020   1.00 35.66 ? 201 S32 A CU1 1 
HETATM 946  N  N4  . S32 B 2 .   ? 3.435   -15.077 7.985   1.00 30.22 ? 201 S32 A N4  1 
HETATM 947  C  C20 . S32 B 2 .   ? 1.948   -15.112 7.848   1.00 33.69 ? 201 S32 A C20 1 
HETATM 948  C  C21 . S32 B 2 .   ? 1.006   -15.142 9.088   1.00 43.38 ? 201 S32 A C21 1 
HETATM 949  C  C22 . S32 B 2 .   ? 1.546   -15.546 10.496  1.00 45.73 ? 201 S32 A C22 1 
HETATM 950  N  N6  . S32 B 2 .   ? 2.629   -16.421 10.660  1.00 41.50 ? 201 S32 A N6  1 
HETATM 951  C  C26 . S32 B 2 .   ? 0.884   -15.068 11.657  1.00 45.98 ? 201 S32 A C26 1 
HETATM 952  C  C25 . S32 B 2 .   ? 1.353   -15.414 12.947  1.00 51.05 ? 201 S32 A C25 1 
HETATM 953  C  C24 . S32 B 2 .   ? 2.465   -16.279 13.091  1.00 51.84 ? 201 S32 A C24 1 
HETATM 954  C  C23 . S32 B 2 .   ? 3.119   -16.782 11.937  1.00 49.29 ? 201 S32 A C23 1 
HETATM 955  O  O3  . S32 B 2 .   ? 5.743   -16.447 10.122  1.00 35.81 ? 201 S32 A O3  1 
HETATM 956  CU CU  . CU  C 3 .   ? 10.731  -10.939 18.078  0.50 57.31 ? 202 CU  A CU  1 
HETATM 957  C  C1  . GOL D 4 .   ? -5.429  -13.549 11.847  1.00 57.53 ? 203 GOL A C1  1 
HETATM 958  O  O1  . GOL D 4 .   ? -6.048  -12.945 10.685  1.00 44.57 ? 203 GOL A O1  1 
HETATM 959  C  C2  . GOL D 4 .   ? -4.461  -14.606 11.303  1.00 57.15 ? 203 GOL A C2  1 
HETATM 960  O  O2  . GOL D 4 .   ? -4.353  -14.302 9.910   1.00 65.02 ? 203 GOL A O2  1 
HETATM 961  C  C3  . GOL D 4 .   ? -3.014  -14.620 11.762  1.00 51.27 ? 203 GOL A C3  1 
HETATM 962  O  O3  . GOL D 4 .   ? -2.339  -15.077 10.554  1.00 49.41 ? 203 GOL A O3  1 
HETATM 963  O  O   . HOH E 5 .   ? -5.270  -15.113 8.401   1.00 35.36 ? 301 HOH A O   1 
HETATM 964  O  O   . HOH E 5 .   ? -6.580  3.137   10.435  1.00 30.20 ? 302 HOH A O   1 
HETATM 965  O  O   . HOH E 5 .   ? -8.372  14.292  -1.333  1.00 51.03 ? 303 HOH A O   1 
HETATM 966  O  O   . HOH E 5 .   ? -20.334 2.018   -7.752  1.00 78.46 ? 304 HOH A O   1 
HETATM 967  O  O   . HOH E 5 .   ? -13.199 4.335   8.234   1.00 40.64 ? 305 HOH A O   1 
HETATM 968  O  O   . HOH E 5 .   ? -13.965 3.984   -4.796  1.00 25.86 ? 306 HOH A O   1 
HETATM 969  O  O   . HOH E 5 .   ? 3.072   -6.254  13.721  1.00 18.23 ? 307 HOH A O   1 
HETATM 970  O  O   . HOH E 5 .   ? 16.771  -22.081 10.094  1.00 40.87 ? 308 HOH A O   1 
HETATM 971  O  O   . HOH E 5 .   ? -12.784 6.902   1.701   1.00 26.90 ? 309 HOH A O   1 
HETATM 972  O  O   . HOH E 5 .   ? -9.165  9.977   -2.335  1.00 39.09 ? 310 HOH A O   1 
HETATM 973  O  O   . HOH E 5 .   ? 3.084   12.643  1.467   1.00 28.92 ? 311 HOH A O   1 
HETATM 974  O  O   . HOH E 5 .   ? -3.816  7.540   10.501  1.00 37.37 ? 312 HOH A O   1 
HETATM 975  O  O   . HOH E 5 .   ? 1.635   -5.101  22.573  1.00 23.20 ? 313 HOH A O   1 
HETATM 976  O  O   . HOH E 5 .   ? 6.362   0.923   8.718   1.00 17.42 ? 314 HOH A O   1 
HETATM 977  O  O   . HOH E 5 .   ? -5.219  10.806  -13.884 1.00 43.39 ? 315 HOH A O   1 
HETATM 978  O  O   . HOH E 5 .   ? 5.752   16.558  -10.177 1.00 44.36 ? 316 HOH A O   1 
HETATM 979  O  O   . HOH E 5 .   ? -15.823 5.677   2.769   1.00 38.85 ? 317 HOH A O   1 
HETATM 980  O  O   . HOH E 5 .   ? -4.453  8.204   -14.059 1.00 31.49 ? 318 HOH A O   1 
HETATM 981  O  O   . HOH E 5 .   ? -7.413  12.036  -9.938  1.00 41.98 ? 319 HOH A O   1 
HETATM 982  O  O   . HOH E 5 .   ? 7.990   2.545   -0.160  0.50 29.56 ? 320 HOH A O   1 
HETATM 983  O  O   . HOH E 5 .   ? 9.727   -17.026 -0.839  1.00 18.11 ? 321 HOH A O   1 
HETATM 984  O  O   . HOH E 5 .   ? 6.426   -13.693 4.743   1.00 20.61 ? 322 HOH A O   1 
HETATM 985  O  O   . HOH E 5 .   ? -7.144  -7.907  -6.268  1.00 31.40 ? 323 HOH A O   1 
HETATM 986  O  O   . HOH E 5 .   ? -2.983  -3.478  11.730  1.00 19.80 ? 324 HOH A O   1 
HETATM 987  O  O   . HOH E 5 .   ? 9.092   10.695  -0.932  1.00 28.77 ? 325 HOH A O   1 
HETATM 988  O  O   . HOH E 5 .   ? 6.429   11.475  -9.162  1.00 19.12 ? 326 HOH A O   1 
HETATM 989  O  O   . HOH E 5 .   ? 9.259   14.155  -3.921  1.00 54.34 ? 327 HOH A O   1 
HETATM 990  O  O   . HOH E 5 .   ? 6.997   -11.560 16.357  1.00 45.10 ? 328 HOH A O   1 
HETATM 991  O  O   . HOH E 5 .   ? 8.252   -1.143  18.852  1.00 50.23 ? 329 HOH A O   1 
HETATM 992  O  O   . HOH E 5 .   ? -14.354 -8.345  0.374   1.00 48.18 ? 330 HOH A O   1 
HETATM 993  O  O   . HOH E 5 .   ? -5.381  -6.047  -7.557  1.00 32.62 ? 331 HOH A O   1 
HETATM 994  O  O   . HOH E 5 .   ? 1.648   6.445   -14.153 1.00 17.87 ? 332 HOH A O   1 
HETATM 995  O  O   . HOH E 5 .   ? -0.857  11.853  -10.315 1.00 27.02 ? 333 HOH A O   1 
HETATM 996  O  O   . HOH E 5 .   ? 11.484  -11.018 -1.349  1.00 21.06 ? 334 HOH A O   1 
HETATM 997  O  O   . HOH E 5 .   ? 8.853   -5.617  11.124  1.00 16.51 ? 335 HOH A O   1 
HETATM 998  O  O   . HOH E 5 .   ? 0.029   2.335   16.190  1.00 27.44 ? 336 HOH A O   1 
HETATM 999  O  O   . HOH E 5 .   ? 2.903   8.413   8.797   1.00 35.94 ? 337 HOH A O   1 
HETATM 1000 O  O   . HOH E 5 .   ? 4.937   1.801   12.305  1.00 18.53 ? 338 HOH A O   1 
HETATM 1001 O  O   . HOH E 5 .   ? -1.045  -4.871  22.337  1.00 35.74 ? 339 HOH A O   1 
HETATM 1002 O  O   . HOH E 5 .   ? 14.396  -13.441 1.158   1.00 24.71 ? 340 HOH A O   1 
HETATM 1003 O  O   . HOH E 5 .   ? 8.064   0.380   11.313  1.00 20.58 ? 341 HOH A O   1 
HETATM 1004 O  O   . HOH E 5 .   ? 18.258  -14.697 5.369   1.00 42.85 ? 342 HOH A O   1 
HETATM 1005 O  O   . HOH E 5 .   ? -9.208  -1.667  9.216   1.00 33.63 ? 343 HOH A O   1 
HETATM 1006 O  O   . HOH E 5 .   ? 0.245   6.983   -16.592 1.00 22.40 ? 344 HOH A O   1 
HETATM 1007 O  O   . HOH E 5 .   ? -5.327  -9.944  12.706  1.00 37.33 ? 345 HOH A O   1 
HETATM 1008 O  O   . HOH E 5 .   ? 7.339   -13.130 9.973   1.00 40.00 ? 346 HOH A O   1 
HETATM 1009 O  O   . HOH E 5 .   ? 2.467   2.440   17.185  1.00 30.40 ? 347 HOH A O   1 
HETATM 1010 O  O   . HOH E 5 .   ? -9.556  -7.747  12.199  1.00 44.15 ? 348 HOH A O   1 
HETATM 1011 O  O   . HOH E 5 .   ? 2.552   18.737  -1.459  1.00 42.08 ? 349 HOH A O   1 
HETATM 1012 O  O   . HOH E 5 .   ? -2.549  3.726   17.804  1.00 47.08 ? 350 HOH A O   1 
HETATM 1013 O  O   . HOH E 5 .   ? -0.732  14.418  -15.851 1.00 48.54 ? 351 HOH A O   1 
HETATM 1014 O  O   . HOH E 5 .   ? -15.017 6.589   -5.821  1.00 38.21 ? 352 HOH A O   1 
HETATM 1015 O  O   . HOH E 5 .   ? 15.970  -25.577 4.320   1.00 48.24 ? 353 HOH A O   1 
HETATM 1016 O  O   . HOH E 5 .   ? 20.909  -17.859 8.757   1.00 34.40 ? 354 HOH A O   1 
HETATM 1017 O  O   . HOH E 5 .   ? 16.330  -21.124 1.377   1.00 27.74 ? 355 HOH A O   1 
HETATM 1018 O  O   . HOH E 5 .   ? 0.792   5.567   -21.565 1.00 52.85 ? 356 HOH A O   1 
HETATM 1019 O  O   . HOH E 5 .   ? -4.402  -1.837  19.305  1.00 62.44 ? 357 HOH A O   1 
HETATM 1020 O  O   . HOH E 5 .   ? -7.233  -11.269 -0.400  1.00 26.48 ? 358 HOH A O   1 
HETATM 1021 O  O   . HOH E 5 .   ? 1.318   17.316  -12.704 1.00 56.34 ? 359 HOH A O   1 
HETATM 1022 O  O   . HOH E 5 .   ? 12.556  -12.819 11.821  1.00 24.61 ? 360 HOH A O   1 
HETATM 1023 O  O   . HOH E 5 .   ? -2.063  10.753  5.791   1.00 43.15 ? 361 HOH A O   1 
HETATM 1024 O  O   . HOH E 5 .   ? -6.141  -3.185  14.489  1.00 42.39 ? 362 HOH A O   1 
HETATM 1025 O  O   . HOH E 5 .   ? -7.085  2.056   14.722  1.00 55.55 ? 363 HOH A O   1 
HETATM 1026 O  O   . HOH E 5 .   ? 7.339   9.577   0.612   1.00 37.78 ? 364 HOH A O   1 
HETATM 1027 O  O   . HOH E 5 .   ? -2.109  -3.900  -10.136 1.00 29.06 ? 365 HOH A O   1 
HETATM 1028 O  O   . HOH E 5 .   ? 13.529  -18.321 9.607   1.00 28.30 ? 366 HOH A O   1 
HETATM 1029 O  O   . HOH E 5 .   ? -4.123  -11.887 -2.296  1.00 22.58 ? 367 HOH A O   1 
HETATM 1030 O  O   . HOH E 5 .   ? -4.550  3.298   8.739   1.00 26.16 ? 368 HOH A O   1 
HETATM 1031 O  O   . HOH E 5 .   ? -4.775  16.868  -7.795  1.00 46.15 ? 369 HOH A O   1 
HETATM 1032 O  O   . HOH E 5 .   ? 20.195  -20.932 8.281   1.00 42.41 ? 370 HOH A O   1 
HETATM 1033 O  O   . HOH E 5 .   ? 12.487  -16.209 -1.671  1.00 37.84 ? 371 HOH A O   1 
HETATM 1034 O  O   . HOH E 5 .   ? 10.573  -23.433 9.984   1.00 47.15 ? 372 HOH A O   1 
HETATM 1035 O  O   . HOH E 5 .   ? 8.338   1.734   15.515  1.00 51.75 ? 373 HOH A O   1 
HETATM 1036 O  O   . HOH E 5 .   ? -7.265  7.084   -14.307 1.00 43.63 ? 374 HOH A O   1 
HETATM 1037 O  O   . HOH E 5 .   ? -10.759 -3.630  -9.871  1.00 50.46 ? 375 HOH A O   1 
HETATM 1038 O  O   . HOH E 5 .   ? 12.312  -0.197  19.265  1.00 52.18 ? 376 HOH A O   1 
HETATM 1039 O  O   . HOH E 5 .   ? 8.418   -9.313  18.409  1.00 43.55 ? 377 HOH A O   1 
HETATM 1040 O  O   . HOH E 5 .   ? 8.207   -16.649 8.065   1.00 46.83 ? 378 HOH A O   1 
HETATM 1041 O  O   . HOH E 5 .   ? -17.161 9.769   -13.367 1.00 58.84 ? 379 HOH A O   1 
HETATM 1042 O  O   . HOH E 5 .   ? -4.711  -11.076 17.275  1.00 45.70 ? 380 HOH A O   1 
HETATM 1043 O  O   . HOH E 5 .   ? 0.776   11.402  -22.151 1.00 55.09 ? 381 HOH A O   1 
HETATM 1044 O  O   . HOH E 5 .   ? -15.822 2.319   6.402   1.00 49.78 ? 382 HOH A O   1 
HETATM 1045 O  O   . HOH E 5 .   ? 6.598   -5.237  20.554  1.00 38.77 ? 383 HOH A O   1 
HETATM 1046 O  O   . HOH E 5 .   ? 8.207   -13.225 13.586  1.00 52.04 ? 384 HOH A O   1 
HETATM 1047 O  O   . HOH E 5 .   ? 1.471   17.358  0.896   1.00 52.77 ? 385 HOH A O   1 
HETATM 1048 O  O   . HOH E 5 .   ? 10.210  -18.967 7.977   1.00 49.01 ? 386 HOH A O   1 
HETATM 1049 O  O   . HOH E 5 .   ? 7.741   10.316  5.424   1.00 52.63 ? 387 HOH A O   1 
HETATM 1050 O  O   . HOH E 5 .   ? -13.997 -1.685  5.616   1.00 53.79 ? 388 HOH A O   1 
HETATM 1051 O  O   . HOH E 5 .   ? 0.800   10.445  8.635   1.00 54.78 ? 389 HOH A O   1 
HETATM 1052 O  O   . HOH E 5 .   ? 16.372  -14.981 -0.700  1.00 51.38 ? 390 HOH A O   1 
HETATM 1053 O  O   . HOH E 5 .   ? 22.614  -20.538 3.930   1.00 61.82 ? 391 HOH A O   1 
HETATM 1054 O  O   . HOH E 5 .   ? 5.277   9.361   8.796   1.00 49.78 ? 392 HOH A O   1 
HETATM 1055 O  O   . HOH E 5 .   ? -1.639  18.221  -20.594 1.00 54.84 ? 393 HOH A O   1 
# 
loop_
_pdbx_poly_seq_scheme.asym_id 
_pdbx_poly_seq_scheme.entity_id 
_pdbx_poly_seq_scheme.seq_id 
_pdbx_poly_seq_scheme.mon_id 
_pdbx_poly_seq_scheme.ndb_seq_num 
_pdbx_poly_seq_scheme.pdb_seq_num 
_pdbx_poly_seq_scheme.auth_seq_num 
_pdbx_poly_seq_scheme.pdb_mon_id 
_pdbx_poly_seq_scheme.auth_mon_id 
_pdbx_poly_seq_scheme.pdb_strand_id 
_pdbx_poly_seq_scheme.pdb_ins_code 
_pdbx_poly_seq_scheme.hetero 
A 1 1   MET 1   1   ?   ?   ?   A . n 
A 1 2   ALA 2   2   ?   ?   ?   A . n 
A 1 3   SER 3   3   ?   ?   ?   A . n 
A 1 4   MET 4   4   ?   ?   ?   A . n 
A 1 5   THR 5   5   ?   ?   ?   A . n 
A 1 6   GLY 6   6   ?   ?   ?   A . n 
A 1 7   GLY 7   7   ?   ?   ?   A . n 
A 1 8   GLN 8   8   ?   ?   ?   A . n 
A 1 9   GLN 9   9   ?   ?   ?   A . n 
A 1 10  MET 10  10  ?   ?   ?   A . n 
A 1 11  GLY 11  11  ?   ?   ?   A . n 
A 1 12  ARG 12  12  12  ARG ARG A . n 
A 1 13  ASP 13  13  13  ASP ASP A . n 
A 1 14  GLU 14  14  14  GLU GLU A . n 
A 1 15  ALA 15  15  15  ALA ALA A . n 
A 1 16  GLY 16  16  16  GLY GLY A . n 
A 1 17  ILE 17  17  17  ILE ILE A . n 
A 1 18  THR 18  18  18  THR THR A . n 
A 1 19  GLY 19  19  19  GLY GLY A . n 
A 1 20  THR 20  20  20  THR THR A . n 
A 1 21  TRP 21  21  21  TRP TRP A . n 
A 1 22  TYR 22  22  22  TYR TYR A . n 
A 1 23  ASN 23  23  23  ASN ASN A . n 
A 1 24  GLN 24  24  24  GLN GLN A . n 
A 1 25  LEU 25  25  25  LEU LEU A . n 
A 1 26  GLY 26  26  26  GLY GLY A . n 
A 1 27  SER 27  27  27  SER SER A . n 
A 1 28  THR 28  28  28  THR THR A . n 
A 1 29  PHE 29  29  29  PHE PHE A . n 
A 1 30  ILE 30  30  30  ILE ILE A . n 
A 1 31  VAL 31  31  31  VAL VAL A . n 
A 1 32  THR 32  32  32  THR THR A . n 
A 1 33  ALA 33  33  33  ALA ALA A . n 
A 1 34  GLY 34  34  34  GLY GLY A . n 
A 1 35  ALA 35  35  35  ALA ALA A . n 
A 1 36  ASP 36  36  36  ASP ASP A . n 
A 1 37  GLY 37  37  37  GLY GLY A . n 
A 1 38  ALA 38  38  38  ALA ALA A . n 
A 1 39  LEU 39  39  39  LEU LEU A . n 
A 1 40  THR 40  40  40  THR THR A . n 
A 1 41  GLY 41  41  41  GLY GLY A . n 
A 1 42  THR 42  42  42  THR THR A . n 
A 1 43  TYR 43  43  43  TYR TYR A . n 
A 1 44  GLU 44  44  44  GLU GLU A . n 
A 1 45  SER 45  45  45  SER SER A . n 
A 1 46  ALA 46  46  46  ALA ALA A . n 
A 1 47  VAL 47  47  47  VAL VAL A . n 
A 1 48  GLY 48  48  48  GLY GLY A . n 
A 1 49  ASN 49  49  49  ASN ASN A . n 
A 1 50  ALA 50  50  50  ALA ALA A . n 
A 1 51  GLU 51  51  51  GLU GLU A . n 
A 1 52  SER 52  52  52  SER SER A . n 
A 1 53  ARG 53  53  53  ARG ARG A . n 
A 1 54  TYR 54  54  54  TYR TYR A . n 
A 1 55  VAL 55  55  55  VAL VAL A . n 
A 1 56  LEU 56  56  56  LEU LEU A . n 
A 1 57  THR 57  57  57  THR THR A . n 
A 1 58  GLY 58  58  58  GLY GLY A . n 
A 1 59  ARG 59  59  59  ARG ARG A . n 
A 1 60  TYR 60  60  60  TYR TYR A . n 
A 1 61  ASP 61  61  61  ASP ASP A . n 
A 1 62  SER 62  62  62  SER SER A . n 
A 1 63  ALA 63  63  63  ALA ALA A . n 
A 1 64  PRO 64  64  64  PRO PRO A . n 
A 1 65  ALA 65  65  65  ALA ALA A . n 
A 1 66  THR 66  66  66  THR THR A . n 
A 1 67  ASP 67  67  67  ASP ASP A . n 
A 1 68  GLY 68  68  68  GLY GLY A . n 
A 1 69  SER 69  69  69  SER SER A . n 
A 1 70  GLY 70  70  70  GLY GLY A . n 
A 1 71  THR 71  71  71  THR THR A . n 
A 1 72  ALA 72  72  72  ALA ALA A . n 
A 1 73  LEU 73  73  73  LEU LEU A . n 
A 1 74  GLY 74  74  74  GLY GLY A . n 
A 1 75  TRP 75  75  75  TRP TRP A . n 
A 1 76  THR 76  76  76  THR THR A . n 
A 1 77  VAL 77  77  77  VAL VAL A . n 
A 1 78  ALA 78  78  78  ALA ALA A . n 
A 1 79  TRP 79  79  79  TRP TRP A . n 
A 1 80  LYS 80  80  80  LYS LYS A . n 
A 1 81  ASN 81  81  81  ASN ASN A . n 
A 1 82  ASN 82  82  82  ASN ASN A . n 
A 1 83  TYR 83  83  83  TYR TYR A . n 
A 1 84  ARG 84  84  84  ARG ARG A . n 
A 1 85  ASN 85  85  85  ASN ASN A . n 
A 1 86  ALA 86  86  86  ALA ALA A . n 
A 1 87  HIS 87  87  87  HIS HIS A . n 
A 1 88  SER 88  88  88  SER SER A . n 
A 1 89  ALA 89  89  89  ALA ALA A . n 
A 1 90  THR 90  90  90  THR THR A . n 
A 1 91  THR 91  91  91  THR THR A . n 
A 1 92  TRP 92  92  92  TRP TRP A . n 
A 1 93  SER 93  93  93  SER SER A . n 
A 1 94  GLY 94  94  94  GLY GLY A . n 
A 1 95  GLN 95  95  95  GLN GLN A . n 
A 1 96  TYR 96  96  96  TYR TYR A . n 
A 1 97  VAL 97  97  97  VAL VAL A . n 
A 1 98  GLY 98  98  98  GLY GLY A . n 
A 1 99  GLY 99  99  99  GLY GLY A . n 
A 1 100 ALA 100 100 100 ALA ALA A . n 
A 1 101 GLU 101 101 101 GLU GLU A . n 
A 1 102 ALA 102 102 102 ALA ALA A . n 
A 1 103 ARG 103 103 103 ARG ARG A . n 
A 1 104 ILE 104 104 104 ILE ILE A . n 
A 1 105 ASN 105 105 105 ASN ASN A . n 
A 1 106 THR 106 106 106 THR THR A . n 
A 1 107 GLN 107 107 107 GLN GLN A . n 
A 1 108 TRP 108 108 108 TRP TRP A . n 
A 1 109 LEU 109 109 109 LEU LEU A . n 
A 1 110 LEU 110 110 110 LEU LEU A . n 
A 1 111 THR 111 111 111 THR THR A . n 
A 1 112 SER 112 112 112 SER SER A . n 
A 1 113 GLY 113 113 113 GLY GLY A . n 
A 1 114 THR 114 114 114 THR THR A . n 
A 1 115 THR 115 115 115 THR THR A . n 
A 1 116 GLU 116 116 116 GLU GLU A . n 
A 1 117 ALA 117 117 117 ALA ALA A . n 
A 1 118 ASN 118 118 118 ASN ASN A . n 
A 1 119 ALA 119 119 119 ALA ALA A . n 
A 1 120 TRP 120 120 120 TRP TRP A . n 
A 1 121 LYS 121 121 121 LYS LYS A . n 
A 1 122 SER 122 122 122 SER SER A . n 
A 1 123 THR 123 123 123 THR THR A . n 
A 1 124 LEU 124 124 124 LEU LEU A . n 
A 1 125 VAL 125 125 125 VAL VAL A . n 
A 1 126 GLY 126 126 126 GLY GLY A . n 
A 1 127 HIS 127 127 127 HIS HIS A . n 
A 1 128 ASP 128 128 128 ASP ASP A . n 
A 1 129 THR 129 129 129 THR THR A . n 
A 1 130 PHE 130 130 130 PHE PHE A . n 
A 1 131 THR 131 131 131 THR THR A . n 
A 1 132 LYS 132 132 132 LYS LYS A . n 
A 1 133 VAL 133 133 133 VAL VAL A . n 
A 1 134 LYS 134 134 ?   ?   ?   A . n 
A 1 135 PRO 135 135 ?   ?   ?   A . n 
A 1 136 SER 136 136 ?   ?   ?   A . n 
A 1 137 ALA 137 137 ?   ?   ?   A . n 
A 1 138 ALA 138 138 ?   ?   ?   A . n 
A 1 139 SER 139 139 ?   ?   ?   A . n 
A 1 140 ILE 140 140 ?   ?   ?   A . n 
A 1 141 ASP 141 141 ?   ?   ?   A . n 
A 1 142 ALA 142 142 ?   ?   ?   A . n 
A 1 143 ALA 143 143 ?   ?   ?   A . n 
A 1 144 LYS 144 144 ?   ?   ?   A . n 
A 1 145 LYS 145 145 ?   ?   ?   A . n 
A 1 146 ALA 146 146 ?   ?   ?   A . n 
A 1 147 GLY 147 147 ?   ?   ?   A . n 
A 1 148 VAL 148 148 ?   ?   ?   A . n 
A 1 149 ASN 149 149 ?   ?   ?   A . n 
A 1 150 ASN 150 150 ?   ?   ?   A . n 
A 1 151 GLY 151 151 ?   ?   ?   A . n 
A 1 152 ASN 152 152 ?   ?   ?   A . n 
A 1 153 PRO 153 153 ?   ?   ?   A . n 
A 1 154 LEU 154 154 ?   ?   ?   A . n 
A 1 155 ASP 155 155 ?   ?   ?   A . n 
A 1 156 ALA 156 156 ?   ?   ?   A . n 
A 1 157 VAL 157 157 ?   ?   ?   A . n 
A 1 158 GLN 158 158 ?   ?   ?   A . n 
A 1 159 GLN 159 159 ?   ?   ?   A . n 
# 
loop_
_pdbx_nonpoly_scheme.asym_id 
_pdbx_nonpoly_scheme.entity_id 
_pdbx_nonpoly_scheme.mon_id 
_pdbx_nonpoly_scheme.ndb_seq_num 
_pdbx_nonpoly_scheme.pdb_seq_num 
_pdbx_nonpoly_scheme.auth_seq_num 
_pdbx_nonpoly_scheme.pdb_mon_id 
_pdbx_nonpoly_scheme.auth_mon_id 
_pdbx_nonpoly_scheme.pdb_strand_id 
_pdbx_nonpoly_scheme.pdb_ins_code 
B 2 S32 1  201 1   S32 S32 A . 
C 3 CU  1  202 1   CU  CU  A . 
D 4 GOL 1  203 2   GOL GOL A . 
E 5 HOH 1  301 48  HOH HOH A . 
E 5 HOH 2  302 24  HOH HOH A . 
E 5 HOH 3  303 123 HOH HOH A . 
E 5 HOH 4  304 105 HOH HOH A . 
E 5 HOH 5  305 56  HOH HOH A . 
E 5 HOH 6  306 35  HOH HOH A . 
E 5 HOH 7  307 1   HOH HOH A . 
E 5 HOH 8  308 89  HOH HOH A . 
E 5 HOH 9  309 142 HOH HOH A . 
E 5 HOH 10 310 8   HOH HOH A . 
E 5 HOH 11 311 23  HOH HOH A . 
E 5 HOH 12 312 47  HOH HOH A . 
E 5 HOH 13 313 26  HOH HOH A . 
E 5 HOH 14 314 4   HOH HOH A . 
E 5 HOH 15 315 29  HOH HOH A . 
E 5 HOH 16 316 80  HOH HOH A . 
E 5 HOH 17 317 18  HOH HOH A . 
E 5 HOH 18 318 44  HOH HOH A . 
E 5 HOH 19 319 71  HOH HOH A . 
E 5 HOH 20 320 7   HOH HOH A . 
E 5 HOH 21 321 12  HOH HOH A . 
E 5 HOH 22 322 128 HOH HOH A . 
E 5 HOH 23 323 11  HOH HOH A . 
E 5 HOH 24 324 2   HOH HOH A . 
E 5 HOH 25 325 15  HOH HOH A . 
E 5 HOH 26 326 17  HOH HOH A . 
E 5 HOH 27 327 110 HOH HOH A . 
E 5 HOH 28 328 46  HOH HOH A . 
E 5 HOH 29 329 106 HOH HOH A . 
E 5 HOH 30 330 75  HOH HOH A . 
E 5 HOH 31 331 25  HOH HOH A . 
E 5 HOH 32 332 3   HOH HOH A . 
E 5 HOH 33 333 14  HOH HOH A . 
E 5 HOH 34 334 10  HOH HOH A . 
E 5 HOH 35 335 138 HOH HOH A . 
E 5 HOH 36 336 22  HOH HOH A . 
E 5 HOH 37 337 67  HOH HOH A . 
E 5 HOH 38 338 5   HOH HOH A . 
E 5 HOH 39 339 57  HOH HOH A . 
E 5 HOH 40 340 33  HOH HOH A . 
E 5 HOH 41 341 21  HOH HOH A . 
E 5 HOH 42 342 19  HOH HOH A . 
E 5 HOH 43 343 31  HOH HOH A . 
E 5 HOH 44 344 140 HOH HOH A . 
E 5 HOH 45 345 27  HOH HOH A . 
E 5 HOH 46 346 59  HOH HOH A . 
E 5 HOH 47 347 144 HOH HOH A . 
E 5 HOH 48 348 76  HOH HOH A . 
E 5 HOH 49 349 37  HOH HOH A . 
E 5 HOH 50 350 143 HOH HOH A . 
E 5 HOH 51 351 63  HOH HOH A . 
E 5 HOH 52 352 69  HOH HOH A . 
E 5 HOH 53 353 73  HOH HOH A . 
E 5 HOH 54 354 34  HOH HOH A . 
E 5 HOH 55 355 6   HOH HOH A . 
E 5 HOH 56 356 62  HOH HOH A . 
E 5 HOH 57 357 70  HOH HOH A . 
E 5 HOH 58 358 13  HOH HOH A . 
E 5 HOH 59 359 115 HOH HOH A . 
E 5 HOH 60 360 139 HOH HOH A . 
E 5 HOH 61 361 50  HOH HOH A . 
E 5 HOH 62 362 60  HOH HOH A . 
E 5 HOH 63 363 66  HOH HOH A . 
E 5 HOH 64 364 30  HOH HOH A . 
E 5 HOH 65 365 36  HOH HOH A . 
E 5 HOH 66 366 20  HOH HOH A . 
E 5 HOH 67 367 16  HOH HOH A . 
E 5 HOH 68 368 9   HOH HOH A . 
E 5 HOH 69 369 38  HOH HOH A . 
E 5 HOH 70 370 88  HOH HOH A . 
E 5 HOH 71 371 42  HOH HOH A . 
E 5 HOH 72 372 135 HOH HOH A . 
E 5 HOH 73 373 141 HOH HOH A . 
E 5 HOH 74 374 65  HOH HOH A . 
E 5 HOH 75 375 43  HOH HOH A . 
E 5 HOH 76 376 32  HOH HOH A . 
E 5 HOH 77 377 54  HOH HOH A . 
E 5 HOH 78 378 49  HOH HOH A . 
E 5 HOH 79 379 72  HOH HOH A . 
E 5 HOH 80 380 136 HOH HOH A . 
E 5 HOH 81 381 53  HOH HOH A . 
E 5 HOH 82 382 79  HOH HOH A . 
E 5 HOH 83 383 137 HOH HOH A . 
E 5 HOH 84 384 92  HOH HOH A . 
E 5 HOH 85 385 96  HOH HOH A . 
E 5 HOH 86 386 134 HOH HOH A . 
E 5 HOH 87 387 101 HOH HOH A . 
E 5 HOH 88 388 51  HOH HOH A . 
E 5 HOH 89 389 83  HOH HOH A . 
E 5 HOH 90 390 124 HOH HOH A . 
E 5 HOH 91 391 107 HOH HOH A . 
E 5 HOH 92 392 58  HOH HOH A . 
E 5 HOH 93 393 122 HOH HOH A . 
# 
_pdbx_struct_assembly.id                   1 
_pdbx_struct_assembly.details              author_and_software_defined_assembly 
_pdbx_struct_assembly.method_details       PISA 
_pdbx_struct_assembly.oligomeric_details   tetrameric 
_pdbx_struct_assembly.oligomeric_count     4 
# 
_pdbx_struct_assembly_gen.assembly_id       1 
_pdbx_struct_assembly_gen.oper_expression   1,2,3,4 
_pdbx_struct_assembly_gen.asym_id_list      A,B,C,D,E 
# 
loop_
_pdbx_struct_assembly_prop.biol_id 
_pdbx_struct_assembly_prop.type 
_pdbx_struct_assembly_prop.value 
_pdbx_struct_assembly_prop.details 
1 'ABSA (A^2)' 11100 ? 
1 MORE         -79   ? 
1 'SSA (A^2)'  18310 ? 
# 
loop_
_pdbx_struct_oper_list.id 
_pdbx_struct_oper_list.type 
_pdbx_struct_oper_list.name 
_pdbx_struct_oper_list.symmetry_operation 
_pdbx_struct_oper_list.matrix[1][1] 
_pdbx_struct_oper_list.matrix[1][2] 
_pdbx_struct_oper_list.matrix[1][3] 
_pdbx_struct_oper_list.vector[1] 
_pdbx_struct_oper_list.matrix[2][1] 
_pdbx_struct_oper_list.matrix[2][2] 
_pdbx_struct_oper_list.matrix[2][3] 
_pdbx_struct_oper_list.vector[2] 
_pdbx_struct_oper_list.matrix[3][1] 
_pdbx_struct_oper_list.matrix[3][2] 
_pdbx_struct_oper_list.matrix[3][3] 
_pdbx_struct_oper_list.vector[3] 
1 'identity operation'         1_555  x,y,z        1.0000000000  0.0000000000  0.0000000000  0.0000000000  0.0000000000  1.0000000000  0.0000000000  0.0000000000   0.0000000000  0.0000000000  1.0000000000  0.0000000000   
2 'crystal symmetry operation' 8_665  -y+1,-x+1,-z 0.9317700065  -0.3622004147 -0.0248095673 -4.3565695469 -0.3622004147 -0.9320886338 0.0046517109  -22.1592232522 -0.0248095673 0.0046517109  -0.9996813727 -15.7121051726 
3 'crystal symmetry operation' 10_665 -x+1,-y+1,z  -0.9894257537 0.0652690093  -0.1295246473 9.8898897644  0.0652690093  -0.5971302856 -0.7994844454 -26.5562438436 -0.1295246473 -0.7994844454 0.5865560393  -12.5746074533 
4 'crystal symmetry operation' 15_555 y,x,-z       -0.9423442527 0.2969314054  0.1543342146  14.7891862056 0.2969314054  0.5292189194  0.7948327345  -1.0470658225  0.1543342146  0.7948327345  -0.5868746666 -3.5104001864 
# 
_pdbx_struct_special_symmetry.id              1 
_pdbx_struct_special_symmetry.PDB_model_num   1 
_pdbx_struct_special_symmetry.auth_asym_id    A 
_pdbx_struct_special_symmetry.auth_comp_id    HOH 
_pdbx_struct_special_symmetry.auth_seq_id     320 
_pdbx_struct_special_symmetry.PDB_ins_code    ? 
_pdbx_struct_special_symmetry.label_asym_id   E 
_pdbx_struct_special_symmetry.label_comp_id   HOH 
_pdbx_struct_special_symmetry.label_seq_id    . 
# 
loop_
_pdbx_audit_revision_history.ordinal 
_pdbx_audit_revision_history.data_content_type 
_pdbx_audit_revision_history.major_revision 
_pdbx_audit_revision_history.minor_revision 
_pdbx_audit_revision_history.revision_date 
1 'Structure model' 1 0 2018-04-18 
2 'Structure model' 1 1 2018-04-25 
3 'Structure model' 1 2 2018-05-09 
4 'Structure model' 1 3 2023-10-04 
# 
_pdbx_audit_revision_details.ordinal             1 
_pdbx_audit_revision_details.revision_ordinal    1 
_pdbx_audit_revision_details.data_content_type   'Structure model' 
_pdbx_audit_revision_details.provider            repository 
_pdbx_audit_revision_details.type                'Initial release' 
_pdbx_audit_revision_details.description         ? 
_pdbx_audit_revision_details.details             ? 
# 
loop_
_pdbx_audit_revision_group.ordinal 
_pdbx_audit_revision_group.revision_ordinal 
_pdbx_audit_revision_group.data_content_type 
_pdbx_audit_revision_group.group 
1 2 'Structure model' 'Data collection'        
2 2 'Structure model' 'Database references'    
3 3 'Structure model' 'Data collection'        
4 3 'Structure model' 'Database references'    
5 4 'Structure model' 'Data collection'        
6 4 'Structure model' 'Database references'    
7 4 'Structure model' 'Refinement description' 
# 
loop_
_pdbx_audit_revision_category.ordinal 
_pdbx_audit_revision_category.revision_ordinal 
_pdbx_audit_revision_category.data_content_type 
_pdbx_audit_revision_category.category 
1 2 'Structure model' citation                      
2 3 'Structure model' citation                      
3 4 'Structure model' chem_comp_atom                
4 4 'Structure model' chem_comp_bond                
5 4 'Structure model' database_2                    
6 4 'Structure model' pdbx_initial_refinement_model 
# 
loop_
_pdbx_audit_revision_item.ordinal 
_pdbx_audit_revision_item.revision_ordinal 
_pdbx_audit_revision_item.data_content_type 
_pdbx_audit_revision_item.item 
1 2 'Structure model' '_citation.journal_abbrev'            
2 2 'Structure model' '_citation.pdbx_database_id_DOI'      
3 2 'Structure model' '_citation.pdbx_database_id_PubMed'   
4 2 'Structure model' '_citation.title'                     
5 3 'Structure model' '_citation.journal_volume'            
6 3 'Structure model' '_citation.page_first'                
7 3 'Structure model' '_citation.page_last'                 
8 4 'Structure model' '_database_2.pdbx_DOI'                
9 4 'Structure model' '_database_2.pdbx_database_accession' 
# 
loop_
_software.citation_id 
_software.classification 
_software.compiler_name 
_software.compiler_version 
_software.contact_author 
_software.contact_author_email 
_software.date 
_software.description 
_software.dependencies 
_software.hardware 
_software.language 
_software.location 
_software.mods 
_software.name 
_software.os 
_software.os_version 
_software.type 
_software.version 
_software.pdbx_ordinal 
? refinement       ? ? ? ? ? ? ? ? ? ? ? REFMAC  ? ? ? 5.8.0135 1 
? 'data reduction' ? ? ? ? ? ? ? ? ? ? ? iMOSFLM ? ? ? .        2 
? 'data scaling'   ? ? ? ? ? ? ? ? ? ? ? Aimless ? ? ? .        3 
? phasing          ? ? ? ? ? ? ? ? ? ? ? PHASER  ? ? ? .        4 
# 
_pdbx_validate_close_contact.id               1 
_pdbx_validate_close_contact.PDB_model_num    1 
_pdbx_validate_close_contact.auth_atom_id_1   O2 
_pdbx_validate_close_contact.auth_asym_id_1   A 
_pdbx_validate_close_contact.auth_comp_id_1   GOL 
_pdbx_validate_close_contact.auth_seq_id_1    203 
_pdbx_validate_close_contact.PDB_ins_code_1   ? 
_pdbx_validate_close_contact.label_alt_id_1   ? 
_pdbx_validate_close_contact.auth_atom_id_2   O 
_pdbx_validate_close_contact.auth_asym_id_2   A 
_pdbx_validate_close_contact.auth_comp_id_2   HOH 
_pdbx_validate_close_contact.auth_seq_id_2    301 
_pdbx_validate_close_contact.PDB_ins_code_2   ? 
_pdbx_validate_close_contact.label_alt_id_2   ? 
_pdbx_validate_close_contact.dist             1.94 
# 
loop_
_pdbx_validate_symm_contact.id 
_pdbx_validate_symm_contact.PDB_model_num 
_pdbx_validate_symm_contact.auth_atom_id_1 
_pdbx_validate_symm_contact.auth_asym_id_1 
_pdbx_validate_symm_contact.auth_comp_id_1 
_pdbx_validate_symm_contact.auth_seq_id_1 
_pdbx_validate_symm_contact.PDB_ins_code_1 
_pdbx_validate_symm_contact.label_alt_id_1 
_pdbx_validate_symm_contact.site_symmetry_1 
_pdbx_validate_symm_contact.auth_atom_id_2 
_pdbx_validate_symm_contact.auth_asym_id_2 
_pdbx_validate_symm_contact.auth_comp_id_2 
_pdbx_validate_symm_contact.auth_seq_id_2 
_pdbx_validate_symm_contact.PDB_ins_code_2 
_pdbx_validate_symm_contact.label_alt_id_2 
_pdbx_validate_symm_contact.site_symmetry_2 
_pdbx_validate_symm_contact.dist 
1 1 O A HOH 380 ? ? 1_555 O A HOH 380 ? ? 5_554 1.40 
2 1 O A HOH 383 ? ? 1_555 O A HOH 383 ? ? 5_554 2.03 
# 
_pdbx_validate_rmsd_bond.id                        1 
_pdbx_validate_rmsd_bond.PDB_model_num             1 
_pdbx_validate_rmsd_bond.auth_atom_id_1            CB 
_pdbx_validate_rmsd_bond.auth_asym_id_1            A 
_pdbx_validate_rmsd_bond.auth_comp_id_1            ASP 
_pdbx_validate_rmsd_bond.auth_seq_id_1             36 
_pdbx_validate_rmsd_bond.PDB_ins_code_1            ? 
_pdbx_validate_rmsd_bond.label_alt_id_1            ? 
_pdbx_validate_rmsd_bond.auth_atom_id_2            CG 
_pdbx_validate_rmsd_bond.auth_asym_id_2            A 
_pdbx_validate_rmsd_bond.auth_comp_id_2            ASP 
_pdbx_validate_rmsd_bond.auth_seq_id_2             36 
_pdbx_validate_rmsd_bond.PDB_ins_code_2            ? 
_pdbx_validate_rmsd_bond.label_alt_id_2            ? 
_pdbx_validate_rmsd_bond.bond_value                1.647 
_pdbx_validate_rmsd_bond.bond_target_value         1.513 
_pdbx_validate_rmsd_bond.bond_deviation            0.134 
_pdbx_validate_rmsd_bond.bond_standard_deviation   0.021 
_pdbx_validate_rmsd_bond.linker_flag               N 
# 
_pdbx_validate_torsion.id              1 
_pdbx_validate_torsion.PDB_model_num   1 
_pdbx_validate_torsion.auth_comp_id    SER 
_pdbx_validate_torsion.auth_asym_id    A 
_pdbx_validate_torsion.auth_seq_id     52 
_pdbx_validate_torsion.PDB_ins_code    ? 
_pdbx_validate_torsion.label_alt_id    ? 
_pdbx_validate_torsion.phi             69.67 
_pdbx_validate_torsion.psi             -153.86 
# 
loop_
_pdbx_unobs_or_zero_occ_residues.id 
_pdbx_unobs_or_zero_occ_residues.PDB_model_num 
_pdbx_unobs_or_zero_occ_residues.polymer_flag 
_pdbx_unobs_or_zero_occ_residues.occupancy_flag 
_pdbx_unobs_or_zero_occ_residues.auth_asym_id 
_pdbx_unobs_or_zero_occ_residues.auth_comp_id 
_pdbx_unobs_or_zero_occ_residues.auth_seq_id 
_pdbx_unobs_or_zero_occ_residues.PDB_ins_code 
_pdbx_unobs_or_zero_occ_residues.label_asym_id 
_pdbx_unobs_or_zero_occ_residues.label_comp_id 
_pdbx_unobs_or_zero_occ_residues.label_seq_id 
1  1 Y 1 A MET 1   ? A MET 1   
2  1 Y 1 A ALA 2   ? A ALA 2   
3  1 Y 1 A SER 3   ? A SER 3   
4  1 Y 1 A MET 4   ? A MET 4   
5  1 Y 1 A THR 5   ? A THR 5   
6  1 Y 1 A GLY 6   ? A GLY 6   
7  1 Y 1 A GLY 7   ? A GLY 7   
8  1 Y 1 A GLN 8   ? A GLN 8   
9  1 Y 1 A GLN 9   ? A GLN 9   
10 1 Y 1 A MET 10  ? A MET 10  
11 1 Y 1 A GLY 11  ? A GLY 11  
12 1 Y 1 A LYS 134 ? A LYS 134 
13 1 Y 1 A PRO 135 ? A PRO 135 
14 1 Y 1 A SER 136 ? A SER 136 
15 1 Y 1 A ALA 137 ? A ALA 137 
16 1 Y 1 A ALA 138 ? A ALA 138 
17 1 Y 1 A SER 139 ? A SER 139 
18 1 Y 1 A ILE 140 ? A ILE 140 
19 1 Y 1 A ASP 141 ? A ASP 141 
20 1 Y 1 A ALA 142 ? A ALA 142 
21 1 Y 1 A ALA 143 ? A ALA 143 
22 1 Y 1 A LYS 144 ? A LYS 144 
23 1 Y 1 A LYS 145 ? A LYS 145 
24 1 Y 1 A ALA 146 ? A ALA 146 
25 1 Y 1 A GLY 147 ? A GLY 147 
26 1 Y 1 A VAL 148 ? A VAL 148 
27 1 Y 1 A ASN 149 ? A ASN 149 
28 1 Y 1 A ASN 150 ? A ASN 150 
29 1 Y 1 A GLY 151 ? A GLY 151 
30 1 Y 1 A ASN 152 ? A ASN 152 
31 1 Y 1 A PRO 153 ? A PRO 153 
32 1 Y 1 A LEU 154 ? A LEU 154 
33 1 Y 1 A ASP 155 ? A ASP 155 
34 1 Y 1 A ALA 156 ? A ALA 156 
35 1 Y 1 A VAL 157 ? A VAL 157 
36 1 Y 1 A GLN 158 ? A GLN 158 
37 1 Y 1 A GLN 159 ? A GLN 159 
# 
loop_
_chem_comp_atom.comp_id 
_chem_comp_atom.atom_id 
_chem_comp_atom.type_symbol 
_chem_comp_atom.pdbx_aromatic_flag 
_chem_comp_atom.pdbx_stereo_config 
_chem_comp_atom.pdbx_ordinal 
ALA N    N  N N 1   
ALA CA   C  N S 2   
ALA C    C  N N 3   
ALA O    O  N N 4   
ALA CB   C  N N 5   
ALA OXT  O  N N 6   
ALA H    H  N N 7   
ALA H2   H  N N 8   
ALA HA   H  N N 9   
ALA HB1  H  N N 10  
ALA HB2  H  N N 11  
ALA HB3  H  N N 12  
ALA HXT  H  N N 13  
ARG N    N  N N 14  
ARG CA   C  N S 15  
ARG C    C  N N 16  
ARG O    O  N N 17  
ARG CB   C  N N 18  
ARG CG   C  N N 19  
ARG CD   C  N N 20  
ARG NE   N  N N 21  
ARG CZ   C  N N 22  
ARG NH1  N  N N 23  
ARG NH2  N  N N 24  
ARG OXT  O  N N 25  
ARG H    H  N N 26  
ARG H2   H  N N 27  
ARG HA   H  N N 28  
ARG HB2  H  N N 29  
ARG HB3  H  N N 30  
ARG HG2  H  N N 31  
ARG HG3  H  N N 32  
ARG HD2  H  N N 33  
ARG HD3  H  N N 34  
ARG HE   H  N N 35  
ARG HH11 H  N N 36  
ARG HH12 H  N N 37  
ARG HH21 H  N N 38  
ARG HH22 H  N N 39  
ARG HXT  H  N N 40  
ASN N    N  N N 41  
ASN CA   C  N S 42  
ASN C    C  N N 43  
ASN O    O  N N 44  
ASN CB   C  N N 45  
ASN CG   C  N N 46  
ASN OD1  O  N N 47  
ASN ND2  N  N N 48  
ASN OXT  O  N N 49  
ASN H    H  N N 50  
ASN H2   H  N N 51  
ASN HA   H  N N 52  
ASN HB2  H  N N 53  
ASN HB3  H  N N 54  
ASN HD21 H  N N 55  
ASN HD22 H  N N 56  
ASN HXT  H  N N 57  
ASP N    N  N N 58  
ASP CA   C  N S 59  
ASP C    C  N N 60  
ASP O    O  N N 61  
ASP CB   C  N N 62  
ASP CG   C  N N 63  
ASP OD1  O  N N 64  
ASP OD2  O  N N 65  
ASP OXT  O  N N 66  
ASP H    H  N N 67  
ASP H2   H  N N 68  
ASP HA   H  N N 69  
ASP HB2  H  N N 70  
ASP HB3  H  N N 71  
ASP HD2  H  N N 72  
ASP HXT  H  N N 73  
CU  CU   CU N N 74  
GLN N    N  N N 75  
GLN CA   C  N S 76  
GLN C    C  N N 77  
GLN O    O  N N 78  
GLN CB   C  N N 79  
GLN CG   C  N N 80  
GLN CD   C  N N 81  
GLN OE1  O  N N 82  
GLN NE2  N  N N 83  
GLN OXT  O  N N 84  
GLN H    H  N N 85  
GLN H2   H  N N 86  
GLN HA   H  N N 87  
GLN HB2  H  N N 88  
GLN HB3  H  N N 89  
GLN HG2  H  N N 90  
GLN HG3  H  N N 91  
GLN HE21 H  N N 92  
GLN HE22 H  N N 93  
GLN HXT  H  N N 94  
GLU N    N  N N 95  
GLU CA   C  N S 96  
GLU C    C  N N 97  
GLU O    O  N N 98  
GLU CB   C  N N 99  
GLU CG   C  N N 100 
GLU CD   C  N N 101 
GLU OE1  O  N N 102 
GLU OE2  O  N N 103 
GLU OXT  O  N N 104 
GLU H    H  N N 105 
GLU H2   H  N N 106 
GLU HA   H  N N 107 
GLU HB2  H  N N 108 
GLU HB3  H  N N 109 
GLU HG2  H  N N 110 
GLU HG3  H  N N 111 
GLU HE2  H  N N 112 
GLU HXT  H  N N 113 
GLY N    N  N N 114 
GLY CA   C  N N 115 
GLY C    C  N N 116 
GLY O    O  N N 117 
GLY OXT  O  N N 118 
GLY H    H  N N 119 
GLY H2   H  N N 120 
GLY HA2  H  N N 121 
GLY HA3  H  N N 122 
GLY HXT  H  N N 123 
GOL C1   C  N N 124 
GOL O1   O  N N 125 
GOL C2   C  N N 126 
GOL O2   O  N N 127 
GOL C3   C  N N 128 
GOL O3   O  N N 129 
GOL H11  H  N N 130 
GOL H12  H  N N 131 
GOL HO1  H  N N 132 
GOL H2   H  N N 133 
GOL HO2  H  N N 134 
GOL H31  H  N N 135 
GOL H32  H  N N 136 
GOL HO3  H  N N 137 
HIS N    N  N N 138 
HIS CA   C  N S 139 
HIS C    C  N N 140 
HIS O    O  N N 141 
HIS CB   C  N N 142 
HIS CG   C  Y N 143 
HIS ND1  N  Y N 144 
HIS CD2  C  Y N 145 
HIS CE1  C  Y N 146 
HIS NE2  N  Y N 147 
HIS OXT  O  N N 148 
HIS H    H  N N 149 
HIS H2   H  N N 150 
HIS HA   H  N N 151 
HIS HB2  H  N N 152 
HIS HB3  H  N N 153 
HIS HD1  H  N N 154 
HIS HD2  H  N N 155 
HIS HE1  H  N N 156 
HIS HE2  H  N N 157 
HIS HXT  H  N N 158 
HOH O    O  N N 159 
HOH H1   H  N N 160 
HOH H2   H  N N 161 
ILE N    N  N N 162 
ILE CA   C  N S 163 
ILE C    C  N N 164 
ILE O    O  N N 165 
ILE CB   C  N S 166 
ILE CG1  C  N N 167 
ILE CG2  C  N N 168 
ILE CD1  C  N N 169 
ILE OXT  O  N N 170 
ILE H    H  N N 171 
ILE H2   H  N N 172 
ILE HA   H  N N 173 
ILE HB   H  N N 174 
ILE HG12 H  N N 175 
ILE HG13 H  N N 176 
ILE HG21 H  N N 177 
ILE HG22 H  N N 178 
ILE HG23 H  N N 179 
ILE HD11 H  N N 180 
ILE HD12 H  N N 181 
ILE HD13 H  N N 182 
ILE HXT  H  N N 183 
LEU N    N  N N 184 
LEU CA   C  N S 185 
LEU C    C  N N 186 
LEU O    O  N N 187 
LEU CB   C  N N 188 
LEU CG   C  N N 189 
LEU CD1  C  N N 190 
LEU CD2  C  N N 191 
LEU OXT  O  N N 192 
LEU H    H  N N 193 
LEU H2   H  N N 194 
LEU HA   H  N N 195 
LEU HB2  H  N N 196 
LEU HB3  H  N N 197 
LEU HG   H  N N 198 
LEU HD11 H  N N 199 
LEU HD12 H  N N 200 
LEU HD13 H  N N 201 
LEU HD21 H  N N 202 
LEU HD22 H  N N 203 
LEU HD23 H  N N 204 
LEU HXT  H  N N 205 
LYS N    N  N N 206 
LYS CA   C  N S 207 
LYS C    C  N N 208 
LYS O    O  N N 209 
LYS CB   C  N N 210 
LYS CG   C  N N 211 
LYS CD   C  N N 212 
LYS CE   C  N N 213 
LYS NZ   N  N N 214 
LYS OXT  O  N N 215 
LYS H    H  N N 216 
LYS H2   H  N N 217 
LYS HA   H  N N 218 
LYS HB2  H  N N 219 
LYS HB3  H  N N 220 
LYS HG2  H  N N 221 
LYS HG3  H  N N 222 
LYS HD2  H  N N 223 
LYS HD3  H  N N 224 
LYS HE2  H  N N 225 
LYS HE3  H  N N 226 
LYS HZ1  H  N N 227 
LYS HZ2  H  N N 228 
LYS HZ3  H  N N 229 
LYS HXT  H  N N 230 
MET N    N  N N 231 
MET CA   C  N S 232 
MET C    C  N N 233 
MET O    O  N N 234 
MET CB   C  N N 235 
MET CG   C  N N 236 
MET SD   S  N N 237 
MET CE   C  N N 238 
MET OXT  O  N N 239 
MET H    H  N N 240 
MET H2   H  N N 241 
MET HA   H  N N 242 
MET HB2  H  N N 243 
MET HB3  H  N N 244 
MET HG2  H  N N 245 
MET HG3  H  N N 246 
MET HE1  H  N N 247 
MET HE2  H  N N 248 
MET HE3  H  N N 249 
MET HXT  H  N N 250 
PHE N    N  N N 251 
PHE CA   C  N S 252 
PHE C    C  N N 253 
PHE O    O  N N 254 
PHE CB   C  N N 255 
PHE CG   C  Y N 256 
PHE CD1  C  Y N 257 
PHE CD2  C  Y N 258 
PHE CE1  C  Y N 259 
PHE CE2  C  Y N 260 
PHE CZ   C  Y N 261 
PHE OXT  O  N N 262 
PHE H    H  N N 263 
PHE H2   H  N N 264 
PHE HA   H  N N 265 
PHE HB2  H  N N 266 
PHE HB3  H  N N 267 
PHE HD1  H  N N 268 
PHE HD2  H  N N 269 
PHE HE1  H  N N 270 
PHE HE2  H  N N 271 
PHE HZ   H  N N 272 
PHE HXT  H  N N 273 
PRO N    N  N N 274 
PRO CA   C  N S 275 
PRO C    C  N N 276 
PRO O    O  N N 277 
PRO CB   C  N N 278 
PRO CG   C  N N 279 
PRO CD   C  N N 280 
PRO OXT  O  N N 281 
PRO H    H  N N 282 
PRO HA   H  N N 283 
PRO HB2  H  N N 284 
PRO HB3  H  N N 285 
PRO HG2  H  N N 286 
PRO HG3  H  N N 287 
PRO HD2  H  N N 288 
PRO HD3  H  N N 289 
PRO HXT  H  N N 290 
S32 O1   O  N N 291 
S32 C1   C  N N 292 
S32 N2   N  N N 293 
S32 N1   N  N N 294 
S32 C2   C  N R 295 
S32 C4   C  N S 296 
S32 C3   C  N N 297 
S32 S1   S  N N 298 
S32 C5   C  N S 299 
S32 C6   C  N N 300 
S32 C7   C  N N 301 
S32 C8   C  N N 302 
S32 C9   C  N N 303 
S32 C10  C  N N 304 
S32 O2   O  N N 305 
S32 N3   N  N N 306 
S32 C11  C  N N 307 
S32 C27  C  N N 308 
S32 C12  C  N N 309 
S32 C13  C  N N 310 
S32 C14  C  N N 311 
S32 C15  C  Y N 312 
S32 C19  C  Y N 313 
S32 C18  C  Y N 314 
S32 C17  C  Y N 315 
S32 C16  C  Y N 316 
S32 N5   N  Y N 317 
S32 CU1  CU N N 318 
S32 N4   N  N N 319 
S32 C20  C  N N 320 
S32 C21  C  N N 321 
S32 C22  C  Y N 322 
S32 N6   N  Y N 323 
S32 C26  C  Y N 324 
S32 C25  C  Y N 325 
S32 C24  C  Y N 326 
S32 C23  C  Y N 327 
S32 O3   O  N N 328 
S32 H1   H  N N 329 
S32 H2   H  N N 330 
S32 H3   H  N N 331 
S32 H4   H  N N 332 
S32 H5   H  N N 333 
S32 H6   H  N N 334 
S32 H7   H  N N 335 
S32 H8   H  N N 336 
S32 H9   H  N N 337 
S32 H10  H  N N 338 
S32 H11  H  N N 339 
S32 H12  H  N N 340 
S32 H13  H  N N 341 
S32 H14  H  N N 342 
S32 H15  H  N N 343 
S32 H16  H  N N 344 
S32 H17  H  N N 345 
S32 H18  H  N N 346 
S32 H19  H  N N 347 
S32 H20  H  N N 348 
S32 H21  H  N N 349 
S32 H22  H  N N 350 
S32 H23  H  N N 351 
S32 H24  H  N N 352 
S32 H25  H  N N 353 
S32 H26  H  N N 354 
S32 H27  H  N N 355 
S32 H28  H  N N 356 
S32 H29  H  N N 357 
S32 H30  H  N N 358 
S32 H31  H  N N 359 
S32 H32  H  N N 360 
S32 H33  H  N N 361 
S32 H34  H  N N 362 
S32 H35  H  N N 363 
S32 H36  H  N N 364 
S32 H37  H  N N 365 
S32 H38  H  N N 366 
SER N    N  N N 367 
SER CA   C  N S 368 
SER C    C  N N 369 
SER O    O  N N 370 
SER CB   C  N N 371 
SER OG   O  N N 372 
SER OXT  O  N N 373 
SER H    H  N N 374 
SER H2   H  N N 375 
SER HA   H  N N 376 
SER HB2  H  N N 377 
SER HB3  H  N N 378 
SER HG   H  N N 379 
SER HXT  H  N N 380 
THR N    N  N N 381 
THR CA   C  N S 382 
THR C    C  N N 383 
THR O    O  N N 384 
THR CB   C  N R 385 
THR OG1  O  N N 386 
THR CG2  C  N N 387 
THR OXT  O  N N 388 
THR H    H  N N 389 
THR H2   H  N N 390 
THR HA   H  N N 391 
THR HB   H  N N 392 
THR HG1  H  N N 393 
THR HG21 H  N N 394 
THR HG22 H  N N 395 
THR HG23 H  N N 396 
THR HXT  H  N N 397 
TRP N    N  N N 398 
TRP CA   C  N S 399 
TRP C    C  N N 400 
TRP O    O  N N 401 
TRP CB   C  N N 402 
TRP CG   C  Y N 403 
TRP CD1  C  Y N 404 
TRP CD2  C  Y N 405 
TRP NE1  N  Y N 406 
TRP CE2  C  Y N 407 
TRP CE3  C  Y N 408 
TRP CZ2  C  Y N 409 
TRP CZ3  C  Y N 410 
TRP CH2  C  Y N 411 
TRP OXT  O  N N 412 
TRP H    H  N N 413 
TRP H2   H  N N 414 
TRP HA   H  N N 415 
TRP HB2  H  N N 416 
TRP HB3  H  N N 417 
TRP HD1  H  N N 418 
TRP HE1  H  N N 419 
TRP HE3  H  N N 420 
TRP HZ2  H  N N 421 
TRP HZ3  H  N N 422 
TRP HH2  H  N N 423 
TRP HXT  H  N N 424 
TYR N    N  N N 425 
TYR CA   C  N S 426 
TYR C    C  N N 427 
TYR O    O  N N 428 
TYR CB   C  N N 429 
TYR CG   C  Y N 430 
TYR CD1  C  Y N 431 
TYR CD2  C  Y N 432 
TYR CE1  C  Y N 433 
TYR CE2  C  Y N 434 
TYR CZ   C  Y N 435 
TYR OH   O  N N 436 
TYR OXT  O  N N 437 
TYR H    H  N N 438 
TYR H2   H  N N 439 
TYR HA   H  N N 440 
TYR HB2  H  N N 441 
TYR HB3  H  N N 442 
TYR HD1  H  N N 443 
TYR HD2  H  N N 444 
TYR HE1  H  N N 445 
TYR HE2  H  N N 446 
TYR HH   H  N N 447 
TYR HXT  H  N N 448 
VAL N    N  N N 449 
VAL CA   C  N S 450 
VAL C    C  N N 451 
VAL O    O  N N 452 
VAL CB   C  N N 453 
VAL CG1  C  N N 454 
VAL CG2  C  N N 455 
VAL OXT  O  N N 456 
VAL H    H  N N 457 
VAL H2   H  N N 458 
VAL HA   H  N N 459 
VAL HB   H  N N 460 
VAL HG11 H  N N 461 
VAL HG12 H  N N 462 
VAL HG13 H  N N 463 
VAL HG21 H  N N 464 
VAL HG22 H  N N 465 
VAL HG23 H  N N 466 
VAL HXT  H  N N 467 
# 
loop_
_chem_comp_bond.comp_id 
_chem_comp_bond.atom_id_1 
_chem_comp_bond.atom_id_2 
_chem_comp_bond.value_order 
_chem_comp_bond.pdbx_aromatic_flag 
_chem_comp_bond.pdbx_stereo_config 
_chem_comp_bond.pdbx_ordinal 
ALA N   CA   sing N N 1   
ALA N   H    sing N N 2   
ALA N   H2   sing N N 3   
ALA CA  C    sing N N 4   
ALA CA  CB   sing N N 5   
ALA CA  HA   sing N N 6   
ALA C   O    doub N N 7   
ALA C   OXT  sing N N 8   
ALA CB  HB1  sing N N 9   
ALA CB  HB2  sing N N 10  
ALA CB  HB3  sing N N 11  
ALA OXT HXT  sing N N 12  
ARG N   CA   sing N N 13  
ARG N   H    sing N N 14  
ARG N   H2   sing N N 15  
ARG CA  C    sing N N 16  
ARG CA  CB   sing N N 17  
ARG CA  HA   sing N N 18  
ARG C   O    doub N N 19  
ARG C   OXT  sing N N 20  
ARG CB  CG   sing N N 21  
ARG CB  HB2  sing N N 22  
ARG CB  HB3  sing N N 23  
ARG CG  CD   sing N N 24  
ARG CG  HG2  sing N N 25  
ARG CG  HG3  sing N N 26  
ARG CD  NE   sing N N 27  
ARG CD  HD2  sing N N 28  
ARG CD  HD3  sing N N 29  
ARG NE  CZ   sing N N 30  
ARG NE  HE   sing N N 31  
ARG CZ  NH1  sing N N 32  
ARG CZ  NH2  doub N N 33  
ARG NH1 HH11 sing N N 34  
ARG NH1 HH12 sing N N 35  
ARG NH2 HH21 sing N N 36  
ARG NH2 HH22 sing N N 37  
ARG OXT HXT  sing N N 38  
ASN N   CA   sing N N 39  
ASN N   H    sing N N 40  
ASN N   H2   sing N N 41  
ASN CA  C    sing N N 42  
ASN CA  CB   sing N N 43  
ASN CA  HA   sing N N 44  
ASN C   O    doub N N 45  
ASN C   OXT  sing N N 46  
ASN CB  CG   sing N N 47  
ASN CB  HB2  sing N N 48  
ASN CB  HB3  sing N N 49  
ASN CG  OD1  doub N N 50  
ASN CG  ND2  sing N N 51  
ASN ND2 HD21 sing N N 52  
ASN ND2 HD22 sing N N 53  
ASN OXT HXT  sing N N 54  
ASP N   CA   sing N N 55  
ASP N   H    sing N N 56  
ASP N   H2   sing N N 57  
ASP CA  C    sing N N 58  
ASP CA  CB   sing N N 59  
ASP CA  HA   sing N N 60  
ASP C   O    doub N N 61  
ASP C   OXT  sing N N 62  
ASP CB  CG   sing N N 63  
ASP CB  HB2  sing N N 64  
ASP CB  HB3  sing N N 65  
ASP CG  OD1  doub N N 66  
ASP CG  OD2  sing N N 67  
ASP OD2 HD2  sing N N 68  
ASP OXT HXT  sing N N 69  
GLN N   CA   sing N N 70  
GLN N   H    sing N N 71  
GLN N   H2   sing N N 72  
GLN CA  C    sing N N 73  
GLN CA  CB   sing N N 74  
GLN CA  HA   sing N N 75  
GLN C   O    doub N N 76  
GLN C   OXT  sing N N 77  
GLN CB  CG   sing N N 78  
GLN CB  HB2  sing N N 79  
GLN CB  HB3  sing N N 80  
GLN CG  CD   sing N N 81  
GLN CG  HG2  sing N N 82  
GLN CG  HG3  sing N N 83  
GLN CD  OE1  doub N N 84  
GLN CD  NE2  sing N N 85  
GLN NE2 HE21 sing N N 86  
GLN NE2 HE22 sing N N 87  
GLN OXT HXT  sing N N 88  
GLU N   CA   sing N N 89  
GLU N   H    sing N N 90  
GLU N   H2   sing N N 91  
GLU CA  C    sing N N 92  
GLU CA  CB   sing N N 93  
GLU CA  HA   sing N N 94  
GLU C   O    doub N N 95  
GLU C   OXT  sing N N 96  
GLU CB  CG   sing N N 97  
GLU CB  HB2  sing N N 98  
GLU CB  HB3  sing N N 99  
GLU CG  CD   sing N N 100 
GLU CG  HG2  sing N N 101 
GLU CG  HG3  sing N N 102 
GLU CD  OE1  doub N N 103 
GLU CD  OE2  sing N N 104 
GLU OE2 HE2  sing N N 105 
GLU OXT HXT  sing N N 106 
GLY N   CA   sing N N 107 
GLY N   H    sing N N 108 
GLY N   H2   sing N N 109 
GLY CA  C    sing N N 110 
GLY CA  HA2  sing N N 111 
GLY CA  HA3  sing N N 112 
GLY C   O    doub N N 113 
GLY C   OXT  sing N N 114 
GLY OXT HXT  sing N N 115 
GOL C1  O1   sing N N 116 
GOL C1  C2   sing N N 117 
GOL C1  H11  sing N N 118 
GOL C1  H12  sing N N 119 
GOL O1  HO1  sing N N 120 
GOL C2  O2   sing N N 121 
GOL C2  C3   sing N N 122 
GOL C2  H2   sing N N 123 
GOL O2  HO2  sing N N 124 
GOL C3  O3   sing N N 125 
GOL C3  H31  sing N N 126 
GOL C3  H32  sing N N 127 
GOL O3  HO3  sing N N 128 
HIS N   CA   sing N N 129 
HIS N   H    sing N N 130 
HIS N   H2   sing N N 131 
HIS CA  C    sing N N 132 
HIS CA  CB   sing N N 133 
HIS CA  HA   sing N N 134 
HIS C   O    doub N N 135 
HIS C   OXT  sing N N 136 
HIS CB  CG   sing N N 137 
HIS CB  HB2  sing N N 138 
HIS CB  HB3  sing N N 139 
HIS CG  ND1  sing Y N 140 
HIS CG  CD2  doub Y N 141 
HIS ND1 CE1  doub Y N 142 
HIS ND1 HD1  sing N N 143 
HIS CD2 NE2  sing Y N 144 
HIS CD2 HD2  sing N N 145 
HIS CE1 NE2  sing Y N 146 
HIS CE1 HE1  sing N N 147 
HIS NE2 HE2  sing N N 148 
HIS OXT HXT  sing N N 149 
HOH O   H1   sing N N 150 
HOH O   H2   sing N N 151 
ILE N   CA   sing N N 152 
ILE N   H    sing N N 153 
ILE N   H2   sing N N 154 
ILE CA  C    sing N N 155 
ILE CA  CB   sing N N 156 
ILE CA  HA   sing N N 157 
ILE C   O    doub N N 158 
ILE C   OXT  sing N N 159 
ILE CB  CG1  sing N N 160 
ILE CB  CG2  sing N N 161 
ILE CB  HB   sing N N 162 
ILE CG1 CD1  sing N N 163 
ILE CG1 HG12 sing N N 164 
ILE CG1 HG13 sing N N 165 
ILE CG2 HG21 sing N N 166 
ILE CG2 HG22 sing N N 167 
ILE CG2 HG23 sing N N 168 
ILE CD1 HD11 sing N N 169 
ILE CD1 HD12 sing N N 170 
ILE CD1 HD13 sing N N 171 
ILE OXT HXT  sing N N 172 
LEU N   CA   sing N N 173 
LEU N   H    sing N N 174 
LEU N   H2   sing N N 175 
LEU CA  C    sing N N 176 
LEU CA  CB   sing N N 177 
LEU CA  HA   sing N N 178 
LEU C   O    doub N N 179 
LEU C   OXT  sing N N 180 
LEU CB  CG   sing N N 181 
LEU CB  HB2  sing N N 182 
LEU CB  HB3  sing N N 183 
LEU CG  CD1  sing N N 184 
LEU CG  CD2  sing N N 185 
LEU CG  HG   sing N N 186 
LEU CD1 HD11 sing N N 187 
LEU CD1 HD12 sing N N 188 
LEU CD1 HD13 sing N N 189 
LEU CD2 HD21 sing N N 190 
LEU CD2 HD22 sing N N 191 
LEU CD2 HD23 sing N N 192 
LEU OXT HXT  sing N N 193 
LYS N   CA   sing N N 194 
LYS N   H    sing N N 195 
LYS N   H2   sing N N 196 
LYS CA  C    sing N N 197 
LYS CA  CB   sing N N 198 
LYS CA  HA   sing N N 199 
LYS C   O    doub N N 200 
LYS C   OXT  sing N N 201 
LYS CB  CG   sing N N 202 
LYS CB  HB2  sing N N 203 
LYS CB  HB3  sing N N 204 
LYS CG  CD   sing N N 205 
LYS CG  HG2  sing N N 206 
LYS CG  HG3  sing N N 207 
LYS CD  CE   sing N N 208 
LYS CD  HD2  sing N N 209 
LYS CD  HD3  sing N N 210 
LYS CE  NZ   sing N N 211 
LYS CE  HE2  sing N N 212 
LYS CE  HE3  sing N N 213 
LYS NZ  HZ1  sing N N 214 
LYS NZ  HZ2  sing N N 215 
LYS NZ  HZ3  sing N N 216 
LYS OXT HXT  sing N N 217 
MET N   CA   sing N N 218 
MET N   H    sing N N 219 
MET N   H2   sing N N 220 
MET CA  C    sing N N 221 
MET CA  CB   sing N N 222 
MET CA  HA   sing N N 223 
MET C   O    doub N N 224 
MET C   OXT  sing N N 225 
MET CB  CG   sing N N 226 
MET CB  HB2  sing N N 227 
MET CB  HB3  sing N N 228 
MET CG  SD   sing N N 229 
MET CG  HG2  sing N N 230 
MET CG  HG3  sing N N 231 
MET SD  CE   sing N N 232 
MET CE  HE1  sing N N 233 
MET CE  HE2  sing N N 234 
MET CE  HE3  sing N N 235 
MET OXT HXT  sing N N 236 
PHE N   CA   sing N N 237 
PHE N   H    sing N N 238 
PHE N   H2   sing N N 239 
PHE CA  C    sing N N 240 
PHE CA  CB   sing N N 241 
PHE CA  HA   sing N N 242 
PHE C   O    doub N N 243 
PHE C   OXT  sing N N 244 
PHE CB  CG   sing N N 245 
PHE CB  HB2  sing N N 246 
PHE CB  HB3  sing N N 247 
PHE CG  CD1  doub Y N 248 
PHE CG  CD2  sing Y N 249 
PHE CD1 CE1  sing Y N 250 
PHE CD1 HD1  sing N N 251 
PHE CD2 CE2  doub Y N 252 
PHE CD2 HD2  sing N N 253 
PHE CE1 CZ   doub Y N 254 
PHE CE1 HE1  sing N N 255 
PHE CE2 CZ   sing Y N 256 
PHE CE2 HE2  sing N N 257 
PHE CZ  HZ   sing N N 258 
PHE OXT HXT  sing N N 259 
PRO N   CA   sing N N 260 
PRO N   CD   sing N N 261 
PRO N   H    sing N N 262 
PRO CA  C    sing N N 263 
PRO CA  CB   sing N N 264 
PRO CA  HA   sing N N 265 
PRO C   O    doub N N 266 
PRO C   OXT  sing N N 267 
PRO CB  CG   sing N N 268 
PRO CB  HB2  sing N N 269 
PRO CB  HB3  sing N N 270 
PRO CG  CD   sing N N 271 
PRO CG  HG2  sing N N 272 
PRO CG  HG3  sing N N 273 
PRO CD  HD2  sing N N 274 
PRO CD  HD3  sing N N 275 
PRO OXT HXT  sing N N 276 
S32 C24 C25  doub Y N 277 
S32 C24 C23  sing Y N 278 
S32 C25 C26  sing Y N 279 
S32 C23 N6   doub Y N 280 
S32 C26 C22  doub Y N 281 
S32 N6  C22  sing Y N 282 
S32 N6  CU1  sing N N 283 
S32 C22 C21  sing N N 284 
S32 O3  CU1  sing N N 285 
S32 CU1 N5   sing N N 286 
S32 CU1 N4   sing N N 287 
S32 C16 C17  doub Y N 288 
S32 C16 N5   sing Y N 289 
S32 C21 C20  sing N N 290 
S32 C17 C18  sing Y N 291 
S32 N5  C15  doub Y N 292 
S32 C12 N4   sing N N 293 
S32 C12 C27  sing N N 294 
S32 C20 N4   sing N N 295 
S32 N4  C13  sing N N 296 
S32 C11 C27  sing N N 297 
S32 C11 N3   sing N N 298 
S32 C18 C19  doub Y N 299 
S32 O2  C10  doub N N 300 
S32 C15 C19  sing Y N 301 
S32 C15 C14  sing N N 302 
S32 C10 N3   sing N N 303 
S32 C10 C9   sing N N 304 
S32 C13 C14  sing N N 305 
S32 C9  C8   sing N N 306 
S32 C8  C7   sing N N 307 
S32 C7  C6   sing N N 308 
S32 C6  C5   sing N N 309 
S32 C5  C4   sing N N 310 
S32 C5  S1   sing N N 311 
S32 N2  C4   sing N N 312 
S32 N2  C1   sing N N 313 
S32 C4  C2   sing N N 314 
S32 S1  C3   sing N N 315 
S32 C1  O1   doub N N 316 
S32 C1  N1   sing N N 317 
S32 C2  C3   sing N N 318 
S32 C2  N1   sing N N 319 
S32 N2  H1   sing N N 320 
S32 N1  H2   sing N N 321 
S32 C2  H3   sing N N 322 
S32 C4  H4   sing N N 323 
S32 C3  H5   sing N N 324 
S32 C3  H6   sing N N 325 
S32 C5  H7   sing N N 326 
S32 C6  H8   sing N N 327 
S32 C6  H9   sing N N 328 
S32 C7  H10  sing N N 329 
S32 C7  H11  sing N N 330 
S32 C8  H12  sing N N 331 
S32 C8  H13  sing N N 332 
S32 C9  H14  sing N N 333 
S32 C9  H15  sing N N 334 
S32 N3  H16  sing N N 335 
S32 C11 H17  sing N N 336 
S32 C11 H18  sing N N 337 
S32 C27 H19  sing N N 338 
S32 C27 H20  sing N N 339 
S32 C12 H21  sing N N 340 
S32 C12 H22  sing N N 341 
S32 C13 H23  sing N N 342 
S32 C13 H24  sing N N 343 
S32 C14 H25  sing N N 344 
S32 C14 H26  sing N N 345 
S32 C19 H27  sing N N 346 
S32 C18 H28  sing N N 347 
S32 C17 H29  sing N N 348 
S32 C16 H30  sing N N 349 
S32 C20 H31  sing N N 350 
S32 C20 H32  sing N N 351 
S32 C21 H33  sing N N 352 
S32 C21 H34  sing N N 353 
S32 C26 H35  sing N N 354 
S32 C25 H36  sing N N 355 
S32 C24 H37  sing N N 356 
S32 C23 H38  sing N N 357 
SER N   CA   sing N N 358 
SER N   H    sing N N 359 
SER N   H2   sing N N 360 
SER CA  C    sing N N 361 
SER CA  CB   sing N N 362 
SER CA  HA   sing N N 363 
SER C   O    doub N N 364 
SER C   OXT  sing N N 365 
SER CB  OG   sing N N 366 
SER CB  HB2  sing N N 367 
SER CB  HB3  sing N N 368 
SER OG  HG   sing N N 369 
SER OXT HXT  sing N N 370 
THR N   CA   sing N N 371 
THR N   H    sing N N 372 
THR N   H2   sing N N 373 
THR CA  C    sing N N 374 
THR CA  CB   sing N N 375 
THR CA  HA   sing N N 376 
THR C   O    doub N N 377 
THR C   OXT  sing N N 378 
THR CB  OG1  sing N N 379 
THR CB  CG2  sing N N 380 
THR CB  HB   sing N N 381 
THR OG1 HG1  sing N N 382 
THR CG2 HG21 sing N N 383 
THR CG2 HG22 sing N N 384 
THR CG2 HG23 sing N N 385 
THR OXT HXT  sing N N 386 
TRP N   CA   sing N N 387 
TRP N   H    sing N N 388 
TRP N   H2   sing N N 389 
TRP CA  C    sing N N 390 
TRP CA  CB   sing N N 391 
TRP CA  HA   sing N N 392 
TRP C   O    doub N N 393 
TRP C   OXT  sing N N 394 
TRP CB  CG   sing N N 395 
TRP CB  HB2  sing N N 396 
TRP CB  HB3  sing N N 397 
TRP CG  CD1  doub Y N 398 
TRP CG  CD2  sing Y N 399 
TRP CD1 NE1  sing Y N 400 
TRP CD1 HD1  sing N N 401 
TRP CD2 CE2  doub Y N 402 
TRP CD2 CE3  sing Y N 403 
TRP NE1 CE2  sing Y N 404 
TRP NE1 HE1  sing N N 405 
TRP CE2 CZ2  sing Y N 406 
TRP CE3 CZ3  doub Y N 407 
TRP CE3 HE3  sing N N 408 
TRP CZ2 CH2  doub Y N 409 
TRP CZ2 HZ2  sing N N 410 
TRP CZ3 CH2  sing Y N 411 
TRP CZ3 HZ3  sing N N 412 
TRP CH2 HH2  sing N N 413 
TRP OXT HXT  sing N N 414 
TYR N   CA   sing N N 415 
TYR N   H    sing N N 416 
TYR N   H2   sing N N 417 
TYR CA  C    sing N N 418 
TYR CA  CB   sing N N 419 
TYR CA  HA   sing N N 420 
TYR C   O    doub N N 421 
TYR C   OXT  sing N N 422 
TYR CB  CG   sing N N 423 
TYR CB  HB2  sing N N 424 
TYR CB  HB3  sing N N 425 
TYR CG  CD1  doub Y N 426 
TYR CG  CD2  sing Y N 427 
TYR CD1 CE1  sing Y N 428 
TYR CD1 HD1  sing N N 429 
TYR CD2 CE2  doub Y N 430 
TYR CD2 HD2  sing N N 431 
TYR CE1 CZ   doub Y N 432 
TYR CE1 HE1  sing N N 433 
TYR CE2 CZ   sing Y N 434 
TYR CE2 HE2  sing N N 435 
TYR CZ  OH   sing N N 436 
TYR OH  HH   sing N N 437 
TYR OXT HXT  sing N N 438 
VAL N   CA   sing N N 439 
VAL N   H    sing N N 440 
VAL N   H2   sing N N 441 
VAL CA  C    sing N N 442 
VAL CA  CB   sing N N 443 
VAL CA  HA   sing N N 444 
VAL C   O    doub N N 445 
VAL C   OXT  sing N N 446 
VAL CB  CG1  sing N N 447 
VAL CB  CG2  sing N N 448 
VAL CB  HB   sing N N 449 
VAL CG1 HG11 sing N N 450 
VAL CG1 HG12 sing N N 451 
VAL CG1 HG13 sing N N 452 
VAL CG2 HG21 sing N N 453 
VAL CG2 HG22 sing N N 454 
VAL CG2 HG23 sing N N 455 
VAL OXT HXT  sing N N 456 
# 
loop_
_pdbx_entity_nonpoly.entity_id 
_pdbx_entity_nonpoly.name 
_pdbx_entity_nonpoly.comp_id 
2 
;[N-(3-{bis[2-(pyridin-2-yl-kappaN)ethyl]amino-kappaN}propyl)-5-(2-oxohexahydro-1H-thieno[3,4-d]imidazol-4-yl)pentanamide](hydroxy)copper
;
S32 
3 'COPPER (II) ION' CU  
4 GLYCEROL GOL 
5 water HOH 
# 
_pdbx_initial_refinement_model.id               1 
_pdbx_initial_refinement_model.entity_id_list   ? 
_pdbx_initial_refinement_model.type             'experimental model' 
_pdbx_initial_refinement_model.source_name      PDB 
_pdbx_initial_refinement_model.accession_code   1STP 
_pdbx_initial_refinement_model.details          'PDB entry 1STP' 
# 
_pdbx_struct_assembly_auth_evidence.id                     1 
_pdbx_struct_assembly_auth_evidence.assembly_id            1 
_pdbx_struct_assembly_auth_evidence.experimental_support   none 
_pdbx_struct_assembly_auth_evidence.details                ? 
# 
